data_1L9J
#
_entry.id   1L9J
#
_cell.length_a   77.930
_cell.length_b   80.312
_cell.length_c   246.575
_cell.angle_alpha   90.00
_cell.angle_beta   92.41
_cell.angle_gamma   90.00
#
_symmetry.space_group_name_H-M   'P 1 21 1'
#
loop_
_entity.id
_entity.type
_entity.pdbx_description
1 polymer 'REACTION CENTER PROTEIN L CHAIN'
2 polymer 'REACTION CENTER PROTEIN M CHAIN'
3 polymer 'REACTION CENTER PROTEIN H CHAIN'
4 polymer 'cytochrome c-2'
5 non-polymer 'BACTERIOCHLOROPHYLL A'
6 non-polymer 'BACTERIOPHEOPHYTIN A'
7 non-polymer 'FE (II) ION'
8 non-polymer 'CHLORIDE ION'
9 non-polymer UBIQUINONE-10
10 non-polymer 'LAURYL DIMETHYLAMINE-N-OXIDE'
11 non-polymer 'PROTOPORPHYRIN IX CONTAINING FE'
12 water water
#
loop_
_entity_poly.entity_id
_entity_poly.type
_entity_poly.pdbx_seq_one_letter_code
_entity_poly.pdbx_strand_id
1 'polypeptide(L)'
;ALLSFERKYRVPGGTLVGGNLFDFWVGPFYVGFFGVATFFFAALGIILIAWSAVLQGTWNPQLISVYPPALEYGLGGAPL
AKGGLWQIITICATGAFVSWALREVEICRKLGIGYHIPFAFAFAILAYLTLVLFRPVMMGAWGYAFPYGIWTHLDWVSNT
GYTYGNFHYNPAHMIAISFFFTNALALALHGALVLSAANPEKGKEMRTPDHEDTFFRDLVGYSIGTLGIHRLGLLLSLSA
VFFSALCMIITGTIWFDQWVDWWQWWVKLPWWANIPGGING
;
L,R
2 'polypeptide(L)'
;AEYQNIFSQVQVRGPADLGMTEDVNLANRSGVGPFSTLLGWFGNAQLGPIYLGSLGVLSLFSGLMWFFTIGIWFWYQAGW
NPAVFLRDLFFFSLEPPAPEYGLSFAAPLKEGGLWLIASFFMFVAVWSWWGRTYLRAQALGMGKHTAWAFLSAIWLWMVL
GFIRPILMGSWSEAVPYGIFSHLDWTNNFSLVHGNLFYNPFHGLSIAFLYGSALLFAMHGATILAVSRFGGERELEQIAD
RGTAAERAALFWRWTMGFNATMEGIHRWAIWMAVLVTLTGGIGILLSGTVVDNWYVWGQNHGMAPLN
;
M,S
3 'polypeptide(L)'
;MVGVTAFGNFDLASLAIYSFWIFLAGLIYYLQTENMREGYPLENEDGTPAANQGPFPLPKPKTFILPHGRGTLTVPGPES
EDRPIALARTAVSEGFPHAPTGDPMKDGVGPASWVARRDLPELDGHGHNKIKPMKAAAGFHVSAGKNPIGLPVRGCDLEI
AGKVVDIWVDIPEQMARFLEVELKDGSTRLLPMQMVKVQSNRVHVNALSSDLFAGIPTIKSPTEVTLLEEDKICGYVAGG
LMYAAPKRKSVVAAMLAEYA
;
H,T
4 'polypeptide(L)'
;QEGDPEAGAKAFNQCQTCHVIVDDSGTTIAGRNAKTGPNLYGVVGRTAGTQADFKGYGEGMKEAGAKGLAWDEEHFVQYV
QDPTKFLKEYTGDAKAKGKMTFKLKKEADAHNIWAYLQQVAVRP
;
C,D
#
loop_
_chem_comp.id
_chem_comp.type
_chem_comp.name
_chem_comp.formula
BCL non-polymer 'BACTERIOCHLOROPHYLL A' 'C55 H74 Mg N4 O6'
BPH non-polymer 'BACTERIOPHEOPHYTIN A' 'C55 H76 N4 O6'
CL non-polymer 'CHLORIDE ION' 'Cl -1'
FE2 non-polymer 'FE (II) ION' 'Fe 2'
HEM non-polymer 'PROTOPORPHYRIN IX CONTAINING FE' 'C34 H32 Fe N4 O4'
LDA non-polymer 'LAURYL DIMETHYLAMINE-N-OXIDE' 'C14 H31 N O'
U10 non-polymer UBIQUINONE-10 'C59 H90 O4'
#
# COMPACT_ATOMS: atom_id res chain seq x y z
N ALA A 1 -65.15 45.54 49.36
CA ALA A 1 -63.81 44.93 49.58
C ALA A 1 -63.57 43.85 48.53
N LEU A 2 -64.17 44.02 47.36
CA LEU A 2 -64.00 43.05 46.28
C LEU A 2 -63.50 43.74 45.03
N LEU A 3 -62.92 42.97 44.11
CA LEU A 3 -62.43 43.53 42.87
C LEU A 3 -63.64 43.75 41.98
N SER A 4 -63.52 44.72 41.07
CA SER A 4 -64.61 45.05 40.15
C SER A 4 -64.92 43.94 39.15
N PHE A 5 -64.73 42.71 39.60
CA PHE A 5 -64.99 41.54 38.76
C PHE A 5 -64.84 40.28 39.61
N GLU A 6 -64.74 40.48 40.91
CA GLU A 6 -64.58 39.37 41.86
C GLU A 6 -65.92 38.65 42.00
N ARG A 7 -66.97 39.45 42.16
CA ARG A 7 -68.34 38.98 42.32
C ARG A 7 -68.66 37.60 41.73
N LYS A 8 -68.88 37.56 40.43
CA LYS A 8 -69.24 36.31 39.75
C LYS A 8 -68.42 35.07 40.10
N TYR A 9 -67.36 35.24 40.88
CA TYR A 9 -66.52 34.10 41.26
C TYR A 9 -66.80 33.59 42.67
N ARG A 10 -67.15 34.49 43.58
CA ARG A 10 -67.43 34.13 44.96
C ARG A 10 -68.71 33.29 45.15
N VAL A 11 -68.82 32.22 44.38
CA VAL A 11 -69.98 31.32 44.47
C VAL A 11 -69.70 30.30 45.57
N PRO A 12 -70.72 29.52 45.97
CA PRO A 12 -70.50 28.53 47.02
C PRO A 12 -69.92 27.20 46.48
N GLY A 13 -69.25 26.46 47.36
CA GLY A 13 -68.67 25.18 46.97
C GLY A 13 -67.16 25.18 46.76
N GLY A 14 -66.62 24.00 46.48
CA GLY A 14 -65.20 23.86 46.24
C GLY A 14 -64.43 23.26 47.41
N THR A 15 -65.04 23.30 48.59
CA THR A 15 -64.42 22.78 49.81
C THR A 15 -64.04 21.30 49.75
N LEU A 16 -63.34 20.85 50.80
CA LEU A 16 -62.88 19.45 50.91
C LEU A 16 -63.40 18.83 52.20
N VAL A 17 -63.68 19.67 53.18
CA VAL A 17 -64.18 19.21 54.48
C VAL A 17 -65.10 20.25 55.10
N GLY A 18 -66.11 19.78 55.82
CA GLY A 18 -67.04 20.70 56.48
C GLY A 18 -68.11 21.29 55.60
N GLY A 19 -67.94 21.17 54.28
CA GLY A 19 -68.91 21.72 53.37
C GLY A 19 -69.15 23.20 53.56
N ASN A 20 -70.36 23.65 53.24
CA ASN A 20 -70.75 25.05 53.36
C ASN A 20 -70.62 25.65 54.76
N LEU A 21 -70.08 24.88 55.69
CA LEU A 21 -69.95 25.36 57.06
C LEU A 21 -68.92 26.48 57.21
N PHE A 22 -67.74 26.28 56.65
CA PHE A 22 -66.67 27.27 56.73
C PHE A 22 -66.43 27.97 55.41
N ASP A 23 -67.31 27.70 54.44
CA ASP A 23 -67.19 28.28 53.11
C ASP A 23 -67.59 29.74 53.01
N PHE A 24 -66.70 30.62 53.46
CA PHE A 24 -66.95 32.04 53.40
C PHE A 24 -65.63 32.79 53.48
N TRP A 25 -65.71 34.12 53.51
CA TRP A 25 -64.51 34.95 53.55
C TRP A 25 -64.45 35.87 54.77
N VAL A 26 -63.25 36.39 55.04
CA VAL A 26 -63.03 37.34 56.13
C VAL A 26 -62.31 38.47 55.41
N GLY A 27 -63.07 39.33 54.76
CA GLY A 27 -62.47 40.42 54.02
C GLY A 27 -61.94 39.88 52.71
N PRO A 28 -60.64 40.08 52.43
CA PRO A 28 -60.05 39.59 51.18
C PRO A 28 -59.76 38.08 51.23
N PHE A 29 -59.35 37.61 52.41
CA PHE A 29 -58.99 36.21 52.60
C PHE A 29 -60.18 35.26 52.62
N TYR A 30 -59.95 34.04 52.16
CA TYR A 30 -60.96 33.00 52.16
C TYR A 30 -60.60 32.13 53.36
N VAL A 31 -61.60 31.62 54.07
CA VAL A 31 -61.35 30.81 55.25
C VAL A 31 -61.31 29.30 55.03
N GLY A 32 -62.44 28.70 54.67
CA GLY A 32 -62.47 27.27 54.46
C GLY A 32 -62.11 26.54 55.74
N PHE A 33 -62.32 25.22 55.76
CA PHE A 33 -62.01 24.43 56.95
C PHE A 33 -60.55 24.51 57.33
N PHE A 34 -59.68 24.64 56.33
CA PHE A 34 -58.26 24.70 56.57
C PHE A 34 -57.75 26.09 56.87
N GLY A 35 -58.64 27.07 56.80
CA GLY A 35 -58.25 28.44 57.11
C GLY A 35 -58.20 28.54 58.62
N VAL A 36 -59.20 27.98 59.28
CA VAL A 36 -59.26 28.00 60.73
C VAL A 36 -58.14 27.13 61.29
N ALA A 37 -57.81 26.07 60.56
CA ALA A 37 -56.75 25.14 60.97
C ALA A 37 -55.40 25.86 60.94
N THR A 38 -55.08 26.45 59.79
CA THR A 38 -53.84 27.18 59.64
C THR A 38 -53.69 28.21 60.74
N PHE A 39 -54.80 28.87 61.07
CA PHE A 39 -54.82 29.89 62.12
C PHE A 39 -54.54 29.23 63.47
N PHE A 40 -55.12 28.04 63.67
CA PHE A 40 -54.93 27.30 64.92
C PHE A 40 -53.44 27.04 65.11
N PHE A 41 -52.87 26.24 64.22
CA PHE A 41 -51.45 25.91 64.30
C PHE A 41 -50.64 27.19 64.38
N ALA A 42 -50.85 28.08 63.43
CA ALA A 42 -50.14 29.35 63.42
C ALA A 42 -50.03 29.89 64.83
N ALA A 43 -51.17 30.32 65.37
CA ALA A 43 -51.25 30.89 66.70
C ALA A 43 -50.59 30.04 67.80
N LEU A 44 -50.82 28.73 67.78
CA LEU A 44 -50.24 27.87 68.79
C LEU A 44 -48.72 28.01 68.77
N GLY A 45 -48.14 27.86 67.57
CA GLY A 45 -46.70 27.99 67.43
C GLY A 45 -46.23 29.37 67.85
N ILE A 46 -46.95 30.40 67.42
CA ILE A 46 -46.61 31.78 67.76
C ILE A 46 -46.47 31.89 69.27
N ILE A 47 -47.46 31.35 69.98
CA ILE A 47 -47.46 31.37 71.44
C ILE A 47 -46.24 30.63 71.99
N LEU A 48 -46.14 29.34 71.69
CA LEU A 48 -45.03 28.54 72.16
C LEU A 48 -43.68 29.22 71.95
N ILE A 49 -43.53 29.91 70.82
CA ILE A 49 -42.27 30.60 70.56
C ILE A 49 -42.09 31.73 71.57
N ALA A 50 -43.17 32.48 71.81
CA ALA A 50 -43.12 33.58 72.76
C ALA A 50 -42.84 33.06 74.17
N TRP A 51 -43.38 31.88 74.48
CA TRP A 51 -43.16 31.28 75.79
C TRP A 51 -41.65 31.07 75.92
N SER A 52 -41.04 30.51 74.86
CA SER A 52 -39.60 30.27 74.84
C SER A 52 -38.85 31.59 74.92
N ALA A 53 -39.50 32.66 74.48
CA ALA A 53 -38.89 33.97 74.52
C ALA A 53 -38.76 34.34 75.99
N VAL A 54 -39.82 34.11 76.75
CA VAL A 54 -39.84 34.43 78.18
C VAL A 54 -38.86 33.58 78.97
N LEU A 55 -38.94 32.26 78.78
CA LEU A 55 -38.06 31.32 79.45
C LEU A 55 -36.60 31.69 79.22
N GLN A 56 -36.32 32.15 78.00
CA GLN A 56 -34.97 32.54 77.62
C GLN A 56 -34.56 33.86 78.26
N GLY A 57 -35.51 34.77 78.38
CA GLY A 57 -35.23 36.05 79.00
C GLY A 57 -34.91 37.22 78.10
N THR A 58 -35.79 37.50 77.14
CA THR A 58 -35.60 38.60 76.19
C THR A 58 -36.73 38.62 75.17
N TRP A 59 -37.07 39.82 74.70
CA TRP A 59 -38.12 39.96 73.70
C TRP A 59 -37.54 40.51 72.40
N ASN A 60 -36.22 40.58 72.35
CA ASN A 60 -35.51 41.06 71.18
C ASN A 60 -35.58 39.96 70.11
N PRO A 61 -36.35 40.21 69.05
CA PRO A 61 -36.51 39.23 67.97
C PRO A 61 -35.22 38.85 67.23
N GLN A 62 -34.08 39.33 67.74
CA GLN A 62 -32.79 39.01 67.15
C GLN A 62 -31.94 38.17 68.10
N LEU A 63 -32.58 37.63 69.14
CA LEU A 63 -31.88 36.80 70.11
C LEU A 63 -32.73 35.58 70.42
N ILE A 64 -34.04 35.76 70.35
CA ILE A 64 -34.99 34.70 70.61
C ILE A 64 -34.68 33.52 69.69
N SER A 65 -34.21 32.43 70.29
CA SER A 65 -33.88 31.24 69.51
C SER A 65 -34.44 30.01 70.17
N VAL A 66 -35.08 29.15 69.40
CA VAL A 66 -35.65 27.93 69.95
C VAL A 66 -34.78 26.76 69.54
N TYR A 67 -33.91 26.32 70.46
CA TYR A 67 -33.01 25.21 70.17
C TYR A 67 -33.69 23.87 70.38
N PRO A 68 -33.39 22.89 69.50
CA PRO A 68 -33.97 21.55 69.59
C PRO A 68 -33.40 20.71 70.74
N PRO A 69 -33.92 19.49 70.93
CA PRO A 69 -33.49 18.57 71.98
C PRO A 69 -32.04 18.12 71.82
N ALA A 70 -31.20 18.45 72.81
CA ALA A 70 -29.79 18.07 72.78
C ALA A 70 -29.62 16.68 72.16
N LEU A 71 -28.52 16.50 71.44
CA LEU A 71 -28.23 15.24 70.78
C LEU A 71 -28.56 14.03 71.63
N GLU A 72 -27.97 13.98 72.83
CA GLU A 72 -28.20 12.88 73.74
C GLU A 72 -29.66 12.43 73.78
N TYR A 73 -30.58 13.39 73.82
CA TYR A 73 -32.00 13.10 73.86
C TYR A 73 -32.48 12.14 72.78
N GLY A 74 -31.67 11.96 71.75
CA GLY A 74 -32.03 11.05 70.66
C GLY A 74 -33.28 11.46 69.91
N LEU A 75 -34.26 10.56 69.90
CA LEU A 75 -35.51 10.80 69.20
C LEU A 75 -36.69 10.84 70.17
N GLY A 76 -36.39 10.63 71.45
CA GLY A 76 -37.43 10.66 72.46
C GLY A 76 -37.96 12.07 72.66
N GLY A 77 -38.50 12.34 73.84
CA GLY A 77 -39.01 13.66 74.12
C GLY A 77 -37.98 14.54 74.75
N ALA A 78 -38.42 15.54 75.51
CA ALA A 78 -37.53 16.46 76.19
C ALA A 78 -38.35 17.52 76.91
N PRO A 79 -37.77 18.13 77.96
CA PRO A 79 -38.45 19.17 78.73
C PRO A 79 -38.84 20.34 77.82
N LEU A 80 -39.98 20.94 78.07
CA LEU A 80 -40.42 22.06 77.25
C LEU A 80 -39.31 23.11 77.10
N ALA A 81 -38.59 23.35 78.19
CA ALA A 81 -37.53 24.35 78.18
C ALA A 81 -36.21 23.79 77.65
N LYS A 82 -36.21 22.52 77.31
CA LYS A 82 -35.01 21.87 76.80
C LYS A 82 -35.28 21.07 75.54
N GLY A 83 -35.79 21.76 74.51
CA GLY A 83 -36.07 21.09 73.25
C GLY A 83 -37.52 20.75 73.03
N GLY A 84 -38.23 20.42 74.11
CA GLY A 84 -39.63 20.08 73.99
C GLY A 84 -40.39 21.07 73.12
N LEU A 85 -40.31 22.34 73.46
CA LEU A 85 -41.00 23.38 72.70
C LEU A 85 -40.67 23.33 71.21
N TRP A 86 -39.37 23.33 70.89
CA TRP A 86 -38.93 23.27 69.51
C TRP A 86 -39.70 22.16 68.79
N GLN A 87 -39.85 21.03 69.44
CA GLN A 87 -40.56 19.88 68.88
C GLN A 87 -42.03 20.18 68.57
N ILE A 88 -42.76 20.66 69.58
CA ILE A 88 -44.17 20.96 69.38
C ILE A 88 -44.32 22.04 68.33
N ILE A 89 -43.49 23.09 68.43
CA ILE A 89 -43.55 24.16 67.46
C ILE A 89 -43.41 23.54 66.08
N THR A 90 -42.36 22.73 65.92
CA THR A 90 -42.08 22.04 64.68
C THR A 90 -43.28 21.20 64.26
N ILE A 91 -44.23 21.02 65.17
CA ILE A 91 -45.44 20.27 64.86
C ILE A 91 -46.44 21.26 64.29
N CYS A 92 -46.66 22.36 65.02
CA CYS A 92 -47.58 23.40 64.60
C CYS A 92 -47.19 23.93 63.22
N ALA A 93 -45.88 23.98 62.97
CA ALA A 93 -45.35 24.46 61.70
C ALA A 93 -45.74 23.50 60.60
N THR A 94 -45.35 22.24 60.75
CA THR A 94 -45.68 21.23 59.75
C THR A 94 -47.16 21.34 59.46
N GLY A 95 -47.96 21.32 60.52
CA GLY A 95 -49.40 21.42 60.40
C GLY A 95 -49.87 22.66 59.67
N ALA A 96 -49.48 23.82 60.18
CA ALA A 96 -49.88 25.10 59.57
C ALA A 96 -49.50 25.15 58.10
N PHE A 97 -48.36 24.55 57.76
CA PHE A 97 -47.92 24.50 56.39
C PHE A 97 -48.82 23.59 55.57
N VAL A 98 -48.99 22.36 56.02
CA VAL A 98 -49.85 21.42 55.30
C VAL A 98 -51.27 21.97 55.20
N SER A 99 -51.70 22.71 56.21
CA SER A 99 -53.04 23.31 56.20
C SER A 99 -53.07 24.39 55.12
N TRP A 100 -52.13 25.32 55.23
CA TRP A 100 -52.03 26.42 54.29
C TRP A 100 -52.09 25.91 52.86
N ALA A 101 -51.54 24.71 52.65
CA ALA A 101 -51.52 24.09 51.33
C ALA A 101 -52.89 23.54 50.94
N LEU A 102 -53.53 22.80 51.84
CA LEU A 102 -54.86 22.23 51.56
C LEU A 102 -55.88 23.34 51.34
N ARG A 103 -55.73 24.43 52.09
CA ARG A 103 -56.62 25.57 51.94
C ARG A 103 -56.51 26.04 50.49
N GLU A 104 -55.29 26.03 49.95
CA GLU A 104 -55.08 26.45 48.57
C GLU A 104 -55.88 25.55 47.66
N VAL A 105 -55.88 24.26 47.96
CA VAL A 105 -56.58 23.28 47.14
C VAL A 105 -58.06 23.62 47.03
N GLU A 106 -58.67 24.07 48.12
CA GLU A 106 -60.07 24.44 48.10
C GLU A 106 -60.30 25.64 47.19
N ILE A 107 -59.39 26.61 47.25
CA ILE A 107 -59.49 27.80 46.42
C ILE A 107 -59.25 27.45 44.94
N CYS A 108 -58.40 26.48 44.69
CA CYS A 108 -58.13 26.06 43.31
C CYS A 108 -59.39 25.42 42.74
N ARG A 109 -60.12 24.72 43.61
CA ARG A 109 -61.35 24.04 43.22
C ARG A 109 -62.46 25.03 42.91
N LYS A 110 -62.70 25.97 43.84
CA LYS A 110 -63.74 26.96 43.65
C LYS A 110 -63.54 27.80 42.40
N LEU A 111 -62.29 28.03 42.02
CA LEU A 111 -62.03 28.85 40.84
C LEU A 111 -61.91 28.05 39.55
N GLY A 112 -61.96 26.72 39.66
CA GLY A 112 -61.85 25.88 38.48
C GLY A 112 -60.50 25.99 37.80
N ILE A 113 -59.48 26.32 38.57
CA ILE A 113 -58.13 26.46 38.02
C ILE A 113 -57.32 25.19 38.24
N GLY A 114 -56.04 25.24 37.88
CA GLY A 114 -55.19 24.09 38.07
C GLY A 114 -54.81 23.90 39.53
N TYR A 115 -53.98 22.90 39.81
CA TYR A 115 -53.55 22.61 41.17
C TYR A 115 -52.04 22.78 41.31
N HIS A 116 -51.40 23.21 40.23
CA HIS A 116 -49.95 23.41 40.24
C HIS A 116 -49.41 24.16 41.46
N ILE A 117 -50.07 25.26 41.82
CA ILE A 117 -49.66 26.10 42.95
C ILE A 117 -49.31 25.35 44.24
N PRO A 118 -50.31 24.80 44.94
CA PRO A 118 -49.94 24.09 46.15
C PRO A 118 -49.00 22.93 45.83
N PHE A 119 -49.20 22.28 44.69
CA PHE A 119 -48.34 21.17 44.28
C PHE A 119 -46.88 21.56 44.42
N ALA A 120 -46.55 22.74 43.89
CA ALA A 120 -45.18 23.24 43.96
C ALA A 120 -44.84 23.48 45.42
N PHE A 121 -45.64 24.32 46.07
CA PHE A 121 -45.46 24.66 47.48
C PHE A 121 -45.06 23.46 48.29
N ALA A 122 -45.62 22.30 47.95
CA ALA A 122 -45.31 21.07 48.68
C ALA A 122 -43.79 20.89 48.74
N PHE A 123 -43.10 21.22 47.64
CA PHE A 123 -41.67 21.08 47.59
C PHE A 123 -40.97 21.84 48.72
N ALA A 124 -41.42 23.06 48.97
CA ALA A 124 -40.85 23.86 50.06
C ALA A 124 -41.00 23.06 51.35
N ILE A 125 -42.17 22.48 51.54
CA ILE A 125 -42.46 21.70 52.73
C ILE A 125 -41.58 20.45 52.81
N LEU A 126 -41.41 19.75 51.70
CA LEU A 126 -40.54 18.57 51.74
C LEU A 126 -39.16 19.03 52.17
N ALA A 127 -38.69 20.11 51.55
CA ALA A 127 -37.38 20.70 51.87
C ALA A 127 -37.29 20.95 53.37
N TYR A 128 -38.30 21.64 53.88
CA TYR A 128 -38.36 21.94 55.29
C TYR A 128 -38.29 20.65 56.10
N LEU A 129 -39.30 19.81 55.92
CA LEU A 129 -39.37 18.54 56.62
C LEU A 129 -38.08 17.75 56.51
N THR A 130 -37.35 17.97 55.41
CA THR A 130 -36.09 17.27 55.22
C THR A 130 -35.08 17.71 56.26
N LEU A 131 -35.04 19.01 56.55
CA LEU A 131 -34.10 19.53 57.53
C LEU A 131 -34.52 19.24 58.95
N VAL A 132 -35.82 19.36 59.23
CA VAL A 132 -36.34 19.14 60.58
C VAL A 132 -36.96 17.78 60.92
N LEU A 133 -37.04 16.87 59.96
CA LEU A 133 -37.61 15.56 60.25
C LEU A 133 -36.80 14.41 59.70
N PHE A 134 -36.90 14.20 58.39
CA PHE A 134 -36.20 13.11 57.71
C PHE A 134 -34.72 12.97 58.04
N ARG A 135 -33.95 14.02 57.78
CA ARG A 135 -32.53 14.00 58.06
C ARG A 135 -32.27 13.63 59.53
N PRO A 136 -32.87 14.37 60.48
CA PRO A 136 -32.64 14.04 61.88
C PRO A 136 -33.04 12.60 62.20
N VAL A 137 -34.17 12.17 61.67
CA VAL A 137 -34.64 10.82 61.91
C VAL A 137 -33.66 9.79 61.39
N MET A 138 -33.07 10.04 60.23
CA MET A 138 -32.11 9.11 59.66
C MET A 138 -30.79 9.14 60.41
N MET A 139 -30.44 10.31 60.93
CA MET A 139 -29.20 10.48 61.67
C MET A 139 -29.33 10.08 63.13
N GLY A 140 -30.58 9.86 63.56
CA GLY A 140 -30.83 9.43 64.92
C GLY A 140 -30.92 10.46 66.05
N ALA A 141 -31.30 11.69 65.76
CA ALA A 141 -31.41 12.70 66.82
C ALA A 141 -32.00 14.01 66.34
N TRP A 142 -32.81 14.65 67.18
CA TRP A 142 -33.42 15.92 66.81
C TRP A 142 -32.37 17.02 66.84
N GLY A 143 -31.40 16.84 67.72
CA GLY A 143 -30.34 17.83 67.84
C GLY A 143 -29.67 18.15 66.53
N TYR A 144 -29.90 17.32 65.52
CA TYR A 144 -29.28 17.58 64.23
C TYR A 144 -30.01 18.59 63.37
N ALA A 145 -31.25 18.94 63.73
CA ALA A 145 -32.00 19.94 62.97
C ALA A 145 -31.45 21.32 63.31
N PHE A 146 -32.05 22.37 62.76
CA PHE A 146 -31.60 23.73 63.02
C PHE A 146 -32.49 24.45 64.03
N PRO A 147 -31.92 25.40 64.78
CA PRO A 147 -32.68 26.17 65.77
C PRO A 147 -33.60 27.15 65.06
N TYR A 148 -34.65 27.58 65.73
CA TYR A 148 -35.55 28.53 65.11
C TYR A 148 -35.19 29.93 65.57
N GLY A 149 -34.06 30.44 65.08
CA GLY A 149 -33.63 31.78 65.46
C GLY A 149 -33.16 32.55 64.26
N ILE A 150 -33.50 33.84 64.21
CA ILE A 150 -33.09 34.68 63.08
C ILE A 150 -31.61 34.47 62.74
N TRP A 151 -30.73 34.77 63.67
CA TRP A 151 -29.32 34.62 63.41
C TRP A 151 -28.82 33.26 63.85
N THR A 152 -29.40 32.72 64.92
CA THR A 152 -28.93 31.42 65.41
C THR A 152 -29.15 30.30 64.41
N HIS A 153 -29.92 30.54 63.35
CA HIS A 153 -30.14 29.49 62.35
C HIS A 153 -29.10 29.58 61.26
N LEU A 154 -28.52 30.76 61.10
CA LEU A 154 -27.46 30.95 60.13
C LEU A 154 -26.22 30.25 60.65
N ASP A 155 -25.93 30.44 61.94
CA ASP A 155 -24.78 29.80 62.53
C ASP A 155 -24.88 28.30 62.33
N TRP A 156 -26.11 27.77 62.49
CA TRP A 156 -26.33 26.35 62.30
C TRP A 156 -25.84 25.97 60.92
N VAL A 157 -26.25 26.76 59.92
CA VAL A 157 -25.83 26.50 58.56
C VAL A 157 -24.31 26.55 58.52
N SER A 158 -23.73 27.66 58.99
CA SER A 158 -22.29 27.78 58.98
C SER A 158 -21.68 26.52 59.55
N ASN A 159 -21.86 26.32 60.85
CA ASN A 159 -21.31 25.13 61.49
C ASN A 159 -21.58 23.88 60.69
N THR A 160 -22.84 23.47 60.62
CA THR A 160 -23.21 22.26 59.88
C THR A 160 -22.41 22.12 58.59
N GLY A 161 -22.16 23.24 57.91
CA GLY A 161 -21.39 23.20 56.68
C GLY A 161 -19.94 22.82 56.91
N TYR A 162 -19.21 23.66 57.65
CA TYR A 162 -17.81 23.38 57.91
C TYR A 162 -17.61 22.05 58.59
N THR A 163 -18.70 21.40 58.95
CA THR A 163 -18.60 20.10 59.60
C THR A 163 -18.10 19.12 58.55
N TYR A 164 -18.10 19.56 57.30
CA TYR A 164 -17.64 18.71 56.20
C TYR A 164 -16.67 19.46 55.27
N GLY A 165 -15.96 20.43 55.84
CA GLY A 165 -15.01 21.22 55.07
C GLY A 165 -15.76 22.29 54.30
N ASN A 166 -15.35 22.54 53.05
CA ASN A 166 -16.02 23.55 52.23
C ASN A 166 -17.17 22.83 51.54
N PHE A 167 -18.37 23.06 52.07
CA PHE A 167 -19.57 22.41 51.57
C PHE A 167 -19.72 22.47 50.06
N HIS A 168 -19.20 23.54 49.45
CA HIS A 168 -19.26 23.71 48.01
C HIS A 168 -19.08 22.41 47.22
N TYR A 169 -18.06 21.65 47.59
CA TYR A 169 -17.75 20.41 46.91
C TYR A 169 -18.84 19.34 46.86
N ASN A 170 -19.94 19.57 47.56
CA ASN A 170 -21.05 18.63 47.54
C ASN A 170 -21.66 18.64 46.13
N PRO A 171 -21.54 17.52 45.40
CA PRO A 171 -22.08 17.44 44.05
C PRO A 171 -23.50 17.96 43.95
N ALA A 172 -24.38 17.36 44.75
CA ALA A 172 -25.79 17.74 44.77
C ALA A 172 -25.91 19.24 45.05
N HIS A 173 -25.13 19.72 46.03
CA HIS A 173 -25.15 21.11 46.41
C HIS A 173 -24.83 21.99 45.19
N MET A 174 -23.86 21.55 44.39
CA MET A 174 -23.47 22.28 43.18
C MET A 174 -24.65 22.43 42.22
N ILE A 175 -25.26 21.29 41.86
CA ILE A 175 -26.41 21.28 40.97
C ILE A 175 -27.45 22.30 41.44
N ALA A 176 -27.98 22.06 42.64
CA ALA A 176 -28.99 22.95 43.23
C ALA A 176 -28.65 24.41 42.99
N ILE A 177 -27.53 24.86 43.55
CA ILE A 177 -27.10 26.24 43.37
C ILE A 177 -27.23 26.63 41.90
N SER A 178 -26.68 25.78 41.04
CA SER A 178 -26.75 25.99 39.61
C SER A 178 -28.18 26.29 39.22
N PHE A 179 -29.11 25.49 39.72
CA PHE A 179 -30.51 25.71 39.42
C PHE A 179 -30.98 27.05 39.99
N PHE A 180 -30.62 27.32 41.25
CA PHE A 180 -31.00 28.59 41.85
C PHE A 180 -30.60 29.79 41.01
N PHE A 181 -29.34 29.84 40.58
CA PHE A 181 -28.84 30.95 39.75
C PHE A 181 -29.60 31.04 38.42
N THR A 182 -29.75 29.91 37.75
CA THR A 182 -30.43 29.90 36.48
C THR A 182 -31.86 30.37 36.62
N ASN A 183 -32.54 29.94 37.69
CA ASN A 183 -33.91 30.36 37.89
C ASN A 183 -33.93 31.88 37.96
N ALA A 184 -33.09 32.44 38.82
CA ALA A 184 -33.01 33.90 38.94
C ALA A 184 -32.89 34.50 37.54
N LEU A 185 -31.90 34.04 36.78
CA LEU A 185 -31.66 34.52 35.42
C LEU A 185 -32.95 34.38 34.62
N ALA A 186 -33.46 33.16 34.59
CA ALA A 186 -34.68 32.86 33.87
C ALA A 186 -35.81 33.81 34.25
N LEU A 187 -36.02 34.01 35.55
CA LEU A 187 -37.09 34.89 36.00
C LEU A 187 -36.84 36.32 35.56
N ALA A 188 -35.61 36.78 35.69
CA ALA A 188 -35.28 38.14 35.27
C ALA A 188 -35.64 38.26 33.80
N LEU A 189 -34.98 37.46 32.98
CA LEU A 189 -35.24 37.46 31.56
C LEU A 189 -36.71 37.47 31.24
N HIS A 190 -37.48 36.54 31.82
CA HIS A 190 -38.92 36.46 31.54
C HIS A 190 -39.64 37.79 31.71
N GLY A 191 -39.59 38.32 32.93
CA GLY A 191 -40.25 39.57 33.21
C GLY A 191 -39.82 40.62 32.20
N ALA A 192 -38.52 40.85 32.13
CA ALA A 192 -37.97 41.83 31.22
C ALA A 192 -38.58 41.74 29.81
N LEU A 193 -38.66 40.54 29.26
CA LEU A 193 -39.22 40.38 27.93
C LEU A 193 -40.66 40.84 27.78
N VAL A 194 -41.50 40.55 28.76
CA VAL A 194 -42.89 40.98 28.66
C VAL A 194 -43.02 42.49 28.84
N LEU A 195 -42.37 43.03 29.86
CA LEU A 195 -42.44 44.46 30.11
C LEU A 195 -41.92 45.26 28.89
N SER A 196 -40.87 44.74 28.24
CA SER A 196 -40.28 45.39 27.08
C SER A 196 -41.17 45.27 25.86
N ALA A 197 -42.07 44.28 25.88
CA ALA A 197 -42.99 44.07 24.77
C ALA A 197 -44.28 44.83 25.06
N ALA A 198 -44.56 45.07 26.33
CA ALA A 198 -45.77 45.79 26.70
C ALA A 198 -45.49 47.27 26.77
N ASN A 199 -44.23 47.61 27.00
CA ASN A 199 -43.86 49.02 27.11
C ASN A 199 -42.71 49.35 26.18
N PRO A 200 -42.96 49.34 24.86
CA PRO A 200 -42.00 49.63 23.79
C PRO A 200 -41.58 51.08 23.69
N GLU A 201 -40.76 51.39 22.68
CA GLU A 201 -40.30 52.75 22.46
C GLU A 201 -41.48 53.70 22.29
N LYS A 202 -41.42 54.84 22.97
CA LYS A 202 -42.49 55.83 22.93
C LYS A 202 -43.17 56.00 21.56
N GLY A 203 -44.49 55.88 21.57
CA GLY A 203 -45.26 56.05 20.35
C GLY A 203 -45.47 54.82 19.50
N LYS A 204 -45.13 53.65 20.03
CA LYS A 204 -45.28 52.40 19.29
C LYS A 204 -46.34 51.48 19.86
N GLU A 205 -46.92 50.67 18.99
CA GLU A 205 -47.93 49.70 19.39
C GLU A 205 -47.20 48.68 20.25
N MET A 206 -47.94 47.99 21.11
CA MET A 206 -47.33 46.97 21.95
C MET A 206 -46.68 46.01 20.97
N ARG A 207 -45.67 45.26 21.42
CA ARG A 207 -45.03 44.33 20.52
C ARG A 207 -45.84 43.06 20.43
N THR A 208 -45.51 42.24 19.44
CA THR A 208 -46.21 40.99 19.21
C THR A 208 -45.46 39.83 19.82
N PRO A 209 -46.20 38.80 20.27
CA PRO A 209 -45.58 37.62 20.87
C PRO A 209 -44.48 37.09 19.97
N ASP A 210 -44.44 37.57 18.73
CA ASP A 210 -43.42 37.16 17.79
C ASP A 210 -42.16 37.99 17.91
N HIS A 211 -42.31 39.27 18.24
CA HIS A 211 -41.16 40.15 18.44
C HIS A 211 -40.49 39.59 19.69
N GLU A 212 -41.35 39.09 20.57
CA GLU A 212 -40.97 38.50 21.83
C GLU A 212 -40.11 37.26 21.62
N ASP A 213 -40.55 36.37 20.73
CA ASP A 213 -39.81 35.13 20.43
C ASP A 213 -38.61 35.35 19.54
N THR A 214 -38.63 36.42 18.75
CA THR A 214 -37.54 36.72 17.85
C THR A 214 -36.39 37.34 18.65
N PHE A 215 -36.72 37.97 19.77
CA PHE A 215 -35.72 38.59 20.62
C PHE A 215 -35.08 37.52 21.50
N PHE A 216 -35.91 36.81 22.27
CA PHE A 216 -35.44 35.75 23.17
C PHE A 216 -34.59 34.72 22.46
N ARG A 217 -34.88 34.51 21.18
CA ARG A 217 -34.14 33.56 20.38
C ARG A 217 -32.78 34.16 20.04
N ASP A 218 -32.74 35.45 19.74
CA ASP A 218 -31.49 36.12 19.40
C ASP A 218 -30.58 36.24 20.60
N LEU A 219 -30.96 35.62 21.72
CA LEU A 219 -30.14 35.67 22.94
C LEU A 219 -29.69 34.26 23.33
N VAL A 220 -30.60 33.31 23.20
CA VAL A 220 -30.33 31.93 23.54
C VAL A 220 -30.06 31.09 22.30
N GLY A 221 -30.79 31.39 21.22
CA GLY A 221 -30.61 30.65 19.98
C GLY A 221 -31.75 29.69 19.73
N TYR A 222 -32.68 29.61 20.69
CA TYR A 222 -33.84 28.73 20.57
C TYR A 222 -35.11 29.47 21.01
N SER A 223 -36.27 28.95 20.61
CA SER A 223 -37.55 29.54 20.96
C SER A 223 -38.31 28.54 21.83
N ILE A 224 -38.63 28.94 23.05
CA ILE A 224 -39.31 28.08 24.00
C ILE A 224 -40.80 28.42 24.16
N GLY A 225 -41.23 29.56 23.66
CA GLY A 225 -42.63 29.96 23.76
C GLY A 225 -43.07 30.41 25.14
N THR A 226 -44.30 30.89 25.25
CA THR A 226 -44.86 31.36 26.52
C THR A 226 -45.13 30.22 27.48
N LEU A 227 -45.93 29.26 27.05
CA LEU A 227 -46.23 28.12 27.90
C LEU A 227 -44.91 27.47 28.29
N GLY A 228 -43.91 27.61 27.42
CA GLY A 228 -42.62 27.02 27.68
C GLY A 228 -41.78 27.75 28.72
N ILE A 229 -41.73 29.07 28.65
CA ILE A 229 -40.96 29.84 29.60
C ILE A 229 -41.44 29.61 31.03
N HIS A 230 -42.75 29.67 31.24
CA HIS A 230 -43.33 29.47 32.57
C HIS A 230 -43.13 28.04 33.06
N ARG A 231 -43.26 27.08 32.16
CA ARG A 231 -43.08 25.68 32.52
C ARG A 231 -41.61 25.42 32.86
N LEU A 232 -40.74 26.34 32.45
CA LEU A 232 -39.31 26.21 32.71
C LEU A 232 -38.95 26.84 34.04
N GLY A 233 -39.62 27.94 34.38
CA GLY A 233 -39.36 28.60 35.63
C GLY A 233 -39.78 27.71 36.77
N LEU A 234 -41.00 27.16 36.65
CA LEU A 234 -41.52 26.27 37.67
C LEU A 234 -40.60 25.08 37.78
N LEU A 235 -40.09 24.64 36.63
CA LEU A 235 -39.18 23.49 36.55
C LEU A 235 -37.85 23.84 37.23
N LEU A 236 -37.23 24.96 36.83
CA LEU A 236 -35.97 25.39 37.38
C LEU A 236 -36.03 25.58 38.89
N SER A 237 -37.05 26.29 39.35
CA SER A 237 -37.24 26.57 40.76
C SER A 237 -37.45 25.30 41.60
N LEU A 238 -38.40 24.47 41.22
CA LEU A 238 -38.66 23.22 41.94
C LEU A 238 -37.38 22.37 42.04
N SER A 239 -36.67 22.24 40.93
CA SER A 239 -35.43 21.47 40.87
C SER A 239 -34.48 21.91 41.96
N ALA A 240 -34.15 23.20 41.95
CA ALA A 240 -33.24 23.77 42.92
C ALA A 240 -33.54 23.24 44.32
N VAL A 241 -34.76 23.50 44.77
CA VAL A 241 -35.19 23.05 46.08
C VAL A 241 -35.08 21.54 46.23
N PHE A 242 -35.36 20.80 45.16
CA PHE A 242 -35.25 19.34 45.19
C PHE A 242 -33.79 18.92 45.39
N PHE A 243 -32.92 19.42 44.52
CA PHE A 243 -31.51 19.07 44.63
C PHE A 243 -30.90 19.58 45.92
N SER A 244 -31.66 20.37 46.67
CA SER A 244 -31.18 20.88 47.94
C SER A 244 -31.48 19.85 49.01
N ALA A 245 -32.72 19.37 49.02
CA ALA A 245 -33.12 18.35 49.99
C ALA A 245 -32.23 17.13 49.78
N LEU A 246 -31.98 16.79 48.52
CA LEU A 246 -31.11 15.67 48.20
C LEU A 246 -29.75 16.03 48.77
N CYS A 247 -29.33 17.25 48.48
CA CYS A 247 -28.06 17.79 48.92
C CYS A 247 -27.77 17.51 50.39
N MET A 248 -28.80 17.58 51.23
CA MET A 248 -28.59 17.34 52.66
C MET A 248 -28.88 15.92 53.13
N ILE A 249 -29.97 15.34 52.63
CA ILE A 249 -30.37 14.00 53.05
C ILE A 249 -29.22 12.99 52.98
N ILE A 250 -28.18 13.32 52.22
CA ILE A 250 -27.05 12.40 52.09
C ILE A 250 -25.89 12.81 52.98
N THR A 251 -25.88 14.07 53.40
CA THR A 251 -24.80 14.59 54.24
C THR A 251 -24.88 14.17 55.70
N GLY A 252 -24.19 13.09 56.03
CA GLY A 252 -24.20 12.60 57.40
C GLY A 252 -24.93 11.29 57.51
N THR A 253 -25.59 10.91 56.43
CA THR A 253 -26.34 9.67 56.42
C THR A 253 -25.59 8.63 55.60
N ILE A 254 -24.98 9.06 54.50
CA ILE A 254 -24.23 8.15 53.66
C ILE A 254 -22.82 8.69 53.39
N TRP A 255 -22.66 10.00 53.55
CA TRP A 255 -21.36 10.63 53.36
C TRP A 255 -20.94 11.28 54.67
N PHE A 256 -19.70 11.08 55.08
CA PHE A 256 -19.20 11.62 56.34
C PHE A 256 -17.91 12.42 56.24
N ASP A 257 -17.07 12.08 55.27
CA ASP A 257 -15.81 12.79 55.10
C ASP A 257 -16.04 14.16 54.47
N GLN A 258 -14.98 14.94 54.31
CA GLN A 258 -15.10 16.26 53.71
C GLN A 258 -15.44 16.12 52.24
N TRP A 259 -16.54 16.74 51.81
CA TRP A 259 -16.98 16.64 50.42
C TRP A 259 -15.91 16.75 49.34
N VAL A 260 -14.82 17.46 49.61
CA VAL A 260 -13.78 17.59 48.59
C VAL A 260 -13.17 16.22 48.27
N ASP A 261 -13.07 15.36 49.29
CA ASP A 261 -12.52 14.02 49.11
C ASP A 261 -13.35 13.15 48.18
N TRP A 262 -14.63 13.45 48.09
CA TRP A 262 -15.53 12.67 47.24
C TRP A 262 -15.07 12.65 45.79
N TRP A 263 -14.54 13.77 45.32
CA TRP A 263 -14.11 13.87 43.93
C TRP A 263 -12.90 13.00 43.55
N GLN A 264 -12.24 12.42 44.55
CA GLN A 264 -11.09 11.57 44.27
C GLN A 264 -11.46 10.44 43.33
N TRP A 265 -12.69 9.94 43.43
CA TRP A 265 -13.12 8.85 42.57
C TRP A 265 -12.82 9.14 41.10
N TRP A 266 -13.06 10.38 40.67
CA TRP A 266 -12.80 10.74 39.28
C TRP A 266 -11.31 10.71 39.00
N VAL A 267 -10.54 11.27 39.92
CA VAL A 267 -9.10 11.32 39.77
C VAL A 267 -8.46 9.93 39.80
N LYS A 268 -8.88 9.13 40.76
CA LYS A 268 -8.33 7.80 40.95
C LYS A 268 -8.72 6.72 39.95
N LEU A 269 -9.29 7.10 38.81
CA LEU A 269 -9.65 6.10 37.80
C LEU A 269 -8.33 5.49 37.32
N PRO A 270 -8.28 4.16 37.17
CA PRO A 270 -7.09 3.40 36.75
C PRO A 270 -6.29 3.96 35.59
N TRP A 271 -6.98 4.34 34.53
CA TRP A 271 -6.32 4.84 33.33
C TRP A 271 -5.63 6.20 33.40
N TRP A 272 -5.52 6.77 34.59
CA TRP A 272 -4.86 8.05 34.69
C TRP A 272 -4.48 8.46 36.10
N ALA A 273 -5.05 7.78 37.07
CA ALA A 273 -4.77 8.08 38.48
C ALA A 273 -3.26 8.10 38.76
N ASN A 274 -2.51 7.25 38.06
CA ASN A 274 -1.06 7.17 38.26
C ASN A 274 -0.17 7.91 37.28
N ILE A 275 -0.77 8.66 36.35
CA ILE A 275 0.03 9.41 35.38
C ILE A 275 0.68 10.65 36.02
N PRO A 276 2.02 10.76 35.89
CA PRO A 276 2.81 11.86 36.44
C PRO A 276 2.57 13.19 35.72
N GLY A 277 2.61 14.29 36.47
CA GLY A 277 2.39 15.59 35.89
C GLY A 277 1.06 16.18 36.35
N GLY A 278 0.57 17.17 35.63
CA GLY A 278 -0.68 17.80 35.99
C GLY A 278 -0.69 18.35 37.40
N ILE A 279 -1.88 18.46 37.99
CA ILE A 279 -2.01 18.99 39.34
C ILE A 279 -1.95 17.90 40.41
N ASN A 280 -2.68 16.82 40.18
CA ASN A 280 -2.74 15.71 41.13
C ASN A 280 -1.66 14.65 40.92
N GLY A 281 -0.52 15.05 40.35
CA GLY A 281 0.56 14.10 40.12
C GLY A 281 1.97 14.64 40.31
N PHE B 35 -16.85 53.33 5.54
CA PHE B 35 -18.27 53.55 5.10
C PHE B 35 -19.28 52.70 5.89
N SER B 36 -20.51 52.64 5.37
CA SER B 36 -21.59 51.89 5.99
C SER B 36 -21.76 50.49 5.40
N THR B 37 -21.32 50.31 4.16
CA THR B 37 -21.43 49.03 3.47
C THR B 37 -20.94 47.86 4.32
N LEU B 38 -19.78 48.05 4.97
CA LEU B 38 -19.22 47.00 5.81
C LEU B 38 -20.13 46.71 7.00
N LEU B 39 -20.57 47.78 7.68
CA LEU B 39 -21.46 47.61 8.82
C LEU B 39 -22.73 46.90 8.38
N GLY B 40 -23.16 47.20 7.16
CA GLY B 40 -24.36 46.57 6.62
C GLY B 40 -24.14 45.10 6.37
N TRP B 41 -22.90 44.75 6.01
CA TRP B 41 -22.55 43.36 5.74
C TRP B 41 -22.62 42.63 7.08
N PHE B 42 -21.84 43.12 8.04
CA PHE B 42 -21.79 42.53 9.38
C PHE B 42 -23.19 42.44 9.98
N GLY B 43 -23.89 43.57 10.00
CA GLY B 43 -25.23 43.63 10.56
C GLY B 43 -26.14 42.44 10.23
N ASN B 44 -25.86 41.78 9.11
CA ASN B 44 -26.66 40.62 8.69
C ASN B 44 -26.04 39.27 9.08
N ALA B 45 -24.96 39.31 9.84
CA ALA B 45 -24.31 38.07 10.27
C ALA B 45 -25.37 37.24 10.97
N GLN B 46 -25.34 35.92 10.75
CA GLN B 46 -26.33 35.05 11.38
C GLN B 46 -25.86 33.65 11.72
N LEU B 47 -26.75 32.93 12.41
CA LEU B 47 -26.54 31.55 12.81
C LEU B 47 -27.92 30.93 12.64
N GLY B 48 -28.38 30.88 11.39
CA GLY B 48 -29.69 30.34 11.10
C GLY B 48 -30.68 31.49 11.00
N PRO B 49 -31.82 31.40 11.73
CA PRO B 49 -32.85 32.44 11.71
C PRO B 49 -32.59 33.58 12.71
N ILE B 50 -31.34 33.75 13.13
CA ILE B 50 -31.00 34.80 14.08
C ILE B 50 -29.81 35.66 13.63
N TYR B 51 -29.99 36.97 13.69
CA TYR B 51 -28.93 37.91 13.29
C TYR B 51 -27.96 38.12 14.46
N LEU B 52 -26.66 38.09 14.15
CA LEU B 52 -25.62 38.23 15.15
C LEU B 52 -25.14 39.65 15.35
N GLY B 53 -25.50 40.54 14.42
CA GLY B 53 -25.08 41.93 14.54
C GLY B 53 -23.57 42.10 14.59
N SER B 54 -23.12 43.35 14.54
CA SER B 54 -21.70 43.67 14.57
C SER B 54 -21.07 43.23 15.89
N LEU B 55 -21.59 43.79 16.98
CA LEU B 55 -21.07 43.44 18.31
C LEU B 55 -21.11 41.94 18.47
N GLY B 56 -22.25 41.34 18.12
CA GLY B 56 -22.40 39.90 18.23
C GLY B 56 -21.17 39.16 17.74
N VAL B 57 -20.50 39.71 16.74
CA VAL B 57 -19.27 39.09 16.21
C VAL B 57 -18.15 39.35 17.20
N LEU B 58 -17.99 40.61 17.59
CA LEU B 58 -16.95 40.97 18.54
C LEU B 58 -17.18 40.21 19.83
N SER B 59 -18.45 39.98 20.14
CA SER B 59 -18.81 39.25 21.35
C SER B 59 -18.26 37.84 21.26
N LEU B 60 -18.80 37.07 20.32
CA LEU B 60 -18.36 35.70 20.12
C LEU B 60 -16.85 35.60 19.95
N PHE B 61 -16.30 36.42 19.06
CA PHE B 61 -14.87 36.38 18.82
C PHE B 61 -14.11 36.55 20.12
N SER B 62 -14.37 37.67 20.79
CA SER B 62 -13.72 37.97 22.05
C SER B 62 -13.97 36.84 23.05
N GLY B 63 -15.16 36.25 22.97
CA GLY B 63 -15.52 35.16 23.86
C GLY B 63 -14.58 33.98 23.71
N LEU B 64 -14.42 33.50 22.48
CA LEU B 64 -13.54 32.37 22.20
C LEU B 64 -12.11 32.67 22.63
N MET B 65 -11.70 33.92 22.47
CA MET B 65 -10.35 34.33 22.86
C MET B 65 -10.20 34.14 24.36
N TRP B 66 -11.28 34.41 25.09
CA TRP B 66 -11.28 34.26 26.53
C TRP B 66 -11.17 32.77 26.84
N PHE B 67 -12.05 32.00 26.23
CA PHE B 67 -12.07 30.55 26.40
C PHE B 67 -10.71 29.98 26.01
N PHE B 68 -10.18 30.49 24.91
CA PHE B 68 -8.89 30.07 24.38
C PHE B 68 -7.76 30.34 25.37
N THR B 69 -7.80 31.51 25.99
CA THR B 69 -6.78 31.91 26.95
C THR B 69 -6.72 30.97 28.14
N ILE B 70 -7.86 30.75 28.76
CA ILE B 70 -7.90 29.87 29.91
C ILE B 70 -7.48 28.49 29.45
N GLY B 71 -8.13 28.02 28.39
CA GLY B 71 -7.86 26.70 27.82
C GLY B 71 -6.40 26.38 27.61
N ILE B 72 -5.73 27.17 26.78
CA ILE B 72 -4.33 26.96 26.52
C ILE B 72 -3.63 26.74 27.87
N TRP B 73 -3.81 27.69 28.78
CA TRP B 73 -3.20 27.58 30.10
C TRP B 73 -3.44 26.22 30.74
N PHE B 74 -4.70 25.82 30.84
CA PHE B 74 -5.02 24.54 31.45
C PHE B 74 -4.15 23.43 30.87
N TRP B 75 -4.08 23.37 29.54
CA TRP B 75 -3.25 22.36 28.89
C TRP B 75 -1.80 22.49 29.30
N TYR B 76 -1.30 23.73 29.35
CA TYR B 76 0.06 23.93 29.78
C TYR B 76 0.22 23.28 31.16
N GLN B 77 -0.79 23.48 32.02
CA GLN B 77 -0.76 22.90 33.36
C GLN B 77 -0.98 21.40 33.36
N ALA B 78 -1.63 20.90 32.31
CA ALA B 78 -1.87 19.48 32.21
C ALA B 78 -0.63 18.80 31.66
N GLY B 79 0.27 19.60 31.10
CA GLY B 79 1.48 19.04 30.54
C GLY B 79 1.23 18.57 29.12
N TRP B 80 0.24 19.19 28.48
CA TRP B 80 -0.15 18.88 27.12
C TRP B 80 -0.64 17.44 26.93
N ASN B 81 -0.72 16.70 28.04
CA ASN B 81 -1.19 15.31 28.00
C ASN B 81 -2.71 15.28 28.16
N PRO B 82 -3.44 14.88 27.10
CA PRO B 82 -4.91 14.82 27.17
C PRO B 82 -5.45 14.06 28.36
N ALA B 83 -4.81 12.96 28.72
CA ALA B 83 -5.26 12.15 29.84
C ALA B 83 -5.27 12.95 31.14
N VAL B 84 -4.17 13.67 31.39
CA VAL B 84 -4.06 14.48 32.58
C VAL B 84 -5.04 15.65 32.53
N PHE B 85 -5.24 16.18 31.33
CA PHE B 85 -6.16 17.29 31.16
C PHE B 85 -7.55 16.88 31.65
N LEU B 86 -8.05 15.76 31.14
CA LEU B 86 -9.37 15.26 31.49
C LEU B 86 -9.57 14.88 32.95
N ARG B 87 -8.51 14.45 33.64
CA ARG B 87 -8.71 14.06 35.04
C ARG B 87 -8.61 15.24 36.02
N ASP B 88 -7.85 16.27 35.65
CA ASP B 88 -7.69 17.44 36.52
C ASP B 88 -8.37 18.70 35.99
N LEU B 89 -9.29 18.51 35.05
CA LEU B 89 -10.02 19.61 34.43
C LEU B 89 -10.65 20.61 35.41
N PHE B 90 -11.14 20.13 36.54
CA PHE B 90 -11.76 21.01 37.53
C PHE B 90 -10.75 21.55 38.53
N PHE B 91 -9.51 21.09 38.40
CA PHE B 91 -8.47 21.51 39.34
C PHE B 91 -7.59 22.61 38.77
N PHE B 92 -7.62 22.76 37.46
CA PHE B 92 -6.81 23.77 36.82
C PHE B 92 -7.34 25.14 37.18
N SER B 93 -6.42 26.09 37.40
CA SER B 93 -6.79 27.44 37.76
C SER B 93 -5.81 28.48 37.22
N LEU B 94 -6.36 29.45 36.49
CA LEU B 94 -5.58 30.55 35.93
C LEU B 94 -5.66 31.64 37.00
N GLU B 95 -4.76 31.58 37.97
CA GLU B 95 -4.74 32.54 39.06
C GLU B 95 -4.38 33.96 38.62
N PRO B 96 -4.84 34.97 39.38
CA PRO B 96 -4.57 36.37 39.09
C PRO B 96 -3.14 36.70 39.53
N PRO B 97 -2.66 37.93 39.23
CA PRO B 97 -1.31 38.35 39.61
C PRO B 97 -1.13 38.31 41.13
N ALA B 98 0.11 38.31 41.59
CA ALA B 98 0.38 38.28 43.03
C ALA B 98 0.07 39.66 43.62
N PRO B 99 -0.13 39.74 44.95
CA PRO B 99 -0.42 41.03 45.59
C PRO B 99 0.70 42.05 45.42
N GLU B 100 1.92 41.54 45.23
CA GLU B 100 3.10 42.37 45.04
C GLU B 100 3.07 43.15 43.72
N TYR B 101 2.47 42.56 42.69
CA TYR B 101 2.37 43.20 41.38
C TYR B 101 1.34 44.32 41.37
N GLY B 102 0.70 44.52 42.52
CA GLY B 102 -0.30 45.58 42.64
C GLY B 102 -1.31 45.63 41.51
N LEU B 103 -1.35 46.75 40.80
CA LEU B 103 -2.30 46.89 39.69
C LEU B 103 -1.63 47.06 38.33
N SER B 104 -0.36 46.68 38.22
CA SER B 104 0.31 46.83 36.94
C SER B 104 0.11 45.61 36.08
N PHE B 105 0.40 45.77 34.80
CA PHE B 105 0.28 44.70 33.83
C PHE B 105 1.67 44.14 33.53
N ALA B 106 2.59 44.40 34.45
CA ALA B 106 3.98 43.96 34.30
C ALA B 106 4.15 42.49 34.62
N ALA B 107 3.24 41.93 35.41
CA ALA B 107 3.28 40.54 35.80
C ALA B 107 3.58 39.64 34.60
N PRO B 108 4.57 38.76 34.73
CA PRO B 108 4.93 37.84 33.63
C PRO B 108 3.78 36.91 33.25
N LEU B 109 3.79 36.43 32.01
CA LEU B 109 2.73 35.53 31.53
C LEU B 109 2.35 34.38 32.43
N LYS B 110 3.32 33.51 32.72
CA LYS B 110 3.08 32.34 33.57
C LYS B 110 2.86 32.67 35.05
N GLU B 111 2.62 33.94 35.34
CA GLU B 111 2.40 34.36 36.72
C GLU B 111 1.54 35.62 36.84
N GLY B 112 0.47 35.68 36.04
CA GLY B 112 -0.41 36.83 36.11
C GLY B 112 -0.78 37.44 34.77
N GLY B 113 0.08 37.29 33.77
CA GLY B 113 -0.22 37.87 32.48
C GLY B 113 -1.46 37.27 31.82
N LEU B 114 -1.42 35.97 31.60
CA LEU B 114 -2.54 35.29 30.96
C LEU B 114 -3.83 35.67 31.64
N TRP B 115 -3.78 35.77 32.97
CA TRP B 115 -4.95 36.13 33.73
C TRP B 115 -5.54 37.44 33.21
N LEU B 116 -4.71 38.49 33.17
CA LEU B 116 -5.16 39.79 32.68
C LEU B 116 -5.70 39.69 31.26
N ILE B 117 -4.93 39.05 30.38
CA ILE B 117 -5.35 38.90 28.99
C ILE B 117 -6.72 38.26 28.93
N ALA B 118 -6.86 37.12 29.58
CA ALA B 118 -8.14 36.42 29.61
C ALA B 118 -9.22 37.43 29.99
N SER B 119 -9.05 38.03 31.17
CA SER B 119 -10.00 39.01 31.66
C SER B 119 -10.32 40.09 30.66
N PHE B 120 -9.30 40.57 29.95
CA PHE B 120 -9.48 41.60 28.95
C PHE B 120 -10.51 41.18 27.90
N PHE B 121 -10.46 39.90 27.53
CA PHE B 121 -11.40 39.36 26.55
C PHE B 121 -12.79 39.21 27.17
N MET B 122 -12.86 38.64 28.37
CA MET B 122 -14.15 38.47 29.01
C MET B 122 -14.83 39.81 29.20
N PHE B 123 -14.03 40.86 29.32
CA PHE B 123 -14.58 42.19 29.49
C PHE B 123 -15.27 42.62 28.19
N VAL B 124 -14.49 42.66 27.11
CA VAL B 124 -15.00 43.07 25.81
C VAL B 124 -16.15 42.15 25.40
N ALA B 125 -15.97 40.86 25.67
CA ALA B 125 -16.99 39.86 25.37
C ALA B 125 -18.35 40.28 25.95
N VAL B 126 -18.39 40.38 27.28
CA VAL B 126 -19.59 40.73 28.02
C VAL B 126 -20.21 42.06 27.60
N TRP B 127 -19.43 43.15 27.66
CA TRP B 127 -19.99 44.44 27.30
C TRP B 127 -20.52 44.50 25.88
N SER B 128 -19.87 43.79 24.97
CA SER B 128 -20.32 43.75 23.59
C SER B 128 -21.73 43.19 23.67
N TRP B 129 -21.84 42.00 24.25
CA TRP B 129 -23.11 41.33 24.37
C TRP B 129 -24.17 42.21 25.00
N TRP B 130 -23.80 42.98 26.02
CA TRP B 130 -24.78 43.86 26.65
C TRP B 130 -25.27 44.83 25.58
N GLY B 131 -24.32 45.43 24.88
CA GLY B 131 -24.63 46.38 23.83
C GLY B 131 -25.49 45.77 22.75
N ARG B 132 -25.22 44.51 22.42
CA ARG B 132 -25.99 43.83 21.40
C ARG B 132 -27.44 43.68 21.85
N THR B 133 -27.61 43.23 23.08
CA THR B 133 -28.94 43.04 23.65
C THR B 133 -29.73 44.35 23.58
N TYR B 134 -29.05 45.46 23.85
CA TYR B 134 -29.67 46.78 23.82
C TYR B 134 -30.15 47.13 22.41
N LEU B 135 -29.19 47.24 21.50
CA LEU B 135 -29.48 47.58 20.11
C LEU B 135 -30.52 46.68 19.46
N ARG B 136 -30.45 45.40 19.79
CA ARG B 136 -31.40 44.44 19.23
C ARG B 136 -32.81 44.70 19.73
N ALA B 137 -32.92 45.31 20.91
CA ALA B 137 -34.23 45.62 21.47
C ALA B 137 -34.74 46.87 20.76
N GLN B 138 -33.86 47.86 20.64
CA GLN B 138 -34.18 49.11 19.96
C GLN B 138 -34.65 48.79 18.55
N ALA B 139 -33.90 47.91 17.90
CA ALA B 139 -34.19 47.49 16.54
C ALA B 139 -35.59 46.94 16.40
N LEU B 140 -36.00 46.09 17.34
CA LEU B 140 -37.35 45.54 17.28
C LEU B 140 -38.34 46.57 17.83
N GLY B 141 -37.81 47.69 18.29
CA GLY B 141 -38.65 48.74 18.82
C GLY B 141 -39.33 48.34 20.12
N MET B 142 -38.55 47.79 21.05
CA MET B 142 -39.08 47.35 22.34
C MET B 142 -38.46 48.15 23.48
N GLY B 143 -38.97 47.91 24.69
CA GLY B 143 -38.43 48.58 25.86
C GLY B 143 -37.02 48.07 26.12
N LYS B 144 -36.22 48.87 26.80
CA LYS B 144 -34.85 48.46 27.08
C LYS B 144 -34.71 47.72 28.41
N HIS B 145 -35.75 47.01 28.80
CA HIS B 145 -35.73 46.29 30.07
C HIS B 145 -34.64 45.24 30.13
N THR B 146 -34.62 44.35 29.15
CA THR B 146 -33.60 43.29 29.14
C THR B 146 -32.19 43.84 29.30
N ALA B 147 -31.92 44.96 28.65
CA ALA B 147 -30.60 45.57 28.75
C ALA B 147 -30.33 45.95 30.19
N TRP B 148 -31.34 46.53 30.84
CA TRP B 148 -31.23 46.96 32.22
C TRP B 148 -31.05 45.76 33.16
N ALA B 149 -31.95 44.79 33.04
CA ALA B 149 -31.87 43.60 33.87
C ALA B 149 -30.46 43.03 33.83
N PHE B 150 -30.00 42.75 32.61
CA PHE B 150 -28.67 42.21 32.39
C PHE B 150 -27.62 43.09 33.03
N LEU B 151 -27.90 44.38 33.08
CA LEU B 151 -26.97 45.32 33.66
C LEU B 151 -26.71 45.03 35.14
N SER B 152 -27.74 44.60 35.85
CA SER B 152 -27.60 44.29 37.27
C SER B 152 -26.64 43.12 37.48
N ALA B 153 -26.77 42.10 36.64
CA ALA B 153 -25.89 40.94 36.72
C ALA B 153 -24.46 41.37 36.47
N ILE B 154 -24.28 42.32 35.57
CA ILE B 154 -22.93 42.79 35.25
C ILE B 154 -22.32 43.58 36.42
N TRP B 155 -23.17 44.22 37.20
CA TRP B 155 -22.72 44.99 38.37
C TRP B 155 -21.95 44.08 39.33
N LEU B 156 -22.48 42.88 39.56
CA LEU B 156 -21.84 41.93 40.46
C LEU B 156 -20.53 41.46 39.84
N TRP B 157 -20.62 41.01 38.58
CA TRP B 157 -19.44 40.57 37.87
C TRP B 157 -18.41 41.70 37.92
N MET B 158 -18.85 42.88 37.50
CA MET B 158 -17.99 44.06 37.49
C MET B 158 -17.31 44.30 38.81
N VAL B 159 -18.05 44.17 39.90
CA VAL B 159 -17.47 44.40 41.22
C VAL B 159 -16.41 43.38 41.56
N LEU B 160 -16.78 42.10 41.55
CA LEU B 160 -15.84 41.03 41.88
C LEU B 160 -14.49 41.04 41.18
N GLY B 161 -14.50 41.06 39.85
CA GLY B 161 -13.24 41.03 39.12
C GLY B 161 -12.63 42.33 38.65
N PHE B 162 -13.26 43.46 38.93
CA PHE B 162 -12.69 44.72 38.48
C PHE B 162 -12.69 45.85 39.50
N ILE B 163 -13.85 46.42 39.81
CA ILE B 163 -13.91 47.53 40.75
C ILE B 163 -13.20 47.27 42.09
N ARG B 164 -13.72 46.34 42.87
CA ARG B 164 -13.13 46.02 44.16
C ARG B 164 -11.62 45.78 44.12
N PRO B 165 -11.11 45.03 43.11
CA PRO B 165 -9.66 44.81 43.07
C PRO B 165 -8.93 46.14 42.93
N ILE B 166 -9.47 47.01 42.09
CA ILE B 166 -8.89 48.31 41.87
C ILE B 166 -8.92 49.14 43.16
N LEU B 167 -10.05 49.10 43.86
CA LEU B 167 -10.17 49.85 45.11
C LEU B 167 -9.32 49.24 46.22
N MET B 168 -9.11 47.93 46.14
CA MET B 168 -8.30 47.24 47.14
C MET B 168 -6.82 47.45 46.82
N GLY B 169 -6.54 47.83 45.57
CA GLY B 169 -5.17 48.10 45.16
C GLY B 169 -4.36 47.01 44.46
N SER B 170 -4.96 45.84 44.23
CA SER B 170 -4.21 44.77 43.56
C SER B 170 -5.12 43.74 42.90
N TRP B 171 -4.61 43.13 41.83
CA TRP B 171 -5.37 42.13 41.09
C TRP B 171 -5.37 40.80 41.83
N SER B 172 -4.58 40.69 42.89
CA SER B 172 -4.54 39.45 43.65
C SER B 172 -5.86 39.23 44.38
N GLU B 173 -6.63 40.30 44.53
CA GLU B 173 -7.92 40.26 45.19
C GLU B 173 -8.99 39.80 44.18
N ALA B 174 -8.53 39.41 42.99
CA ALA B 174 -9.43 38.97 41.94
C ALA B 174 -9.77 37.47 41.99
N VAL B 175 -10.87 37.13 41.31
CA VAL B 175 -11.35 35.76 41.27
C VAL B 175 -10.61 35.04 40.17
N PRO B 176 -10.07 33.84 40.46
CA PRO B 176 -9.33 33.05 39.48
C PRO B 176 -10.25 32.28 38.55
N TYR B 177 -9.75 31.91 37.37
CA TYR B 177 -10.54 31.15 36.43
C TYR B 177 -10.23 29.68 36.70
N GLY B 178 -11.27 28.91 36.98
CA GLY B 178 -11.12 27.50 37.28
C GLY B 178 -12.36 27.06 38.03
N ILE B 179 -12.84 25.84 37.77
CA ILE B 179 -14.05 25.34 38.41
C ILE B 179 -13.94 25.30 39.93
N PHE B 180 -13.12 24.39 40.44
CA PHE B 180 -12.94 24.26 41.88
C PHE B 180 -12.30 25.50 42.51
N SER B 181 -11.33 26.09 41.82
CA SER B 181 -10.61 27.26 42.30
C SER B 181 -11.46 28.46 42.73
N HIS B 182 -12.49 28.79 41.96
CA HIS B 182 -13.29 29.94 42.36
C HIS B 182 -14.23 29.61 43.52
N LEU B 183 -14.54 28.32 43.70
CA LEU B 183 -15.37 27.93 44.83
C LEU B 183 -14.49 28.09 46.06
N ASP B 184 -13.19 27.78 45.88
CA ASP B 184 -12.25 27.90 46.98
C ASP B 184 -12.14 29.36 47.31
N TRP B 185 -12.11 30.21 46.27
CA TRP B 185 -12.01 31.64 46.50
C TRP B 185 -13.11 31.99 47.48
N THR B 186 -14.34 31.96 46.98
CA THR B 186 -15.54 32.27 47.77
C THR B 186 -15.44 31.91 49.26
N ASN B 187 -15.16 30.64 49.54
CA ASN B 187 -15.05 30.20 50.93
C ASN B 187 -14.09 31.10 51.69
N ASN B 188 -12.86 31.17 51.19
CA ASN B 188 -11.84 31.98 51.81
C ASN B 188 -12.26 33.44 51.97
N PHE B 189 -12.79 34.03 50.89
CA PHE B 189 -13.23 35.42 50.93
C PHE B 189 -14.12 35.67 52.13
N SER B 190 -15.09 34.78 52.34
CA SER B 190 -16.00 34.90 53.47
C SER B 190 -15.20 34.86 54.78
N LEU B 191 -14.55 33.72 55.04
CA LEU B 191 -13.75 33.56 56.25
C LEU B 191 -12.92 34.80 56.53
N VAL B 192 -12.18 35.25 55.52
CA VAL B 192 -11.32 36.42 55.65
C VAL B 192 -12.04 37.65 56.20
N HIS B 193 -13.21 37.95 55.63
CA HIS B 193 -13.98 39.12 56.03
C HIS B 193 -15.01 38.90 57.13
N GLY B 194 -14.71 37.98 58.04
CA GLY B 194 -15.60 37.72 59.16
C GLY B 194 -16.98 37.14 58.92
N ASN B 195 -17.05 36.04 58.18
CA ASN B 195 -18.34 35.38 57.92
C ASN B 195 -19.40 36.25 57.26
N LEU B 196 -19.37 36.29 55.93
CA LEU B 196 -20.33 37.07 55.18
C LEU B 196 -21.77 36.91 55.65
N PHE B 197 -22.09 35.79 56.29
CA PHE B 197 -23.47 35.59 56.74
C PHE B 197 -23.95 36.82 57.49
N TYR B 198 -23.04 37.41 58.27
CA TYR B 198 -23.35 38.60 59.06
C TYR B 198 -23.26 39.90 58.27
N ASN B 199 -23.20 39.80 56.94
CA ASN B 199 -23.17 40.97 56.07
C ASN B 199 -24.63 41.28 55.74
N PRO B 200 -25.12 42.46 56.11
CA PRO B 200 -26.52 42.73 55.79
C PRO B 200 -26.80 42.51 54.32
N PHE B 201 -25.92 43.01 53.48
CA PHE B 201 -26.12 42.86 52.04
C PHE B 201 -26.06 41.43 51.53
N HIS B 202 -25.35 40.56 52.25
CA HIS B 202 -25.27 39.18 51.85
C HIS B 202 -26.65 38.60 52.09
N GLY B 203 -27.16 38.80 53.31
CA GLY B 203 -28.49 38.30 53.65
C GLY B 203 -29.55 38.87 52.73
N LEU B 204 -29.64 40.20 52.64
CA LEU B 204 -30.62 40.84 51.77
C LEU B 204 -30.62 40.16 50.42
N SER B 205 -29.42 39.91 49.90
CA SER B 205 -29.27 39.27 48.61
C SER B 205 -29.92 37.89 48.61
N ILE B 206 -29.47 37.04 49.54
CA ILE B 206 -29.99 35.68 49.68
C ILE B 206 -31.51 35.70 49.80
N ALA B 207 -32.02 36.71 50.48
CA ALA B 207 -33.47 36.85 50.65
C ALA B 207 -34.08 36.94 49.25
N PHE B 208 -33.45 37.71 48.38
CA PHE B 208 -33.97 37.85 47.04
C PHE B 208 -33.70 36.62 46.19
N LEU B 209 -32.61 35.91 46.45
CA LEU B 209 -32.31 34.72 45.67
C LEU B 209 -33.42 33.71 45.94
N TYR B 210 -33.78 33.56 47.21
CA TYR B 210 -34.84 32.63 47.56
C TYR B 210 -36.16 33.14 47.00
N GLY B 211 -36.41 34.44 47.19
CA GLY B 211 -37.64 35.01 46.69
C GLY B 211 -37.83 34.69 45.22
N SER B 212 -36.78 34.93 44.44
CA SER B 212 -36.82 34.65 43.01
C SER B 212 -37.33 33.24 42.75
N ALA B 213 -36.77 32.26 43.44
CA ALA B 213 -37.25 30.90 43.24
C ALA B 213 -38.74 30.96 43.57
N LEU B 214 -39.03 31.21 44.83
CA LEU B 214 -40.42 31.33 45.30
C LEU B 214 -41.35 31.94 44.25
N LEU B 215 -41.14 33.23 43.98
CA LEU B 215 -41.96 33.96 43.03
C LEU B 215 -42.13 33.32 41.65
N PHE B 216 -41.04 32.83 41.08
CA PHE B 216 -41.15 32.21 39.76
C PHE B 216 -41.87 30.86 39.94
N ALA B 217 -41.62 30.23 41.08
CA ALA B 217 -42.24 28.96 41.40
C ALA B 217 -43.74 29.19 41.45
N MET B 218 -44.15 30.37 41.93
CA MET B 218 -45.56 30.74 42.03
C MET B 218 -46.12 31.07 40.66
N HIS B 219 -45.67 32.19 40.11
CA HIS B 219 -46.11 32.66 38.80
C HIS B 219 -46.13 31.54 37.80
N GLY B 220 -45.10 30.70 37.83
CA GLY B 220 -45.03 29.59 36.90
C GLY B 220 -46.19 28.63 37.07
N ALA B 221 -46.38 28.16 38.30
CA ALA B 221 -47.47 27.23 38.57
C ALA B 221 -48.80 27.92 38.30
N THR B 222 -48.95 29.11 38.86
CA THR B 222 -50.18 29.88 38.66
C THR B 222 -50.55 29.91 37.19
N ILE B 223 -49.68 30.49 36.37
CA ILE B 223 -49.93 30.56 34.93
C ILE B 223 -50.44 29.21 34.44
N LEU B 224 -49.67 28.16 34.68
CA LEU B 224 -50.08 26.83 34.26
C LEU B 224 -51.47 26.50 34.78
N ALA B 225 -51.72 26.83 36.03
CA ALA B 225 -53.02 26.55 36.64
C ALA B 225 -54.20 27.13 35.84
N VAL B 226 -53.97 28.24 35.15
CA VAL B 226 -55.04 28.85 34.36
C VAL B 226 -54.74 28.78 32.87
N SER B 227 -53.77 27.95 32.48
CA SER B 227 -53.43 27.85 31.07
C SER B 227 -54.62 27.34 30.27
N ARG B 228 -55.54 26.63 30.94
CA ARG B 228 -56.72 26.10 30.26
C ARG B 228 -57.57 27.24 29.73
N PHE B 229 -57.38 28.42 30.31
CA PHE B 229 -58.10 29.63 29.91
C PHE B 229 -57.20 30.47 29.02
N GLY B 230 -56.20 29.82 28.41
CA GLY B 230 -55.27 30.51 27.53
C GLY B 230 -54.51 31.60 28.26
N GLY B 231 -53.99 31.26 29.44
CA GLY B 231 -53.26 32.21 30.25
C GLY B 231 -51.82 32.50 29.84
N GLU B 232 -51.11 31.49 29.35
CA GLU B 232 -49.72 31.70 28.96
C GLU B 232 -49.60 32.89 28.01
N ARG B 233 -50.70 33.23 27.36
CA ARG B 233 -50.75 34.36 26.43
C ARG B 233 -50.95 35.65 27.23
N GLU B 234 -49.91 35.98 28.00
CA GLU B 234 -49.91 37.14 28.87
C GLU B 234 -50.07 38.52 28.23
N LEU B 235 -49.33 38.81 27.18
CA LEU B 235 -49.44 40.12 26.53
C LEU B 235 -50.86 40.48 26.11
N GLU B 236 -51.59 39.52 25.55
CA GLU B 236 -52.96 39.74 25.11
C GLU B 236 -53.89 39.88 26.34
N GLN B 237 -53.51 39.22 27.43
CA GLN B 237 -54.29 39.29 28.66
C GLN B 237 -54.04 40.64 29.31
N ILE B 238 -52.92 41.26 28.95
CA ILE B 238 -52.54 42.56 29.47
C ILE B 238 -53.46 43.61 28.87
N ALA B 239 -53.63 43.53 27.56
CA ALA B 239 -54.44 44.46 26.80
C ALA B 239 -55.92 44.11 26.73
N ASP B 240 -56.27 42.88 27.07
CA ASP B 240 -57.67 42.48 27.02
C ASP B 240 -57.94 41.39 28.05
N ARG B 241 -58.06 41.80 29.30
CA ARG B 241 -58.31 40.90 30.42
C ARG B 241 -59.20 39.73 30.07
N GLY B 242 -58.79 38.55 30.51
CA GLY B 242 -59.54 37.36 30.27
C GLY B 242 -59.89 36.72 31.59
N THR B 243 -60.74 35.71 31.56
CA THR B 243 -61.14 35.04 32.78
C THR B 243 -59.91 34.47 33.49
N ALA B 244 -58.86 34.17 32.71
CA ALA B 244 -57.65 33.63 33.29
C ALA B 244 -56.98 34.66 34.21
N ALA B 245 -56.81 35.88 33.71
CA ALA B 245 -56.19 36.93 34.48
C ALA B 245 -57.03 37.37 35.67
N GLU B 246 -58.24 36.83 35.78
CA GLU B 246 -59.11 37.18 36.90
C GLU B 246 -59.01 36.10 37.97
N ARG B 247 -59.14 34.86 37.54
CA ARG B 247 -59.06 33.72 38.45
C ARG B 247 -57.73 33.74 39.18
N ALA B 248 -56.64 33.97 38.45
CA ALA B 248 -55.32 34.01 39.07
C ALA B 248 -55.34 35.10 40.13
N ALA B 249 -55.55 36.33 39.68
CA ALA B 249 -55.59 37.47 40.60
C ALA B 249 -56.48 37.18 41.80
N LEU B 250 -57.55 36.43 41.58
CA LEU B 250 -58.47 36.08 42.66
C LEU B 250 -57.94 34.94 43.50
N PHE B 251 -57.15 34.05 42.91
CA PHE B 251 -56.61 32.94 43.68
C PHE B 251 -55.80 33.47 44.85
N TRP B 252 -54.82 34.32 44.54
CA TRP B 252 -53.95 34.88 45.57
C TRP B 252 -54.62 35.88 46.47
N ARG B 253 -55.50 36.73 45.93
CA ARG B 253 -56.17 37.70 46.77
C ARG B 253 -56.87 36.98 47.91
N TRP B 254 -57.37 35.78 47.65
CA TRP B 254 -58.07 35.01 48.67
C TRP B 254 -57.10 34.26 49.55
N THR B 255 -55.94 33.91 49.00
CA THR B 255 -54.92 33.19 49.74
C THR B 255 -54.11 34.09 50.66
N MET B 256 -53.51 35.12 50.08
CA MET B 256 -52.67 36.04 50.85
C MET B 256 -53.22 37.45 51.10
N GLY B 257 -54.40 37.75 50.59
CA GLY B 257 -54.97 39.07 50.84
C GLY B 257 -54.72 40.14 49.78
N PHE B 258 -53.65 40.00 49.01
CA PHE B 258 -53.35 40.96 47.94
C PHE B 258 -52.99 40.24 46.65
N ASN B 259 -52.78 41.00 45.58
CA ASN B 259 -52.45 40.40 44.29
C ASN B 259 -51.87 41.37 43.28
N ALA B 260 -51.39 40.81 42.17
CA ALA B 260 -50.80 41.57 41.09
C ALA B 260 -51.74 41.64 39.90
N THR B 261 -51.23 42.16 38.79
CA THR B 261 -52.00 42.26 37.56
C THR B 261 -51.20 41.51 36.50
N MET B 262 -51.89 40.93 35.53
CA MET B 262 -51.22 40.16 34.48
C MET B 262 -49.90 40.82 34.06
N GLU B 263 -49.85 42.15 34.11
CA GLU B 263 -48.65 42.89 33.76
C GLU B 263 -47.73 42.95 34.96
N GLY B 264 -48.13 43.77 35.94
CA GLY B 264 -47.37 43.98 37.15
C GLY B 264 -46.64 42.81 37.78
N ILE B 265 -47.21 41.61 37.73
CA ILE B 265 -46.58 40.43 38.31
C ILE B 265 -45.16 40.39 37.77
N HIS B 266 -45.02 40.71 36.49
CA HIS B 266 -43.72 40.71 35.84
C HIS B 266 -42.84 41.87 36.34
N ARG B 267 -43.48 42.95 36.80
CA ARG B 267 -42.73 44.08 37.33
C ARG B 267 -42.18 43.63 38.66
N TRP B 268 -42.79 42.59 39.22
CA TRP B 268 -42.28 42.05 40.47
C TRP B 268 -41.11 41.15 40.07
N ALA B 269 -41.45 40.17 39.24
CA ALA B 269 -40.49 39.19 38.72
C ALA B 269 -39.15 39.80 38.37
N ILE B 270 -39.20 40.94 37.69
CA ILE B 270 -37.98 41.61 37.30
C ILE B 270 -37.21 42.18 38.49
N TRP B 271 -37.87 42.99 39.30
CA TRP B 271 -37.17 43.56 40.44
C TRP B 271 -36.73 42.47 41.41
N MET B 272 -37.60 41.48 41.60
CA MET B 272 -37.29 40.37 42.50
C MET B 272 -35.96 39.74 42.15
N ALA B 273 -35.68 39.64 40.85
CA ALA B 273 -34.44 39.05 40.39
C ALA B 273 -33.27 40.04 40.39
N VAL B 274 -33.41 41.12 39.63
CA VAL B 274 -32.33 42.12 39.56
C VAL B 274 -31.84 42.51 40.94
N LEU B 275 -32.73 42.50 41.92
CA LEU B 275 -32.34 42.86 43.28
C LEU B 275 -31.37 41.88 43.93
N VAL B 276 -31.07 40.77 43.27
CA VAL B 276 -30.13 39.82 43.84
C VAL B 276 -28.71 40.30 43.63
N THR B 277 -28.36 40.57 42.39
CA THR B 277 -27.00 41.03 42.09
C THR B 277 -26.79 42.45 42.57
N LEU B 278 -27.86 43.25 42.55
CA LEU B 278 -27.77 44.63 43.03
C LEU B 278 -27.28 44.65 44.46
N THR B 279 -28.22 44.43 45.39
CA THR B 279 -27.88 44.39 46.80
C THR B 279 -26.60 43.61 46.88
N GLY B 280 -26.63 42.46 46.22
CA GLY B 280 -25.48 41.59 46.19
C GLY B 280 -24.20 42.35 45.92
N GLY B 281 -24.09 42.91 44.72
CA GLY B 281 -22.90 43.66 44.36
C GLY B 281 -22.42 44.56 45.47
N ILE B 282 -23.31 45.42 45.95
CA ILE B 282 -23.02 46.35 47.03
C ILE B 282 -22.30 45.68 48.20
N GLY B 283 -22.89 44.63 48.73
CA GLY B 283 -22.27 43.94 49.85
C GLY B 283 -20.83 43.53 49.62
N ILE B 284 -20.52 43.02 48.43
CA ILE B 284 -19.16 42.60 48.15
C ILE B 284 -18.21 43.80 48.09
N LEU B 285 -18.68 44.89 47.50
CA LEU B 285 -17.87 46.09 47.37
C LEU B 285 -17.47 46.64 48.72
N LEU B 286 -18.41 46.64 49.66
CA LEU B 286 -18.15 47.16 51.00
C LEU B 286 -17.16 46.29 51.78
N SER B 287 -17.01 45.04 51.36
CA SER B 287 -16.10 44.11 52.04
C SER B 287 -14.65 44.46 51.78
N GLY B 288 -13.85 44.50 52.85
CA GLY B 288 -12.45 44.83 52.70
C GLY B 288 -12.19 46.31 52.54
N THR B 289 -12.97 46.96 51.70
CA THR B 289 -12.81 48.39 51.48
C THR B 289 -13.31 49.16 52.69
N VAL B 290 -14.58 48.94 53.05
CA VAL B 290 -15.19 49.63 54.18
C VAL B 290 -15.23 48.83 55.46
N VAL B 291 -15.61 47.55 55.34
CA VAL B 291 -15.71 46.66 56.50
C VAL B 291 -14.68 45.53 56.43
N ASP B 292 -14.04 45.25 57.56
CA ASP B 292 -13.03 44.19 57.66
C ASP B 292 -13.59 42.85 58.12
N ASN B 293 -14.42 42.92 59.16
CA ASN B 293 -15.04 41.73 59.73
C ASN B 293 -16.54 41.99 59.93
N TRP B 294 -17.38 41.24 59.25
CA TRP B 294 -18.82 41.46 59.36
C TRP B 294 -19.46 41.00 60.67
N TYR B 295 -18.88 40.00 61.32
CA TYR B 295 -19.45 39.54 62.58
C TYR B 295 -19.42 40.71 63.57
N VAL B 296 -18.22 41.28 63.73
CA VAL B 296 -17.98 42.41 64.61
C VAL B 296 -18.85 43.60 64.24
N TRP B 297 -18.80 43.98 62.97
CA TRP B 297 -19.61 45.09 62.50
C TRP B 297 -21.06 44.81 62.84
N GLY B 298 -21.40 43.52 62.92
CA GLY B 298 -22.77 43.14 63.23
C GLY B 298 -23.10 43.31 64.70
N GLN B 299 -22.14 43.02 65.57
CA GLN B 299 -22.35 43.15 67.01
C GLN B 299 -22.51 44.60 67.43
N ASN B 300 -22.02 45.54 66.63
CA ASN B 300 -22.12 46.96 66.97
C ASN B 300 -23.41 47.57 66.42
N HIS B 301 -24.09 46.84 65.55
CA HIS B 301 -25.33 47.30 64.92
C HIS B 301 -26.47 46.32 65.16
N GLY C 8 -14.29 64.03 62.25
CA GLY C 8 -15.67 63.50 62.16
C GLY C 8 -15.93 62.71 60.89
N ASN C 9 -16.61 61.57 61.02
CA ASN C 9 -16.94 60.71 59.88
C ASN C 9 -18.24 59.93 60.10
N PHE C 10 -18.56 59.03 59.17
CA PHE C 10 -19.76 58.22 59.27
C PHE C 10 -19.49 56.77 58.80
N ASP C 11 -20.30 55.84 59.29
CA ASP C 11 -20.14 54.43 58.93
C ASP C 11 -20.80 54.12 57.59
N LEU C 12 -20.01 54.20 56.54
CA LEU C 12 -20.47 53.97 55.17
C LEU C 12 -21.47 52.82 55.06
N ALA C 13 -21.07 51.64 55.52
CA ALA C 13 -21.91 50.45 55.45
C ALA C 13 -23.32 50.65 55.98
N SER C 14 -23.43 51.05 57.24
CA SER C 14 -24.74 51.25 57.89
C SER C 14 -25.54 52.36 57.23
N LEU C 15 -24.87 53.32 56.61
CA LEU C 15 -25.59 54.39 55.91
C LEU C 15 -26.21 53.74 54.67
N ALA C 16 -25.42 52.88 54.01
CA ALA C 16 -25.86 52.19 52.81
C ALA C 16 -27.06 51.29 53.13
N ILE C 17 -26.91 50.42 54.12
CA ILE C 17 -27.98 49.53 54.50
C ILE C 17 -29.24 50.33 54.81
N TYR C 18 -29.06 51.45 55.52
CA TYR C 18 -30.18 52.32 55.87
C TYR C 18 -30.85 52.80 54.61
N SER C 19 -30.07 53.47 53.77
CA SER C 19 -30.58 53.99 52.51
C SER C 19 -31.37 52.91 51.80
N PHE C 20 -30.74 51.75 51.60
CA PHE C 20 -31.39 50.66 50.89
C PHE C 20 -32.82 50.37 51.33
N TRP C 21 -33.06 50.39 52.64
CA TRP C 21 -34.40 50.12 53.11
C TRP C 21 -35.36 51.19 52.63
N ILE C 22 -34.96 52.45 52.74
CA ILE C 22 -35.83 53.53 52.28
C ILE C 22 -36.24 53.18 50.85
N PHE C 23 -35.24 52.77 50.07
CA PHE C 23 -35.42 52.37 48.68
C PHE C 23 -36.45 51.28 48.52
N LEU C 24 -36.22 50.15 49.18
CA LEU C 24 -37.12 49.00 49.07
C LEU C 24 -38.59 49.38 49.32
N ALA C 25 -38.86 50.04 50.45
CA ALA C 25 -40.24 50.45 50.75
C ALA C 25 -40.82 51.16 49.54
N GLY C 26 -40.09 52.16 49.05
CA GLY C 26 -40.54 52.91 47.89
C GLY C 26 -40.84 52.04 46.70
N LEU C 27 -40.00 51.05 46.45
CA LEU C 27 -40.21 50.14 45.33
C LEU C 27 -41.51 49.38 45.59
N ILE C 28 -41.64 48.84 46.80
CA ILE C 28 -42.83 48.10 47.20
C ILE C 28 -44.05 48.96 46.85
N TYR C 29 -44.09 50.17 47.39
CA TYR C 29 -45.18 51.08 47.12
C TYR C 29 -45.39 51.22 45.62
N TYR C 30 -44.31 51.46 44.90
CA TYR C 30 -44.38 51.61 43.45
C TYR C 30 -45.07 50.41 42.83
N LEU C 31 -44.47 49.24 43.03
CA LEU C 31 -44.99 47.98 42.51
C LEU C 31 -46.47 47.82 42.76
N GLN C 32 -46.83 47.84 44.04
CA GLN C 32 -48.20 47.69 44.46
C GLN C 32 -49.14 48.61 43.68
N THR C 33 -48.96 49.91 43.83
CA THR C 33 -49.81 50.86 43.12
C THR C 33 -49.90 50.54 41.63
N GLU C 34 -48.78 50.17 41.04
CA GLU C 34 -48.75 49.85 39.62
C GLU C 34 -49.68 48.66 39.36
N ASN C 35 -49.78 47.77 40.34
CA ASN C 35 -50.63 46.59 40.22
C ASN C 35 -52.07 46.88 40.64
N MET C 36 -52.52 48.10 40.41
CA MET C 36 -53.88 48.48 40.77
C MET C 36 -54.61 49.08 39.57
N ARG C 37 -54.14 48.71 38.38
CA ARG C 37 -54.76 49.21 37.16
C ARG C 37 -55.95 48.35 36.78
N GLU C 38 -55.92 47.09 37.20
CA GLU C 38 -57.00 46.15 36.90
C GLU C 38 -57.66 45.73 38.21
N GLY C 39 -58.97 45.97 38.34
CA GLY C 39 -59.64 45.56 39.55
C GLY C 39 -60.03 46.64 40.53
N TYR C 40 -59.35 47.77 40.47
CA TYR C 40 -59.67 48.86 41.38
C TYR C 40 -60.49 49.90 40.62
N PRO C 41 -61.29 50.71 41.34
CA PRO C 41 -61.48 50.73 42.80
C PRO C 41 -62.20 49.48 43.28
N LEU C 42 -62.15 49.23 44.58
CA LEU C 42 -62.82 48.06 45.14
C LEU C 42 -64.27 48.40 45.47
N GLU C 43 -65.16 47.49 45.08
CA GLU C 43 -66.60 47.66 45.30
C GLU C 43 -67.02 46.74 46.45
N ASN C 44 -68.20 46.99 47.01
CA ASN C 44 -68.71 46.15 48.08
C ASN C 44 -69.49 45.02 47.41
N GLU C 45 -69.98 44.07 48.19
CA GLU C 45 -70.74 42.98 47.61
C GLU C 45 -71.98 43.57 46.95
N ASP C 46 -72.25 44.82 47.28
CA ASP C 46 -73.39 45.56 46.76
C ASP C 46 -73.19 45.92 45.28
N GLY C 47 -72.14 46.70 45.02
CA GLY C 47 -71.83 47.14 43.67
C GLY C 47 -71.40 48.59 43.73
N THR C 48 -71.37 49.13 44.94
CA THR C 48 -70.99 50.51 45.20
C THR C 48 -69.61 50.60 45.85
N PRO C 49 -68.87 51.69 45.59
CA PRO C 49 -67.53 51.92 46.14
C PRO C 49 -67.39 51.55 47.61
N ALA C 50 -66.21 51.07 47.98
CA ALA C 50 -65.95 50.66 49.36
C ALA C 50 -65.39 51.81 50.20
N ALA C 51 -65.01 52.89 49.53
CA ALA C 51 -64.48 54.09 50.19
C ALA C 51 -63.18 53.81 50.94
N ASN C 52 -63.04 52.59 51.45
CA ASN C 52 -61.84 52.18 52.17
C ASN C 52 -60.98 51.36 51.20
N GLN C 53 -60.45 52.04 50.19
CA GLN C 53 -59.61 51.43 49.16
C GLN C 53 -58.29 50.88 49.68
N GLY C 54 -57.81 51.43 50.79
CA GLY C 54 -56.56 50.97 51.36
C GLY C 54 -55.53 52.08 51.45
N PRO C 55 -54.29 51.75 51.83
CA PRO C 55 -53.22 52.74 51.95
C PRO C 55 -52.67 53.20 50.61
N PHE C 56 -52.62 52.28 49.65
CA PHE C 56 -52.09 52.56 48.31
C PHE C 56 -53.11 53.23 47.41
N PRO C 57 -52.70 54.32 46.74
CA PRO C 57 -53.53 55.10 45.83
C PRO C 57 -53.44 54.60 44.38
N LEU C 58 -54.50 54.82 43.61
CA LEU C 58 -54.48 54.40 42.22
C LEU C 58 -53.40 55.18 41.49
N PRO C 59 -52.76 54.57 40.49
CA PRO C 59 -51.70 55.20 39.71
C PRO C 59 -52.23 56.10 38.60
N LYS C 60 -51.34 56.88 38.00
CA LYS C 60 -51.73 57.77 36.92
C LYS C 60 -51.97 56.93 35.67
N PRO C 61 -53.07 57.17 34.96
CA PRO C 61 -53.43 56.43 33.75
C PRO C 61 -52.33 56.38 32.68
N LYS C 62 -52.25 55.24 32.01
CA LYS C 62 -51.29 55.03 30.94
C LYS C 62 -52.09 54.41 29.80
N THR C 63 -51.70 54.67 28.57
CA THR C 63 -52.43 54.12 27.43
C THR C 63 -51.62 53.11 26.61
N PHE C 64 -52.24 51.99 26.31
CA PHE C 64 -51.61 50.95 25.51
C PHE C 64 -52.10 51.08 24.09
N ILE C 65 -51.16 51.21 23.15
CA ILE C 65 -51.53 51.32 21.74
C ILE C 65 -51.50 49.89 21.21
N LEU C 66 -52.68 49.30 21.05
CA LEU C 66 -52.75 47.93 20.56
C LEU C 66 -52.39 47.81 19.09
N PRO C 67 -51.71 46.72 18.72
CA PRO C 67 -51.29 46.47 17.33
C PRO C 67 -52.40 46.01 16.41
N HIS C 68 -52.09 46.02 15.11
CA HIS C 68 -53.02 45.59 14.08
C HIS C 68 -54.18 46.57 13.91
N GLY C 69 -54.11 47.70 14.61
CA GLY C 69 -55.15 48.71 14.52
C GLY C 69 -56.36 48.44 15.39
N ARG C 70 -56.17 47.60 16.41
CA ARG C 70 -57.25 47.25 17.33
C ARG C 70 -57.65 48.41 18.25
N GLY C 71 -56.85 49.47 18.25
CA GLY C 71 -57.16 50.63 19.08
C GLY C 71 -56.22 50.85 20.24
N THR C 72 -56.76 51.43 21.31
CA THR C 72 -55.99 51.74 22.51
C THR C 72 -56.55 51.08 23.76
N LEU C 73 -56.03 51.51 24.91
CA LEU C 73 -56.46 50.99 26.20
C LEU C 73 -55.82 51.89 27.26
N THR C 74 -56.65 52.55 28.06
CA THR C 74 -56.16 53.44 29.10
C THR C 74 -56.47 52.87 30.47
N VAL C 75 -55.42 52.54 31.23
CA VAL C 75 -55.57 51.99 32.56
C VAL C 75 -54.82 52.80 33.61
N PRO C 76 -55.42 52.97 34.81
CA PRO C 76 -56.73 52.45 35.18
C PRO C 76 -57.85 53.28 34.55
N GLY C 77 -58.98 52.63 34.29
CA GLY C 77 -60.10 53.33 33.69
C GLY C 77 -61.45 52.80 34.12
N PRO C 78 -62.54 53.29 33.53
CA PRO C 78 -63.90 52.85 33.86
C PRO C 78 -64.02 51.33 33.79
N GLU C 79 -64.71 50.74 34.75
CA GLU C 79 -64.88 49.28 34.77
C GLU C 79 -65.82 48.80 33.68
N SER C 80 -65.31 47.92 32.81
CA SER C 80 -66.09 47.38 31.71
C SER C 80 -67.23 46.48 32.16
N GLU C 81 -66.87 45.32 32.74
CA GLU C 81 -67.84 44.34 33.22
C GLU C 81 -69.29 44.72 32.93
N ASP C 82 -69.80 44.27 31.80
CA ASP C 82 -71.17 44.57 31.41
C ASP C 82 -71.89 43.29 30.98
N ARG C 83 -72.59 42.68 31.93
CA ARG C 83 -73.35 41.46 31.72
C ARG C 83 -73.95 41.12 33.08
N PRO C 84 -75.26 40.86 33.11
CA PRO C 84 -75.97 40.51 34.35
C PRO C 84 -75.37 39.34 35.12
N ILE C 85 -75.12 39.56 36.41
CA ILE C 85 -74.55 38.53 37.26
C ILE C 85 -75.71 37.76 37.87
N ALA C 86 -75.97 36.57 37.35
CA ALA C 86 -77.07 35.73 37.83
C ALA C 86 -76.75 35.09 39.18
N LEU C 87 -76.48 35.92 40.17
CA LEU C 87 -76.17 35.45 41.52
C LEU C 87 -76.81 36.37 42.54
N ALA C 88 -77.32 35.79 43.62
CA ALA C 88 -77.96 36.57 44.67
C ALA C 88 -77.29 36.30 46.02
N ARG C 89 -77.29 37.30 46.89
CA ARG C 89 -76.70 37.18 48.21
C ARG C 89 -77.22 35.92 48.91
N THR C 90 -76.51 35.49 49.95
CA THR C 90 -76.90 34.32 50.71
C THR C 90 -77.17 34.79 52.14
N ALA C 91 -76.64 35.97 52.45
CA ALA C 91 -76.82 36.56 53.77
C ALA C 91 -76.63 38.06 53.65
N VAL C 92 -77.01 38.79 54.69
CA VAL C 92 -76.88 40.24 54.71
C VAL C 92 -75.54 40.65 55.35
N SER C 93 -74.74 39.65 55.69
CA SER C 93 -73.45 39.90 56.29
C SER C 93 -72.40 39.80 55.18
N GLU C 94 -71.56 40.82 55.06
CA GLU C 94 -70.53 40.82 54.04
C GLU C 94 -69.64 39.58 54.21
N GLY C 95 -69.05 39.13 53.11
CA GLY C 95 -68.17 37.98 53.16
C GLY C 95 -68.77 36.61 52.93
N PHE C 96 -69.98 36.56 52.40
CA PHE C 96 -70.60 35.27 52.14
C PHE C 96 -70.84 35.02 50.65
N PRO C 97 -70.79 33.74 50.24
CA PRO C 97 -70.98 33.34 48.84
C PRO C 97 -72.25 33.92 48.23
N HIS C 98 -72.37 33.81 46.91
CA HIS C 98 -73.54 34.29 46.20
C HIS C 98 -73.98 33.18 45.25
N ALA C 99 -74.96 32.39 45.70
CA ALA C 99 -75.48 31.26 44.94
C ALA C 99 -76.24 31.64 43.68
N PRO C 100 -76.05 30.85 42.60
CA PRO C 100 -76.71 31.08 41.30
C PRO C 100 -78.24 31.06 41.40
N THR C 101 -78.88 31.96 40.65
CA THR C 101 -80.35 32.05 40.63
C THR C 101 -80.91 30.96 39.72
N GLY C 102 -80.25 30.75 38.59
CA GLY C 102 -80.67 29.74 37.63
C GLY C 102 -79.59 28.70 37.38
N ASP C 103 -79.21 28.53 36.12
CA ASP C 103 -78.18 27.57 35.76
C ASP C 103 -76.83 28.27 35.63
N PRO C 104 -75.94 28.10 36.62
CA PRO C 104 -74.63 28.74 36.60
C PRO C 104 -73.82 28.38 35.35
N MET C 105 -73.82 27.11 34.98
CA MET C 105 -73.10 26.66 33.81
C MET C 105 -73.52 27.44 32.56
N LYS C 106 -74.80 27.80 32.50
CA LYS C 106 -75.33 28.55 31.35
C LYS C 106 -75.22 30.06 31.59
N ASP C 107 -75.67 30.50 32.76
CA ASP C 107 -75.62 31.92 33.12
C ASP C 107 -74.18 32.39 33.24
N GLY C 108 -73.24 31.46 33.18
CA GLY C 108 -71.82 31.79 33.27
C GLY C 108 -71.37 32.50 34.54
N VAL C 109 -71.21 31.75 35.61
CA VAL C 109 -70.76 32.30 36.89
C VAL C 109 -69.81 31.35 37.62
N GLY C 110 -69.35 31.78 38.80
CA GLY C 110 -68.43 30.97 39.59
C GLY C 110 -67.29 30.42 38.76
N PRO C 111 -67.08 29.09 38.80
CA PRO C 111 -66.02 28.40 38.06
C PRO C 111 -66.31 28.26 36.57
N ALA C 112 -67.47 28.76 36.15
CA ALA C 112 -67.86 28.73 34.74
C ALA C 112 -68.14 30.15 34.27
N SER C 113 -67.22 31.05 34.57
CA SER C 113 -67.36 32.44 34.19
C SER C 113 -66.54 32.74 32.94
N TRP C 114 -66.82 33.88 32.32
CA TRP C 114 -66.11 34.34 31.13
C TRP C 114 -66.06 35.85 31.16
N VAL C 115 -65.07 36.42 30.47
CA VAL C 115 -64.91 37.87 30.42
C VAL C 115 -65.36 38.43 29.09
N ALA C 116 -65.87 39.67 29.10
CA ALA C 116 -66.36 40.34 27.89
C ALA C 116 -65.22 40.83 26.99
N ARG C 117 -64.28 39.94 26.70
CA ARG C 117 -63.13 40.26 25.85
C ARG C 117 -63.51 40.68 24.44
N ARG C 118 -62.61 41.41 23.78
CA ARG C 118 -62.84 41.87 22.42
C ARG C 118 -63.33 40.70 21.58
N ASP C 119 -64.38 40.94 20.80
CA ASP C 119 -64.97 39.92 19.96
C ASP C 119 -64.23 39.76 18.63
N LEU C 120 -62.99 39.29 18.69
CA LEU C 120 -62.17 39.09 17.50
C LEU C 120 -61.12 38.02 17.79
N PRO C 121 -60.66 37.31 16.74
CA PRO C 121 -59.65 36.25 16.89
C PRO C 121 -58.26 36.81 17.19
N GLU C 122 -57.42 36.07 17.89
CA GLU C 122 -56.09 36.57 18.18
C GLU C 122 -55.26 36.44 16.92
N LEU C 123 -54.52 37.50 16.60
CA LEU C 123 -53.68 37.56 15.41
C LEU C 123 -52.20 37.43 15.75
N ASP C 124 -51.46 36.73 14.89
CA ASP C 124 -50.03 36.54 15.11
C ASP C 124 -49.26 37.79 14.65
N GLY C 125 -47.95 37.66 14.54
CA GLY C 125 -47.13 38.79 14.15
C GLY C 125 -47.42 39.43 12.81
N HIS C 126 -47.84 38.62 11.84
CA HIS C 126 -48.13 39.12 10.49
C HIS C 126 -49.49 39.78 10.36
N GLY C 127 -50.49 39.21 11.02
CA GLY C 127 -51.83 39.77 10.96
C GLY C 127 -52.87 38.71 10.65
N HIS C 128 -52.43 37.45 10.63
CA HIS C 128 -53.30 36.32 10.36
C HIS C 128 -53.81 35.74 11.67
N ASN C 129 -54.91 34.99 11.61
CA ASN C 129 -55.45 34.38 12.81
C ASN C 129 -54.35 33.56 13.49
N LYS C 130 -54.47 33.40 14.80
CA LYS C 130 -53.48 32.65 15.56
C LYS C 130 -53.86 31.18 15.61
N ILE C 131 -55.17 30.91 15.60
CA ILE C 131 -55.68 29.55 15.65
C ILE C 131 -56.46 29.22 14.38
N LYS C 132 -56.15 28.09 13.76
CA LYS C 132 -56.82 27.66 12.53
C LYS C 132 -57.11 26.16 12.59
N PRO C 133 -58.19 25.72 11.94
CA PRO C 133 -58.52 24.29 11.96
C PRO C 133 -57.49 23.63 11.03
N MET C 134 -56.69 22.71 11.57
CA MET C 134 -55.64 22.04 10.79
C MET C 134 -56.01 21.72 9.34
N LYS C 135 -57.25 21.33 9.09
CA LYS C 135 -57.68 21.02 7.74
C LYS C 135 -57.84 22.30 6.92
N ALA C 136 -57.06 23.32 7.30
CA ALA C 136 -57.06 24.61 6.64
C ALA C 136 -55.70 25.28 6.89
N ALA C 137 -54.83 24.57 7.60
CA ALA C 137 -53.50 25.05 7.92
C ALA C 137 -52.61 25.09 6.67
N ALA C 138 -51.45 25.72 6.80
CA ALA C 138 -50.51 25.84 5.70
C ALA C 138 -49.42 24.77 5.74
N GLY C 139 -49.84 23.51 5.88
CA GLY C 139 -48.88 22.41 5.91
C GLY C 139 -48.59 21.84 7.29
N PHE C 140 -49.65 21.52 8.04
CA PHE C 140 -49.49 20.96 9.39
C PHE C 140 -49.96 19.50 9.46
N HIS C 141 -49.01 18.61 9.68
CA HIS C 141 -49.29 17.18 9.76
C HIS C 141 -49.43 16.72 11.22
N VAL C 142 -49.95 15.52 11.41
CA VAL C 142 -50.14 14.95 12.74
C VAL C 142 -48.99 14.02 13.10
N SER C 143 -47.85 14.60 13.46
CA SER C 143 -46.68 13.81 13.85
C SER C 143 -46.50 13.84 15.36
N ALA C 144 -47.49 14.41 16.05
CA ALA C 144 -47.45 14.50 17.51
C ALA C 144 -47.53 13.12 18.15
N GLY C 145 -48.14 12.18 17.44
CA GLY C 145 -48.26 10.82 17.94
C GLY C 145 -49.55 10.11 17.55
N LYS C 146 -50.57 10.23 18.40
CA LYS C 146 -51.86 9.59 18.16
C LYS C 146 -52.87 10.55 17.53
N ASN C 147 -53.52 10.10 16.46
CA ASN C 147 -54.52 10.91 15.78
C ASN C 147 -55.86 10.82 16.51
N PRO C 148 -56.34 11.95 17.04
CA PRO C 148 -57.62 11.98 17.75
C PRO C 148 -58.81 12.12 16.81
N ILE C 149 -58.53 12.53 15.58
CA ILE C 149 -59.58 12.71 14.57
C ILE C 149 -60.30 11.39 14.26
N GLY C 150 -61.60 11.37 14.52
CA GLY C 150 -62.39 10.18 14.25
C GLY C 150 -62.94 9.54 15.51
N LEU C 151 -62.04 9.17 16.42
CA LEU C 151 -62.40 8.54 17.68
C LEU C 151 -63.59 9.24 18.35
N PRO C 152 -64.41 8.49 19.10
CA PRO C 152 -65.57 9.07 19.79
C PRO C 152 -65.18 10.00 20.95
N VAL C 153 -66.19 10.66 21.50
CA VAL C 153 -66.00 11.59 22.61
C VAL C 153 -67.11 11.41 23.64
N ARG C 154 -66.76 10.83 24.79
CA ARG C 154 -67.73 10.58 25.86
C ARG C 154 -67.59 11.54 27.03
N GLY C 155 -68.63 11.60 27.86
CA GLY C 155 -68.62 12.47 29.02
C GLY C 155 -68.34 11.73 30.30
N CYS C 156 -68.27 12.48 31.41
CA CYS C 156 -68.01 11.92 32.72
C CYS C 156 -69.06 10.86 33.09
N ASP C 157 -70.12 10.79 32.29
CA ASP C 157 -71.19 9.82 32.51
C ASP C 157 -70.92 8.58 31.66
N LEU C 158 -69.79 8.60 30.97
CA LEU C 158 -69.34 7.51 30.11
C LEU C 158 -70.12 7.34 28.81
N GLU C 159 -71.17 8.14 28.64
CA GLU C 159 -71.98 8.08 27.41
C GLU C 159 -71.33 8.93 26.33
N ILE C 160 -71.29 8.40 25.11
CA ILE C 160 -70.68 9.11 24.00
C ILE C 160 -71.57 10.27 23.57
N ALA C 161 -70.95 11.32 23.02
CA ALA C 161 -71.68 12.50 22.59
C ALA C 161 -71.22 13.07 21.25
N GLY C 162 -70.35 12.35 20.54
CA GLY C 162 -69.86 12.84 19.25
C GLY C 162 -68.45 12.35 18.95
N LYS C 163 -67.92 12.75 17.80
CA LYS C 163 -66.56 12.34 17.42
C LYS C 163 -65.66 13.49 17.00
N VAL C 164 -64.35 13.29 17.13
CA VAL C 164 -63.36 14.29 16.76
C VAL C 164 -63.37 14.47 15.26
N VAL C 165 -63.66 15.68 14.81
CA VAL C 165 -63.72 15.99 13.39
C VAL C 165 -62.47 16.70 12.89
N ASP C 166 -61.88 17.55 13.73
CA ASP C 166 -60.69 18.30 13.34
C ASP C 166 -59.93 18.88 14.53
N ILE C 167 -58.64 19.11 14.31
CA ILE C 167 -57.77 19.68 15.33
C ILE C 167 -57.45 21.13 15.00
N TRP C 168 -57.70 22.03 15.93
CA TRP C 168 -57.39 23.43 15.71
C TRP C 168 -55.97 23.64 16.20
N VAL C 169 -55.16 24.31 15.40
CA VAL C 169 -53.76 24.51 15.75
C VAL C 169 -53.39 25.97 15.97
N ASP C 170 -52.43 26.19 16.86
CA ASP C 170 -51.93 27.52 17.17
C ASP C 170 -50.71 27.75 16.30
N ILE C 171 -50.95 28.06 15.03
CA ILE C 171 -49.90 28.30 14.06
C ILE C 171 -48.60 28.86 14.65
N PRO C 172 -48.67 30.00 15.35
CA PRO C 172 -47.45 30.58 15.93
C PRO C 172 -46.69 29.62 16.87
N GLU C 173 -47.19 29.46 18.10
CA GLU C 173 -46.54 28.57 19.06
C GLU C 173 -46.55 27.12 18.58
N GLN C 174 -47.26 26.88 17.49
CA GLN C 174 -47.36 25.56 16.88
C GLN C 174 -47.69 24.47 17.90
N MET C 175 -48.94 24.44 18.33
CA MET C 175 -49.43 23.46 19.30
C MET C 175 -50.94 23.39 19.23
N ALA C 176 -51.49 22.18 19.35
CA ALA C 176 -52.94 22.00 19.30
C ALA C 176 -53.58 22.70 20.49
N ARG C 177 -54.68 23.41 20.25
CA ARG C 177 -55.39 24.12 21.31
C ARG C 177 -56.87 23.82 21.43
N PHE C 178 -57.45 23.23 20.38
CA PHE C 178 -58.88 22.90 20.40
C PHE C 178 -59.24 21.63 19.62
N LEU C 179 -60.33 20.99 20.05
CA LEU C 179 -60.81 19.78 19.41
C LEU C 179 -62.26 19.93 18.94
N GLU C 180 -62.43 20.02 17.63
CA GLU C 180 -63.75 20.17 17.03
C GLU C 180 -64.47 18.82 16.96
N VAL C 181 -65.44 18.61 17.85
CA VAL C 181 -66.18 17.36 17.89
C VAL C 181 -67.63 17.54 17.42
N GLU C 182 -67.96 16.86 16.33
CA GLU C 182 -69.30 16.92 15.77
C GLU C 182 -70.29 16.24 16.70
N LEU C 183 -71.40 16.91 16.98
CA LEU C 183 -72.43 16.37 17.86
C LEU C 183 -73.40 15.50 17.06
N LYS C 184 -74.45 15.03 17.73
CA LYS C 184 -75.45 14.18 17.07
C LYS C 184 -76.38 14.95 16.13
N ASP C 185 -76.50 16.26 16.35
CA ASP C 185 -77.38 17.06 15.52
C ASP C 185 -76.69 17.77 14.35
N GLY C 186 -75.60 17.16 13.85
CA GLY C 186 -74.89 17.74 12.74
C GLY C 186 -73.88 18.82 13.08
N SER C 187 -74.29 19.80 13.87
CA SER C 187 -73.41 20.89 14.28
C SER C 187 -72.17 20.35 14.98
N THR C 188 -71.21 21.24 15.26
CA THR C 188 -69.98 20.84 15.93
C THR C 188 -69.60 21.80 17.07
N ARG C 189 -68.71 21.34 17.94
CA ARG C 189 -68.27 22.14 19.09
C ARG C 189 -66.76 22.16 19.27
N LEU C 190 -66.27 23.08 20.11
CA LEU C 190 -64.84 23.21 20.38
C LEU C 190 -64.52 22.84 21.83
N LEU C 191 -63.43 22.10 22.01
CA LEU C 191 -63.00 21.68 23.35
C LEU C 191 -61.57 22.12 23.68
N PRO C 192 -61.34 22.65 24.89
CA PRO C 192 -60.00 23.09 25.30
C PRO C 192 -59.14 21.87 25.55
N MET C 193 -58.17 21.63 24.67
CA MET C 193 -57.27 20.50 24.80
C MET C 193 -56.99 20.07 26.24
N GLN C 194 -56.60 21.03 27.09
CA GLN C 194 -56.27 20.73 28.47
C GLN C 194 -57.39 20.02 29.23
N MET C 195 -58.62 20.10 28.73
CA MET C 195 -59.75 19.48 29.41
C MET C 195 -60.21 18.13 28.84
N VAL C 196 -59.36 17.49 28.03
CA VAL C 196 -59.70 16.21 27.45
C VAL C 196 -58.49 15.29 27.35
N LYS C 197 -58.65 14.04 27.78
CA LYS C 197 -57.55 13.09 27.72
C LYS C 197 -57.66 12.21 26.47
N VAL C 198 -56.57 12.16 25.72
CA VAL C 198 -56.53 11.38 24.49
C VAL C 198 -56.05 9.95 24.75
N GLN C 199 -56.97 9.00 24.59
CA GLN C 199 -56.65 7.58 24.78
C GLN C 199 -56.52 6.88 23.43
N SER C 200 -55.92 5.69 23.43
CA SER C 200 -55.71 4.93 22.21
C SER C 200 -56.98 4.46 21.49
N ASN C 201 -58.15 4.71 22.07
CA ASN C 201 -59.40 4.28 21.46
C ASN C 201 -60.57 5.26 21.57
N ARG C 202 -60.40 6.31 22.35
CA ARG C 202 -61.46 7.30 22.52
C ARG C 202 -60.99 8.56 23.25
N VAL C 203 -61.86 9.56 23.31
CA VAL C 203 -61.55 10.82 23.98
C VAL C 203 -62.46 11.00 25.19
N HIS C 204 -61.83 11.19 26.36
CA HIS C 204 -62.56 11.36 27.61
C HIS C 204 -62.62 12.83 28.08
N VAL C 205 -63.84 13.34 28.20
CA VAL C 205 -64.07 14.70 28.65
C VAL C 205 -64.64 14.65 30.06
N ASN C 206 -63.78 14.42 31.03
CA ASN C 206 -64.18 14.33 32.43
C ASN C 206 -64.77 15.62 32.95
N ALA C 207 -64.67 16.69 32.17
CA ALA C 207 -65.20 17.98 32.58
C ALA C 207 -66.71 18.14 32.39
N LEU C 208 -67.21 17.78 31.21
CA LEU C 208 -68.63 17.92 30.92
C LEU C 208 -69.37 16.60 30.69
N SER C 209 -70.66 16.63 31.01
CA SER C 209 -71.54 15.47 30.85
C SER C 209 -71.97 15.31 29.40
N SER C 210 -72.20 14.07 28.98
CA SER C 210 -72.59 13.78 27.60
C SER C 210 -73.83 14.55 27.16
N ASP C 211 -74.51 15.22 28.10
CA ASP C 211 -75.70 15.99 27.78
C ASP C 211 -75.43 17.49 27.70
N LEU C 212 -74.36 17.93 28.37
CA LEU C 212 -74.00 19.34 28.37
C LEU C 212 -73.09 19.72 27.21
N PHE C 213 -72.86 18.76 26.31
CA PHE C 213 -72.01 19.01 25.15
C PHE C 213 -72.69 19.94 24.15
N ALA C 214 -73.96 20.25 24.41
CA ALA C 214 -74.73 21.14 23.54
C ALA C 214 -74.68 22.57 24.07
N GLY C 215 -74.84 22.70 25.39
CA GLY C 215 -74.81 23.99 26.04
C GLY C 215 -73.54 24.77 25.69
N ILE C 216 -72.52 24.04 25.25
CA ILE C 216 -71.25 24.65 24.86
C ILE C 216 -71.52 25.72 23.80
N PRO C 217 -71.08 26.96 24.05
CA PRO C 217 -71.27 28.07 23.11
C PRO C 217 -70.70 27.76 21.72
N THR C 218 -71.28 28.38 20.70
CA THR C 218 -70.85 28.18 19.32
C THR C 218 -70.00 29.32 18.79
N ILE C 219 -69.29 29.04 17.70
CA ILE C 219 -68.47 30.04 17.06
C ILE C 219 -69.13 30.44 15.74
N LYS C 220 -69.52 31.71 15.62
CA LYS C 220 -70.17 32.19 14.41
C LYS C 220 -69.42 31.68 13.18
N SER C 221 -68.21 32.18 12.97
CA SER C 221 -67.41 31.74 11.85
C SER C 221 -67.03 30.28 12.07
N PRO C 222 -67.29 29.41 11.10
CA PRO C 222 -66.95 28.00 11.28
C PRO C 222 -65.46 27.70 11.05
N THR C 223 -64.66 28.74 10.81
CA THR C 223 -63.23 28.54 10.57
C THR C 223 -62.34 29.37 11.50
N GLU C 224 -62.94 30.11 12.42
CA GLU C 224 -62.18 30.93 13.35
C GLU C 224 -62.97 31.32 14.59
N VAL C 225 -62.30 31.25 15.74
CA VAL C 225 -62.93 31.60 17.01
C VAL C 225 -62.33 32.88 17.57
N THR C 226 -63.19 33.81 18.00
CA THR C 226 -62.72 35.08 18.55
C THR C 226 -62.45 34.93 20.04
N LEU C 227 -61.60 35.80 20.57
CA LEU C 227 -61.24 35.76 21.98
C LEU C 227 -62.48 35.59 22.85
N LEU C 228 -63.50 36.42 22.61
CA LEU C 228 -64.72 36.33 23.39
C LEU C 228 -65.26 34.92 23.40
N GLU C 229 -65.21 34.25 22.25
CA GLU C 229 -65.71 32.89 22.12
C GLU C 229 -64.90 31.88 22.95
N GLU C 230 -63.59 32.12 23.07
CA GLU C 230 -62.75 31.22 23.86
C GLU C 230 -63.13 31.30 25.33
N ASP C 231 -63.27 32.54 25.81
CA ASP C 231 -63.65 32.76 27.19
C ASP C 231 -65.01 32.12 27.44
N LYS C 232 -65.88 32.19 26.44
CA LYS C 232 -67.21 31.60 26.56
C LYS C 232 -67.09 30.11 26.71
N ILE C 233 -66.30 29.51 25.82
CA ILE C 233 -66.07 28.07 25.84
C ILE C 233 -65.36 27.63 27.12
N CYS C 234 -64.03 27.70 27.11
CA CYS C 234 -63.22 27.32 28.25
C CYS C 234 -63.91 27.46 29.61
N GLY C 235 -64.38 28.67 29.92
CA GLY C 235 -65.05 28.90 31.18
C GLY C 235 -66.19 27.93 31.41
N TYR C 236 -66.98 27.70 30.36
CA TYR C 236 -68.09 26.76 30.46
C TYR C 236 -67.55 25.37 30.78
N VAL C 237 -66.61 24.90 29.96
CA VAL C 237 -66.00 23.60 30.15
C VAL C 237 -65.41 23.40 31.54
N ALA C 238 -64.50 24.29 31.92
CA ALA C 238 -63.86 24.22 33.23
C ALA C 238 -64.88 24.24 34.37
N GLY C 239 -65.92 25.07 34.21
CA GLY C 239 -66.94 25.17 35.23
C GLY C 239 -67.72 23.87 35.43
N GLY C 240 -67.70 23.02 34.41
CA GLY C 240 -68.39 21.74 34.49
C GLY C 240 -67.87 20.91 35.64
N LEU C 241 -66.56 20.91 35.82
CA LEU C 241 -65.93 20.15 36.89
C LEU C 241 -66.74 20.29 38.17
N MET C 242 -67.05 21.53 38.55
CA MET C 242 -67.81 21.79 39.76
C MET C 242 -69.30 21.49 39.67
N TYR C 243 -69.90 21.87 38.55
CA TYR C 243 -71.34 21.68 38.39
C TYR C 243 -71.81 20.38 37.74
N ALA C 244 -70.90 19.69 37.06
CA ALA C 244 -71.25 18.43 36.41
C ALA C 244 -70.83 17.27 37.31
N ALA C 245 -70.69 17.55 38.60
CA ALA C 245 -70.29 16.55 39.59
C ALA C 245 -71.42 15.59 39.98
N PRO C 246 -72.68 16.05 39.94
CA PRO C 246 -73.80 15.18 40.30
C PRO C 246 -73.97 14.04 39.29
N LYS C 247 -73.44 14.26 38.09
CA LYS C 247 -73.53 13.28 37.03
C LYS C 247 -72.18 12.68 36.65
N ARG C 248 -71.22 12.78 37.55
CA ARG C 248 -69.88 12.25 37.32
C ARG C 248 -69.74 10.82 37.85
N LYS C 249 -69.52 9.88 36.95
CA LYS C 249 -69.36 8.47 37.29
C LYS C 249 -68.02 8.20 37.99
N SER C 250 -68.10 7.69 39.21
CA SER C 250 -66.91 7.40 40.03
C SER C 250 -65.84 6.59 39.31
N VAL C 251 -64.71 6.38 39.98
CA VAL C 251 -63.58 5.64 39.41
C VAL C 251 -63.03 6.36 38.17
N VAL C 252 -62.64 7.62 38.35
CA VAL C 252 -62.11 8.44 37.25
C VAL C 252 -60.59 8.34 37.08
N ALA C 253 -60.16 7.96 35.88
CA ALA C 253 -58.74 7.82 35.58
C ALA C 253 -58.46 8.16 34.11
N GLN D 1 8.12 44.89 67.79
CA GLN D 1 8.68 44.60 66.43
C GLN D 1 8.73 43.10 66.15
N GLU D 2 8.73 42.76 64.86
CA GLU D 2 8.77 41.36 64.42
C GLU D 2 7.57 40.57 64.94
N GLY D 3 6.45 41.26 65.12
CA GLY D 3 5.24 40.62 65.61
C GLY D 3 4.48 41.47 66.59
N ASP D 4 3.58 42.31 66.07
CA ASP D 4 2.77 43.18 66.92
C ASP D 4 1.51 42.47 67.37
N PRO D 5 1.46 42.09 68.66
CA PRO D 5 0.30 41.39 69.22
C PRO D 5 -1.04 42.11 69.03
N GLU D 6 -1.13 43.37 69.46
CA GLU D 6 -2.38 44.11 69.31
C GLU D 6 -2.88 44.11 67.87
N ALA D 7 -1.95 43.84 66.94
CA ALA D 7 -2.29 43.78 65.52
C ALA D 7 -2.77 42.37 65.22
N GLY D 8 -2.06 41.39 65.76
CA GLY D 8 -2.42 40.00 65.56
C GLY D 8 -3.79 39.68 66.11
N ALA D 9 -4.18 40.35 67.19
CA ALA D 9 -5.48 40.14 67.80
C ALA D 9 -6.59 40.41 66.78
N LYS D 10 -6.57 41.60 66.18
CA LYS D 10 -7.57 41.98 65.18
C LYS D 10 -7.59 40.93 64.08
N ALA D 11 -6.41 40.44 63.73
CA ALA D 11 -6.27 39.44 62.69
C ALA D 11 -6.98 38.15 63.09
N PHE D 12 -6.56 37.59 64.22
CA PHE D 12 -7.14 36.35 64.75
C PHE D 12 -8.66 36.31 64.64
N ASN D 13 -9.29 37.47 64.69
CA ASN D 13 -10.75 37.53 64.59
C ASN D 13 -11.27 36.57 63.53
N GLN D 14 -10.76 36.71 62.31
CA GLN D 14 -11.17 35.86 61.20
C GLN D 14 -11.03 34.37 61.50
N CYS D 15 -10.18 34.04 62.48
CA CYS D 15 -9.96 32.65 62.87
C CYS D 15 -11.14 32.20 63.73
N GLN D 16 -11.76 33.17 64.41
CA GLN D 16 -12.87 32.90 65.30
C GLN D 16 -14.08 32.20 64.69
N THR D 17 -14.12 32.05 63.36
CA THR D 17 -15.24 31.37 62.74
C THR D 17 -15.09 29.86 62.93
N CYS D 18 -13.89 29.43 63.31
CA CYS D 18 -13.64 28.01 63.54
C CYS D 18 -12.91 27.79 64.88
N HIS D 19 -12.02 28.71 65.25
CA HIS D 19 -11.25 28.57 66.50
C HIS D 19 -11.75 29.43 67.63
N VAL D 20 -11.22 29.14 68.82
CA VAL D 20 -11.56 29.85 70.05
C VAL D 20 -10.39 29.70 71.03
N ILE D 21 -10.25 30.65 71.94
CA ILE D 21 -9.19 30.58 72.94
C ILE D 21 -9.84 30.52 74.31
N VAL D 22 -9.61 29.43 75.02
CA VAL D 22 -10.19 29.26 76.35
C VAL D 22 -9.15 28.59 77.23
N ASP D 23 -8.89 29.18 78.40
CA ASP D 23 -7.92 28.60 79.32
C ASP D 23 -8.48 27.34 79.98
N ASP D 24 -7.64 26.68 80.77
CA ASP D 24 -8.03 25.44 81.42
C ASP D 24 -9.13 25.64 82.46
N SER D 25 -9.44 26.89 82.76
CA SER D 25 -10.49 27.19 83.71
C SER D 25 -11.83 27.08 82.99
N GLY D 26 -11.85 27.53 81.75
CA GLY D 26 -13.10 27.47 80.99
C GLY D 26 -13.50 28.87 80.58
N THR D 27 -12.56 29.80 80.71
CA THR D 27 -12.80 31.19 80.36
C THR D 27 -12.28 31.54 78.97
N THR D 28 -13.09 32.30 78.25
CA THR D 28 -12.78 32.73 76.89
C THR D 28 -11.85 33.93 76.88
N ILE D 29 -10.75 33.80 76.15
CA ILE D 29 -9.78 34.89 76.02
C ILE D 29 -10.03 35.52 74.66
N ALA D 30 -10.64 34.72 73.77
CA ALA D 30 -11.00 35.13 72.43
C ALA D 30 -11.82 34.03 71.78
N GLY D 31 -12.90 34.40 71.08
CA GLY D 31 -13.74 33.40 70.43
C GLY D 31 -15.24 33.58 70.56
N ARG D 32 -16.00 32.84 69.75
CA ARG D 32 -17.47 32.89 69.79
C ARG D 32 -18.01 31.48 69.99
N ASN D 33 -17.36 30.69 70.83
CA ASN D 33 -17.79 29.33 71.06
C ASN D 33 -17.91 28.58 69.73
N ALA D 34 -16.85 28.67 68.94
CA ALA D 34 -16.78 28.00 67.64
C ALA D 34 -15.99 26.72 67.88
N LYS D 35 -16.53 25.60 67.41
CA LYS D 35 -15.84 24.33 67.62
C LYS D 35 -15.40 23.64 66.35
N THR D 36 -15.56 24.32 65.21
CA THR D 36 -15.18 23.77 63.91
C THR D 36 -13.72 23.32 63.91
N GLY D 37 -12.90 24.03 64.69
CA GLY D 37 -11.49 23.73 64.80
C GLY D 37 -11.09 23.55 66.25
N PRO D 38 -9.81 23.26 66.55
CA PRO D 38 -9.37 23.06 67.93
C PRO D 38 -9.18 24.34 68.74
N ASN D 39 -9.19 24.19 70.07
CA ASN D 39 -8.99 25.33 70.97
C ASN D 39 -7.52 25.73 70.81
N LEU D 40 -7.27 26.99 70.47
CA LEU D 40 -5.89 27.41 70.29
C LEU D 40 -5.16 27.78 71.58
N TYR D 41 -5.85 27.72 72.71
CA TYR D 41 -5.19 28.05 73.95
C TYR D 41 -4.11 26.99 74.21
N GLY D 42 -2.86 27.44 74.34
CA GLY D 42 -1.78 26.52 74.59
C GLY D 42 -1.21 25.90 73.33
N VAL D 43 -1.62 26.42 72.18
CA VAL D 43 -1.14 25.90 70.91
C VAL D 43 0.37 26.10 70.86
N VAL D 44 0.84 27.20 71.45
CA VAL D 44 2.26 27.54 71.46
C VAL D 44 3.10 26.48 72.16
N GLY D 45 4.06 25.92 71.43
CA GLY D 45 4.93 24.91 72.00
C GLY D 45 4.24 23.56 72.10
N ARG D 46 3.00 23.49 71.62
CA ARG D 46 2.23 22.25 71.67
C ARG D 46 2.54 21.36 70.45
N THR D 47 2.35 20.05 70.62
CA THR D 47 2.59 19.10 69.54
C THR D 47 1.38 19.09 68.61
N ALA D 48 1.64 19.20 67.30
CA ALA D 48 0.57 19.24 66.30
C ALA D 48 -0.48 18.14 66.47
N GLY D 49 -1.74 18.56 66.55
CA GLY D 49 -2.84 17.63 66.68
C GLY D 49 -2.90 16.81 67.94
N THR D 50 -2.77 17.46 69.09
CA THR D 50 -2.82 16.74 70.36
C THR D 50 -3.75 17.39 71.38
N GLN D 51 -4.55 18.36 70.92
CA GLN D 51 -5.48 19.02 71.83
C GLN D 51 -6.52 17.99 72.26
N ALA D 52 -6.57 17.74 73.57
CA ALA D 52 -7.47 16.75 74.15
C ALA D 52 -8.95 16.82 73.76
N ASP D 53 -9.50 18.03 73.63
CA ASP D 53 -10.90 18.19 73.30
C ASP D 53 -11.27 17.98 71.84
N PHE D 54 -10.42 18.48 70.94
CA PHE D 54 -10.67 18.37 69.50
C PHE D 54 -10.66 16.93 68.99
N LYS D 55 -11.76 16.51 68.37
CA LYS D 55 -11.89 15.16 67.86
C LYS D 55 -11.95 15.09 66.32
N GLY D 56 -11.51 16.15 65.65
CA GLY D 56 -11.57 16.15 64.20
C GLY D 56 -10.27 16.35 63.46
N TYR D 57 -9.16 15.99 64.08
CA TYR D 57 -7.87 16.16 63.42
C TYR D 57 -7.74 15.26 62.19
N GLY D 58 -7.04 15.76 61.17
CA GLY D 58 -6.86 15.00 59.96
C GLY D 58 -5.74 13.99 60.15
N GLU D 59 -5.55 13.10 59.19
CA GLU D 59 -4.49 12.11 59.31
C GLU D 59 -3.12 12.78 59.22
N GLY D 60 -3.02 13.79 58.36
CA GLY D 60 -1.77 14.50 58.21
C GLY D 60 -1.38 15.21 59.49
N MET D 61 -2.32 15.94 60.07
CA MET D 61 -2.07 16.69 61.30
C MET D 61 -1.61 15.81 62.46
N LYS D 62 -2.21 14.64 62.59
CA LYS D 62 -1.86 13.70 63.64
C LYS D 62 -0.49 13.10 63.35
N GLU D 63 -0.30 12.61 62.13
CA GLU D 63 0.96 12.00 61.74
C GLU D 63 2.13 12.98 61.75
N ALA D 64 1.86 14.26 61.46
CA ALA D 64 2.91 15.27 61.43
C ALA D 64 3.36 15.64 62.83
N GLY D 65 2.46 15.52 63.81
CA GLY D 65 2.82 15.83 65.17
C GLY D 65 3.60 14.68 65.74
N ALA D 66 3.14 13.46 65.44
CA ALA D 66 3.78 12.23 65.91
C ALA D 66 5.21 12.13 65.38
N LYS D 67 5.52 12.90 64.34
CA LYS D 67 6.85 12.89 63.76
C LYS D 67 7.75 13.86 64.50
N GLY D 68 7.14 14.70 65.34
CA GLY D 68 7.92 15.66 66.11
C GLY D 68 7.63 17.13 65.91
N LEU D 69 6.41 17.46 65.52
CA LEU D 69 6.08 18.85 65.31
C LEU D 69 5.49 19.48 66.56
N ALA D 70 6.01 20.65 66.92
CA ALA D 70 5.55 21.40 68.08
C ALA D 70 5.56 22.88 67.67
N TRP D 71 4.39 23.37 67.30
CA TRP D 71 4.23 24.73 66.85
C TRP D 71 5.13 25.82 67.43
N ASP D 72 6.04 26.31 66.58
CA ASP D 72 6.92 27.42 66.94
C ASP D 72 6.74 28.39 65.77
N GLU D 73 7.08 29.65 65.96
CA GLU D 73 6.90 30.67 64.92
C GLU D 73 7.16 30.16 63.50
N GLU D 74 8.38 29.72 63.24
CA GLU D 74 8.76 29.22 61.92
C GLU D 74 7.66 28.39 61.25
N HIS D 75 7.37 27.22 61.81
CA HIS D 75 6.37 26.32 61.24
C HIS D 75 4.92 26.83 61.27
N PHE D 76 4.59 27.64 62.27
CA PHE D 76 3.25 28.18 62.40
C PHE D 76 2.92 29.03 61.19
N VAL D 77 3.83 29.91 60.85
CA VAL D 77 3.67 30.81 59.71
C VAL D 77 3.54 30.06 58.39
N GLN D 78 4.22 28.91 58.28
CA GLN D 78 4.16 28.13 57.05
C GLN D 78 2.83 27.39 56.96
N TYR D 79 2.22 27.14 58.11
CA TYR D 79 0.96 26.43 58.17
C TYR D 79 -0.25 27.27 57.78
N VAL D 80 -0.33 28.48 58.31
CA VAL D 80 -1.45 29.34 58.02
C VAL D 80 -1.46 29.93 56.62
N GLN D 81 -0.38 29.71 55.86
CA GLN D 81 -0.33 30.24 54.49
C GLN D 81 -0.92 29.21 53.53
N ASP D 82 -0.81 27.94 53.90
CA ASP D 82 -1.35 26.84 53.10
C ASP D 82 -1.19 25.53 53.86
N PRO D 83 -2.11 25.25 54.78
CA PRO D 83 -2.08 24.03 55.58
C PRO D 83 -1.70 22.80 54.78
N THR D 84 -2.61 22.35 53.92
CA THR D 84 -2.38 21.17 53.10
C THR D 84 -0.97 21.10 52.55
N LYS D 85 -0.47 22.18 51.96
CA LYS D 85 0.89 22.15 51.43
C LYS D 85 1.83 21.86 52.59
N PHE D 86 1.82 22.75 53.57
CA PHE D 86 2.66 22.60 54.75
C PHE D 86 2.68 21.17 55.26
N LEU D 87 1.49 20.64 55.53
CA LEU D 87 1.36 19.29 56.03
C LEU D 87 1.95 18.25 55.09
N LYS D 88 2.01 18.56 53.80
CA LYS D 88 2.57 17.62 52.85
C LYS D 88 4.10 17.64 52.96
N GLU D 89 4.69 18.83 52.86
CA GLU D 89 6.13 18.95 52.95
C GLU D 89 6.65 18.36 54.25
N TYR D 90 6.25 18.94 55.37
CA TYR D 90 6.68 18.48 56.68
C TYR D 90 6.39 17.01 56.94
N THR D 91 5.29 16.51 56.39
CA THR D 91 4.94 15.10 56.60
C THR D 91 5.77 14.22 55.69
N GLY D 92 6.15 14.75 54.53
CA GLY D 92 6.94 13.98 53.59
C GLY D 92 6.07 13.14 52.68
N ASP D 93 4.78 13.08 53.02
CA ASP D 93 3.81 12.32 52.23
C ASP D 93 3.10 13.23 51.24
N ALA D 94 3.15 12.85 49.96
CA ALA D 94 2.53 13.63 48.90
C ALA D 94 1.01 13.50 48.85
N LYS D 95 0.45 12.55 49.59
CA LYS D 95 -1.00 12.36 49.60
C LYS D 95 -1.62 12.72 50.94
N ALA D 96 -0.94 13.59 51.69
CA ALA D 96 -1.41 14.04 53.00
C ALA D 96 -2.55 15.04 52.81
N LYS D 97 -3.44 15.12 53.79
CA LYS D 97 -4.57 16.05 53.72
C LYS D 97 -4.79 16.86 54.99
N GLY D 98 -5.22 18.11 54.82
CA GLY D 98 -5.49 18.96 55.96
C GLY D 98 -6.96 19.34 55.96
N LYS D 99 -7.55 19.53 57.13
CA LYS D 99 -8.97 19.88 57.18
C LYS D 99 -9.23 21.38 57.38
N MET D 100 -8.18 22.13 57.64
CA MET D 100 -8.33 23.57 57.83
C MET D 100 -8.60 24.25 56.48
N THR D 101 -9.87 24.42 56.11
CA THR D 101 -10.18 25.05 54.84
C THR D 101 -10.04 26.58 54.90
N PHE D 102 -8.82 27.05 55.11
CA PHE D 102 -8.55 28.47 55.17
C PHE D 102 -7.08 28.74 54.84
N LYS D 103 -6.83 29.90 54.27
CA LYS D 103 -5.47 30.29 53.90
C LYS D 103 -5.22 31.75 54.25
N LEU D 104 -4.26 31.99 55.13
CA LEU D 104 -3.92 33.36 55.50
C LEU D 104 -2.90 33.81 54.45
N LYS D 105 -3.30 34.78 53.63
CA LYS D 105 -2.44 35.28 52.55
C LYS D 105 -1.19 36.06 52.99
N LYS D 106 -1.36 37.06 53.85
CA LYS D 106 -0.22 37.86 54.31
C LYS D 106 0.72 37.12 55.26
N GLU D 107 2.00 37.09 54.93
CA GLU D 107 2.98 36.42 55.79
C GLU D 107 3.14 37.24 57.06
N ALA D 108 2.98 38.54 56.94
CA ALA D 108 3.08 39.42 58.08
C ALA D 108 1.97 39.09 59.07
N ASP D 109 0.74 38.99 58.56
CA ASP D 109 -0.40 38.66 59.40
C ASP D 109 -0.03 37.53 60.36
N ALA D 110 0.49 36.44 59.81
CA ALA D 110 0.88 35.30 60.62
C ALA D 110 1.78 35.70 61.79
N HIS D 111 2.89 36.36 61.50
CA HIS D 111 3.82 36.79 62.54
C HIS D 111 3.15 37.64 63.59
N ASN D 112 2.17 38.45 63.19
CA ASN D 112 1.48 39.29 64.16
C ASN D 112 0.59 38.43 65.05
N ILE D 113 -0.14 37.50 64.46
CA ILE D 113 -1.02 36.62 65.23
C ILE D 113 -0.22 35.77 66.22
N TRP D 114 0.85 35.15 65.74
CA TRP D 114 1.70 34.32 66.58
C TRP D 114 2.13 35.07 67.83
N ALA D 115 2.43 36.35 67.66
CA ALA D 115 2.83 37.20 68.77
C ALA D 115 1.65 37.27 69.74
N TYR D 116 0.47 37.57 69.19
CA TYR D 116 -0.74 37.65 70.00
C TYR D 116 -0.91 36.32 70.71
N LEU D 117 -0.58 35.24 70.01
CA LEU D 117 -0.69 33.92 70.60
C LEU D 117 0.26 33.82 71.78
N GLN D 118 1.47 34.34 71.62
CA GLN D 118 2.46 34.29 72.70
C GLN D 118 2.04 35.14 73.89
N GLN D 119 1.32 36.22 73.63
CA GLN D 119 0.87 37.11 74.68
C GLN D 119 -0.38 36.64 75.44
N VAL D 120 -1.25 35.88 74.76
CA VAL D 120 -2.48 35.44 75.41
C VAL D 120 -2.76 33.96 75.55
N ALA D 121 -2.12 33.13 74.73
CA ALA D 121 -2.37 31.69 74.80
C ALA D 121 -1.18 30.80 75.11
N VAL D 122 -0.42 31.14 76.15
CA VAL D 122 0.73 30.33 76.53
C VAL D 122 0.55 29.77 77.93
N ARG D 123 0.24 28.48 77.99
CA ARG D 123 0.03 27.79 79.25
C ARG D 123 1.32 27.78 80.04
N PRO D 124 1.35 28.49 81.18
CA PRO D 124 2.54 28.55 82.03
C PRO D 124 2.99 27.17 82.52
N ALA E 1 7.17 -14.98 -35.86
CA ALA E 1 8.37 -15.81 -35.61
C ALA E 1 8.49 -16.92 -36.65
N LEU E 2 7.68 -16.81 -37.70
CA LEU E 2 7.68 -17.81 -38.76
C LEU E 2 8.12 -17.21 -40.08
N LEU E 3 8.56 -18.07 -41.01
CA LEU E 3 8.98 -17.62 -42.33
C LEU E 3 7.75 -17.51 -43.21
N SER E 4 7.69 -16.45 -44.01
CA SER E 4 6.58 -16.19 -44.91
C SER E 4 6.01 -17.41 -45.64
N PHE E 5 6.77 -18.49 -45.71
CA PHE E 5 6.31 -19.70 -46.40
C PHE E 5 6.37 -20.93 -45.50
N GLU E 6 6.39 -20.72 -44.19
CA GLU E 6 6.44 -21.81 -43.24
C GLU E 6 5.05 -22.40 -43.04
N ARG E 7 4.19 -21.62 -42.40
CA ARG E 7 2.80 -21.97 -42.09
C ARG E 7 2.23 -23.20 -42.79
N LYS E 8 2.24 -23.17 -44.12
CA LYS E 8 1.69 -24.26 -44.92
C LYS E 8 2.40 -25.60 -44.72
N TYR E 9 3.51 -25.59 -44.00
CA TYR E 9 4.27 -26.83 -43.76
C TYR E 9 4.00 -27.34 -42.35
N ARG E 10 3.66 -26.41 -41.46
CA ARG E 10 3.39 -26.72 -40.05
C ARG E 10 2.06 -27.41 -39.79
N VAL E 11 1.98 -28.70 -40.13
CA VAL E 11 0.77 -29.49 -39.93
C VAL E 11 1.09 -30.60 -38.94
N PRO E 12 0.10 -31.08 -38.17
CA PRO E 12 0.38 -32.15 -37.21
C PRO E 12 0.63 -33.51 -37.87
N GLY E 13 1.56 -34.28 -37.30
CA GLY E 13 1.88 -35.59 -37.84
C GLY E 13 3.36 -35.82 -38.13
N GLY E 14 3.76 -37.09 -38.14
CA GLY E 14 5.15 -37.42 -38.43
C GLY E 14 5.94 -38.08 -37.30
N THR E 15 5.59 -37.75 -36.06
CA THR E 15 6.26 -38.29 -34.88
C THR E 15 6.52 -39.79 -34.91
N LEU E 16 7.41 -40.24 -34.04
CA LEU E 16 7.78 -41.66 -33.93
C LEU E 16 7.31 -42.22 -32.59
N VAL E 17 7.10 -41.34 -31.63
CA VAL E 17 6.66 -41.72 -30.30
C VAL E 17 5.89 -40.57 -29.64
N GLY E 18 4.74 -40.89 -29.06
CA GLY E 18 3.93 -39.88 -28.41
C GLY E 18 2.68 -39.54 -29.21
N GLY E 19 2.63 -40.06 -30.44
CA GLY E 19 1.49 -39.81 -31.32
C GLY E 19 1.33 -38.36 -31.73
N ASN E 20 0.82 -37.53 -30.82
CA ASN E 20 0.59 -36.11 -31.08
C ASN E 20 0.73 -35.35 -29.77
N LEU E 21 1.03 -36.10 -28.71
CA LEU E 21 1.16 -35.55 -27.37
C LEU E 21 2.09 -34.33 -27.25
N PHE E 22 3.22 -34.39 -27.94
CA PHE E 22 4.20 -33.30 -27.90
C PHE E 22 4.36 -32.60 -29.25
N ASP E 23 3.78 -33.18 -30.29
CA ASP E 23 3.86 -32.63 -31.63
C ASP E 23 3.47 -31.16 -31.71
N PHE E 24 4.44 -30.28 -31.46
CA PHE E 24 4.18 -28.84 -31.53
C PHE E 24 5.47 -28.01 -31.49
N TRP E 25 5.33 -26.73 -31.82
CA TRP E 25 6.48 -25.82 -31.87
C TRP E 25 6.63 -24.85 -30.69
N VAL E 26 7.88 -24.64 -30.30
CA VAL E 26 8.21 -23.71 -29.21
C VAL E 26 9.15 -22.68 -29.83
N GLY E 27 8.60 -21.54 -30.22
CA GLY E 27 9.43 -20.54 -30.88
C GLY E 27 9.70 -21.10 -32.27
N PRO E 28 10.97 -21.21 -32.70
CA PRO E 28 11.23 -21.76 -34.04
C PRO E 28 11.54 -23.26 -34.01
N PHE E 29 11.74 -23.80 -32.80
CA PHE E 29 12.08 -25.22 -32.65
C PHE E 29 10.88 -26.15 -32.57
N TYR E 30 11.05 -27.34 -33.13
CA TYR E 30 10.02 -28.36 -33.10
C TYR E 30 10.29 -29.25 -31.90
N VAL E 31 9.24 -29.68 -31.21
CA VAL E 31 9.42 -30.53 -30.05
C VAL E 31 9.28 -32.03 -30.35
N GLY E 32 8.18 -32.62 -29.92
CA GLY E 32 7.99 -34.03 -30.15
C GLY E 32 8.61 -34.78 -28.98
N PHE E 33 8.48 -36.11 -28.99
CA PHE E 33 9.02 -36.93 -27.91
C PHE E 33 10.52 -36.69 -27.71
N PHE E 34 11.32 -37.06 -28.70
CA PHE E 34 12.76 -36.89 -28.60
C PHE E 34 13.14 -35.44 -28.38
N GLY E 35 12.14 -34.56 -28.51
CA GLY E 35 12.38 -33.15 -28.30
C GLY E 35 12.58 -32.86 -26.82
N VAL E 36 11.73 -33.45 -25.98
CA VAL E 36 11.83 -33.26 -24.53
C VAL E 36 12.88 -34.19 -23.97
N ALA E 37 13.02 -35.35 -24.63
CA ALA E 37 13.99 -36.36 -24.22
C ALA E 37 15.38 -35.72 -24.23
N THR E 38 15.74 -35.10 -25.34
CA THR E 38 17.03 -34.43 -25.45
C THR E 38 17.18 -33.49 -24.26
N PHE E 39 16.28 -32.51 -24.19
CA PHE E 39 16.29 -31.55 -23.10
C PHE E 39 16.56 -32.25 -21.77
N PHE E 40 15.95 -33.42 -21.61
CA PHE E 40 16.12 -34.21 -20.39
C PHE E 40 17.59 -34.49 -20.13
N PHE E 41 18.19 -35.34 -20.95
CA PHE E 41 19.58 -35.70 -20.79
C PHE E 41 20.48 -34.47 -20.71
N ALA E 42 20.26 -33.53 -21.62
CA ALA E 42 21.04 -32.30 -21.68
C ALA E 42 21.17 -31.59 -20.33
N ALA E 43 20.03 -31.24 -19.74
CA ALA E 43 20.02 -30.56 -18.45
C ALA E 43 20.61 -31.43 -17.34
N LEU E 44 20.26 -32.71 -17.31
CA LEU E 44 20.80 -33.59 -16.28
C LEU E 44 22.32 -33.44 -16.29
N GLY E 45 22.92 -33.72 -17.44
CA GLY E 45 24.36 -33.59 -17.58
C GLY E 45 24.83 -32.21 -17.14
N ILE E 46 24.26 -31.16 -17.76
CA ILE E 46 24.61 -29.80 -17.41
C ILE E 46 24.70 -29.65 -15.90
N ILE E 47 23.70 -30.19 -15.21
CA ILE E 47 23.69 -30.11 -13.75
C ILE E 47 24.84 -30.92 -13.18
N LEU E 48 25.01 -32.15 -13.67
CA LEU E 48 26.08 -32.99 -13.17
C LEU E 48 27.42 -32.29 -13.39
N ILE E 49 27.61 -31.74 -14.58
CA ILE E 49 28.85 -31.03 -14.87
C ILE E 49 29.01 -29.87 -13.89
N ALA E 50 27.90 -29.19 -13.61
CA ALA E 50 27.93 -28.08 -12.69
C ALA E 50 28.25 -28.61 -11.29
N TRP E 51 27.61 -29.71 -10.93
CA TRP E 51 27.85 -30.33 -9.63
C TRP E 51 29.33 -30.64 -9.48
N SER E 52 29.87 -31.40 -10.44
CA SER E 52 31.28 -31.79 -10.45
C SER E 52 32.19 -30.57 -10.51
N ALA E 53 31.60 -29.39 -10.63
CA ALA E 53 32.35 -28.15 -10.70
C ALA E 53 32.57 -27.57 -9.31
N VAL E 54 31.70 -27.94 -8.37
CA VAL E 54 31.81 -27.45 -6.99
C VAL E 54 32.64 -28.40 -6.13
N LEU E 55 32.59 -29.69 -6.43
CA LEU E 55 33.36 -30.68 -5.69
C LEU E 55 34.83 -30.40 -5.98
N GLN E 56 35.06 -29.68 -7.08
CA GLN E 56 36.39 -29.31 -7.52
C GLN E 56 36.77 -27.95 -6.94
N GLY E 57 35.82 -27.02 -6.96
CA GLY E 57 36.08 -25.69 -6.42
C GLY E 57 36.50 -24.64 -7.43
N THR E 58 35.70 -24.47 -8.47
CA THR E 58 35.99 -23.48 -9.51
C THR E 58 34.88 -23.39 -10.54
N TRP E 59 34.57 -22.16 -10.96
CA TRP E 59 33.54 -21.93 -11.96
C TRP E 59 34.16 -21.44 -13.25
N ASN E 60 35.48 -21.57 -13.34
CA ASN E 60 36.20 -21.15 -14.54
C ASN E 60 36.01 -22.23 -15.60
N PRO E 61 35.20 -21.93 -16.64
CA PRO E 61 34.97 -22.93 -17.69
C PRO E 61 36.27 -23.41 -18.36
N GLN E 62 37.33 -22.64 -18.18
CA GLN E 62 38.63 -22.98 -18.73
C GLN E 62 39.34 -23.96 -17.80
N LEU E 63 38.77 -24.17 -16.62
CA LEU E 63 39.36 -25.08 -15.63
C LEU E 63 38.50 -26.28 -15.26
N ILE E 64 37.19 -26.13 -15.38
CA ILE E 64 36.30 -27.24 -15.03
C ILE E 64 36.63 -28.44 -15.91
N SER E 65 36.84 -29.59 -15.26
CA SER E 65 37.15 -30.82 -15.98
C SER E 65 36.65 -32.06 -15.27
N VAL E 66 35.75 -32.80 -15.92
CA VAL E 66 35.23 -34.02 -15.32
C VAL E 66 36.08 -35.19 -15.81
N TYR E 67 36.97 -35.68 -14.96
CA TYR E 67 37.82 -36.80 -15.34
C TYR E 67 37.10 -38.13 -15.20
N PRO E 68 37.43 -39.10 -16.06
CA PRO E 68 36.80 -40.41 -16.00
C PRO E 68 37.45 -41.20 -14.89
N PRO E 69 36.91 -42.39 -14.57
CA PRO E 69 37.48 -43.22 -13.50
C PRO E 69 38.97 -43.45 -13.71
N ALA E 70 39.68 -43.79 -12.63
CA ALA E 70 41.10 -44.05 -12.76
C ALA E 70 41.24 -45.41 -13.43
N LEU E 71 42.44 -45.71 -13.91
CA LEU E 71 42.66 -47.01 -14.56
C LEU E 71 42.44 -48.15 -13.58
N GLU E 72 42.87 -47.95 -12.33
CA GLU E 72 42.74 -48.95 -11.29
C GLU E 72 41.30 -49.46 -11.11
N TYR E 73 40.32 -48.69 -11.56
CA TYR E 73 38.92 -49.07 -11.44
C TYR E 73 38.50 -50.11 -12.48
N GLY E 74 39.13 -50.07 -13.65
CA GLY E 74 38.78 -51.02 -14.70
C GLY E 74 37.54 -50.61 -15.48
N LEU E 75 36.52 -51.45 -15.45
CA LEU E 75 35.28 -51.16 -16.15
C LEU E 75 34.06 -51.34 -15.24
N GLY E 76 34.17 -50.86 -14.01
CA GLY E 76 33.08 -50.97 -13.07
C GLY E 76 32.68 -49.60 -12.57
N GLY E 77 31.84 -49.56 -11.55
CA GLY E 77 31.40 -48.29 -11.00
C GLY E 77 32.46 -47.60 -10.17
N ALA E 78 32.31 -46.29 -9.97
CA ALA E 78 33.26 -45.52 -9.18
C ALA E 78 32.55 -44.41 -8.43
N PRO E 79 33.15 -43.94 -7.33
CA PRO E 79 32.58 -42.86 -6.51
C PRO E 79 32.33 -41.61 -7.35
N LEU E 80 31.14 -41.03 -7.22
CA LEU E 80 30.78 -39.84 -7.96
C LEU E 80 31.97 -38.95 -8.36
N ALA E 81 32.74 -38.53 -7.35
CA ALA E 81 33.87 -37.63 -7.57
C ALA E 81 35.18 -38.29 -7.99
N LYS E 82 35.13 -39.56 -8.34
CA LYS E 82 36.33 -40.27 -8.75
C LYS E 82 36.08 -41.03 -10.05
N GLY E 83 35.33 -40.42 -10.95
CA GLY E 83 35.03 -41.06 -12.23
C GLY E 83 33.56 -41.43 -12.33
N GLY E 84 32.83 -41.26 -11.23
CA GLY E 84 31.42 -41.59 -11.20
C GLY E 84 30.60 -40.63 -12.05
N LEU E 85 30.68 -39.35 -11.74
CA LEU E 85 29.94 -38.34 -12.48
C LEU E 85 30.29 -38.36 -13.96
N TRP E 86 31.56 -38.61 -14.29
CA TRP E 86 31.95 -38.66 -15.70
C TRP E 86 31.07 -39.68 -16.40
N GLN E 87 30.94 -40.85 -15.79
CA GLN E 87 30.13 -41.92 -16.33
C GLN E 87 28.68 -41.51 -16.56
N ILE E 88 28.00 -41.09 -15.50
CA ILE E 88 26.60 -40.67 -15.66
C ILE E 88 26.49 -39.61 -16.75
N ILE E 89 27.34 -38.59 -16.69
CA ILE E 89 27.33 -37.53 -17.68
C ILE E 89 27.44 -38.17 -19.05
N THR E 90 28.46 -39.01 -19.21
CA THR E 90 28.69 -39.72 -20.46
C THR E 90 27.41 -40.37 -20.95
N ILE E 91 26.63 -40.91 -20.03
CA ILE E 91 25.36 -41.55 -20.36
C ILE E 91 24.38 -40.49 -20.86
N CYS E 92 24.33 -39.37 -20.14
CA CYS E 92 23.44 -38.27 -20.52
C CYS E 92 23.76 -37.81 -21.94
N ALA E 93 25.05 -37.58 -22.19
CA ALA E 93 25.52 -37.14 -23.49
C ALA E 93 25.10 -38.11 -24.57
N THR E 94 25.44 -39.38 -24.39
CA THR E 94 25.09 -40.40 -25.37
C THR E 94 23.58 -40.46 -25.57
N GLY E 95 22.84 -39.85 -24.65
CA GLY E 95 21.39 -39.82 -24.76
C GLY E 95 20.92 -38.67 -25.61
N ALA E 96 21.16 -37.45 -25.13
CA ALA E 96 20.76 -36.24 -25.85
C ALA E 96 21.22 -36.30 -27.30
N PHE E 97 22.26 -37.09 -27.54
CA PHE E 97 22.77 -37.24 -28.89
C PHE E 97 21.81 -38.04 -29.73
N VAL E 98 21.48 -39.25 -29.28
CA VAL E 98 20.56 -40.08 -30.04
C VAL E 98 19.23 -39.36 -30.10
N SER E 99 18.79 -38.81 -28.97
CA SER E 99 17.53 -38.08 -28.94
C SER E 99 17.54 -37.04 -30.05
N TRP E 100 18.52 -36.15 -29.99
CA TRP E 100 18.66 -35.10 -30.98
C TRP E 100 18.55 -35.65 -32.41
N ALA E 101 19.25 -36.75 -32.67
CA ALA E 101 19.25 -37.39 -33.98
C ALA E 101 17.88 -37.92 -34.36
N LEU E 102 17.21 -38.55 -33.39
CA LEU E 102 15.88 -39.10 -33.64
C LEU E 102 14.89 -37.95 -33.75
N ARG E 103 15.06 -36.94 -32.90
CA ARG E 103 14.19 -35.77 -32.94
C ARG E 103 14.20 -35.26 -34.37
N GLU E 104 15.35 -35.45 -35.03
CA GLU E 104 15.48 -35.02 -36.41
C GLU E 104 14.52 -35.82 -37.28
N VAL E 105 14.63 -37.15 -37.21
CA VAL E 105 13.78 -38.00 -38.02
C VAL E 105 12.32 -37.60 -37.97
N GLU E 106 11.86 -37.08 -36.83
CA GLU E 106 10.47 -36.66 -36.71
C GLU E 106 10.19 -35.54 -37.70
N ILE E 107 11.13 -34.61 -37.82
CA ILE E 107 10.99 -33.48 -38.74
C ILE E 107 11.18 -33.98 -40.17
N CYS E 108 12.22 -34.77 -40.39
CA CYS E 108 12.54 -35.33 -41.70
C CYS E 108 11.28 -35.91 -42.34
N ARG E 109 10.43 -36.51 -41.51
CA ARG E 109 9.17 -37.12 -41.96
C ARG E 109 8.05 -36.09 -42.07
N LYS E 110 7.93 -35.23 -41.04
CA LYS E 110 6.91 -34.20 -41.05
C LYS E 110 7.03 -33.35 -42.31
N LEU E 111 8.18 -33.42 -42.97
CA LEU E 111 8.39 -32.66 -44.19
C LEU E 111 8.52 -33.57 -45.40
N GLY E 112 8.52 -34.88 -45.16
CA GLY E 112 8.63 -35.84 -46.25
C GLY E 112 9.87 -35.69 -47.09
N ILE E 113 11.03 -35.64 -46.43
CA ILE E 113 12.29 -35.50 -47.13
C ILE E 113 13.14 -36.72 -46.80
N GLY E 114 14.26 -36.87 -47.50
CA GLY E 114 15.14 -37.98 -47.23
C GLY E 114 15.56 -37.97 -45.78
N TYR E 115 16.35 -38.95 -45.36
CA TYR E 115 16.80 -39.04 -43.98
C TYR E 115 18.25 -38.62 -43.82
N HIS E 116 19.07 -38.93 -44.82
CA HIS E 116 20.49 -38.60 -44.82
C HIS E 116 21.03 -37.88 -43.57
N ILE E 117 20.53 -36.68 -43.30
CA ILE E 117 21.00 -35.90 -42.16
C ILE E 117 21.26 -36.70 -40.88
N PRO E 118 20.21 -37.04 -40.11
CA PRO E 118 20.53 -37.81 -38.90
C PRO E 118 21.36 -39.05 -39.17
N PHE E 119 21.36 -39.50 -40.43
CA PHE E 119 22.14 -40.68 -40.81
C PHE E 119 23.62 -40.30 -40.74
N ALA E 120 23.91 -39.06 -41.10
CA ALA E 120 25.28 -38.58 -41.06
C ALA E 120 25.64 -38.33 -39.60
N PHE E 121 24.86 -37.48 -38.94
CA PHE E 121 25.09 -37.17 -37.54
C PHE E 121 25.47 -38.41 -36.75
N ALA E 122 24.83 -39.53 -37.06
CA ALA E 122 25.11 -40.78 -36.37
C ALA E 122 26.61 -41.04 -36.42
N PHE E 123 27.18 -40.97 -37.62
CA PHE E 123 28.61 -41.20 -37.78
C PHE E 123 29.40 -40.53 -36.66
N ALA E 124 29.16 -39.25 -36.44
CA ALA E 124 29.84 -38.53 -35.38
C ALA E 124 29.65 -39.27 -34.05
N ILE E 125 28.39 -39.54 -33.72
CA ILE E 125 28.07 -40.24 -32.48
C ILE E 125 28.95 -41.48 -32.30
N LEU E 126 28.93 -42.37 -33.30
CA LEU E 126 29.74 -43.58 -33.22
C LEU E 126 31.17 -43.19 -32.94
N ALA E 127 31.64 -42.15 -33.63
CA ALA E 127 32.99 -41.66 -33.43
C ALA E 127 33.12 -41.31 -31.96
N TYR E 128 32.14 -40.57 -31.45
CA TYR E 128 32.16 -40.19 -30.05
C TYR E 128 32.25 -41.43 -29.18
N LEU E 129 31.28 -42.33 -29.33
CA LEU E 129 31.24 -43.55 -28.55
C LEU E 129 32.45 -44.44 -28.72
N THR E 130 33.27 -44.14 -29.72
CA THR E 130 34.47 -44.94 -29.91
C THR E 130 35.48 -44.46 -28.87
N LEU E 131 35.62 -43.15 -28.77
CA LEU E 131 36.56 -42.57 -27.82
C LEU E 131 36.13 -42.63 -26.36
N VAL E 132 34.88 -42.99 -26.10
CA VAL E 132 34.39 -43.06 -24.72
C VAL E 132 33.85 -44.42 -24.27
N LEU E 133 33.56 -45.30 -25.22
CA LEU E 133 33.03 -46.62 -24.89
C LEU E 133 33.83 -47.75 -25.51
N PHE E 134 33.59 -48.01 -26.80
CA PHE E 134 34.26 -49.07 -27.54
C PHE E 134 35.74 -49.22 -27.23
N ARG E 135 36.55 -48.30 -27.74
CA ARG E 135 37.98 -48.35 -27.49
C ARG E 135 38.25 -48.52 -26.00
N PRO E 136 37.70 -47.62 -25.16
CA PRO E 136 37.91 -47.73 -23.71
C PRO E 136 37.62 -49.13 -23.16
N VAL E 137 36.57 -49.76 -23.68
CA VAL E 137 36.22 -51.11 -23.23
C VAL E 137 37.23 -52.12 -23.77
N MET E 138 37.49 -52.08 -25.08
CA MET E 138 38.46 -52.99 -25.68
C MET E 138 39.80 -52.98 -24.94
N MET E 139 40.06 -51.91 -24.21
CA MET E 139 41.31 -51.78 -23.47
C MET E 139 41.11 -52.20 -22.01
N GLY E 140 39.86 -52.31 -21.61
CA GLY E 140 39.53 -52.74 -20.27
C GLY E 140 39.50 -51.69 -19.16
N ALA E 141 39.42 -50.41 -19.51
CA ALA E 141 39.37 -49.37 -18.49
C ALA E 141 38.83 -48.03 -18.98
N TRP E 142 37.84 -47.49 -18.28
CA TRP E 142 37.25 -46.22 -18.64
C TRP E 142 38.31 -45.12 -18.67
N GLY E 143 39.28 -45.21 -17.77
CA GLY E 143 40.33 -44.22 -17.72
C GLY E 143 41.00 -44.01 -19.07
N TYR E 144 40.87 -45.00 -19.95
CA TYR E 144 41.47 -44.90 -21.27
C TYR E 144 40.70 -43.95 -22.17
N ALA E 145 39.65 -43.33 -21.62
CA ALA E 145 38.83 -42.38 -22.37
C ALA E 145 39.28 -40.95 -22.11
N PHE E 146 38.71 -39.99 -22.84
CA PHE E 146 39.10 -38.60 -22.66
C PHE E 146 38.22 -37.83 -21.69
N PRO E 147 38.82 -36.96 -20.88
CA PRO E 147 38.14 -36.12 -19.88
C PRO E 147 37.36 -34.99 -20.53
N TYR E 148 36.33 -34.49 -19.86
CA TYR E 148 35.53 -33.41 -20.42
C TYR E 148 35.92 -32.04 -19.90
N GLY E 149 36.90 -31.42 -20.55
CA GLY E 149 37.36 -30.10 -20.15
C GLY E 149 37.99 -29.37 -21.33
N ILE E 150 37.58 -28.13 -21.55
CA ILE E 150 38.10 -27.31 -22.65
C ILE E 150 39.57 -27.54 -22.98
N TRP E 151 40.40 -27.72 -21.96
CA TRP E 151 41.81 -27.95 -22.19
C TRP E 151 42.23 -29.36 -21.78
N THR E 152 41.87 -29.75 -20.56
CA THR E 152 42.23 -31.07 -20.08
C THR E 152 42.02 -32.16 -21.13
N HIS E 153 41.11 -31.94 -22.06
CA HIS E 153 40.89 -32.94 -23.07
C HIS E 153 41.90 -32.85 -24.21
N LEU E 154 42.31 -31.63 -24.56
CA LEU E 154 43.30 -31.49 -25.62
C LEU E 154 44.54 -32.21 -25.17
N ASP E 155 44.86 -32.05 -23.89
CA ASP E 155 46.02 -32.68 -23.30
C ASP E 155 45.86 -34.19 -23.38
N TRP E 156 44.64 -34.67 -23.16
CA TRP E 156 44.36 -36.11 -23.23
C TRP E 156 44.92 -36.60 -24.55
N VAL E 157 44.60 -35.85 -25.60
CA VAL E 157 45.07 -36.16 -26.93
C VAL E 157 46.60 -36.08 -26.90
N SER E 158 47.15 -34.89 -26.69
CA SER E 158 48.60 -34.73 -26.66
C SER E 158 49.30 -35.95 -26.09
N ASN E 159 49.05 -36.25 -24.82
CA ASN E 159 49.67 -37.41 -24.19
C ASN E 159 49.38 -38.69 -24.97
N THR E 160 48.10 -39.04 -25.07
CA THR E 160 47.69 -40.25 -25.79
C THR E 160 48.38 -40.44 -27.15
N GLY E 161 48.62 -39.34 -27.85
CA GLY E 161 49.27 -39.44 -29.14
C GLY E 161 50.75 -39.73 -28.95
N TYR E 162 51.42 -38.95 -28.12
CA TYR E 162 52.85 -39.17 -27.89
C TYR E 162 53.11 -40.46 -27.14
N THR E 163 52.06 -41.22 -26.86
CA THR E 163 52.24 -42.48 -26.16
C THR E 163 52.87 -43.47 -27.13
N TYR E 164 52.74 -43.19 -28.42
CA TYR E 164 53.29 -44.05 -29.46
C TYR E 164 54.17 -43.23 -30.42
N GLY E 165 54.98 -42.34 -29.84
CA GLY E 165 55.86 -41.49 -30.63
C GLY E 165 55.06 -40.45 -31.37
N ASN E 166 55.56 -40.03 -32.53
CA ASN E 166 54.83 -39.05 -33.33
C ASN E 166 53.63 -39.83 -33.84
N PHE E 167 52.43 -39.38 -33.50
CA PHE E 167 51.23 -40.09 -33.93
C PHE E 167 50.99 -40.01 -35.44
N HIS E 168 51.58 -39.02 -36.09
CA HIS E 168 51.43 -38.85 -37.54
C HIS E 168 51.45 -40.17 -38.29
N TYR E 169 52.44 -41.00 -37.98
CA TYR E 169 52.65 -42.29 -38.65
C TYR E 169 51.53 -43.32 -38.62
N ASN E 170 50.43 -43.00 -37.97
CA ASN E 170 49.32 -43.94 -37.95
C ASN E 170 48.75 -43.97 -39.38
N PRO E 171 48.91 -45.09 -40.08
CA PRO E 171 48.41 -45.22 -41.45
C PRO E 171 46.93 -44.87 -41.63
N ALA E 172 46.09 -45.30 -40.69
CA ALA E 172 44.66 -44.99 -40.77
C ALA E 172 44.48 -43.50 -40.52
N HIS E 173 45.25 -43.01 -39.58
CA HIS E 173 45.24 -41.61 -39.19
C HIS E 173 45.68 -40.76 -40.38
N MET E 174 46.61 -41.27 -41.18
CA MET E 174 47.10 -40.55 -42.36
C MET E 174 45.95 -40.36 -43.34
N ILE E 175 45.27 -41.46 -43.61
CA ILE E 175 44.15 -41.45 -44.53
C ILE E 175 43.11 -40.43 -44.06
N ALA E 176 42.69 -40.54 -42.80
CA ALA E 176 41.69 -39.62 -42.25
C ALA E 176 42.06 -38.16 -42.49
N ILE E 177 43.25 -37.77 -42.04
CA ILE E 177 43.72 -36.40 -42.21
C ILE E 177 43.50 -35.95 -43.65
N SER E 178 44.02 -36.72 -44.60
CA SER E 178 43.88 -36.38 -46.00
C SER E 178 42.42 -36.18 -46.35
N PHE E 179 41.56 -37.06 -45.83
CA PHE E 179 40.14 -36.93 -46.11
C PHE E 179 39.62 -35.62 -45.56
N PHE E 180 40.13 -35.20 -44.41
CA PHE E 180 39.70 -33.93 -43.86
C PHE E 180 40.14 -32.81 -44.79
N PHE E 181 41.45 -32.63 -44.90
CA PHE E 181 42.00 -31.60 -45.77
C PHE E 181 41.25 -31.55 -47.10
N THR E 182 40.91 -32.72 -47.63
CA THR E 182 40.20 -32.76 -48.90
C THR E 182 38.80 -32.17 -48.78
N ASN E 183 37.98 -32.80 -47.94
CA ASN E 183 36.62 -32.30 -47.73
C ASN E 183 36.66 -30.78 -47.70
N ALA E 184 37.49 -30.25 -46.81
CA ALA E 184 37.66 -28.81 -46.68
C ALA E 184 37.81 -28.24 -48.08
N LEU E 185 38.91 -28.57 -48.76
CA LEU E 185 39.13 -28.11 -50.13
C LEU E 185 37.85 -28.27 -50.94
N ALA E 186 37.28 -29.46 -50.90
CA ALA E 186 36.06 -29.73 -51.63
C ALA E 186 34.98 -28.70 -51.33
N LEU E 187 34.68 -28.48 -50.06
CA LEU E 187 33.66 -27.49 -49.68
C LEU E 187 33.96 -26.13 -50.29
N ALA E 188 35.14 -25.60 -50.01
CA ALA E 188 35.55 -24.29 -50.53
C ALA E 188 35.28 -24.16 -52.02
N LEU E 189 35.58 -25.21 -52.77
CA LEU E 189 35.35 -25.19 -54.21
C LEU E 189 33.87 -25.19 -54.51
N HIS E 190 33.10 -25.95 -53.75
CA HIS E 190 31.66 -26.01 -54.00
C HIS E 190 31.06 -24.62 -53.82
N GLY E 191 31.23 -24.07 -52.62
CA GLY E 191 30.69 -22.74 -52.37
C GLY E 191 31.16 -21.76 -53.41
N ALA E 192 32.48 -21.65 -53.55
CA ALA E 192 33.06 -20.74 -54.53
C ALA E 192 32.32 -20.81 -55.86
N LEU E 193 32.37 -21.95 -56.51
CA LEU E 193 31.70 -22.16 -57.77
C LEU E 193 30.32 -21.50 -57.86
N VAL E 194 29.42 -21.88 -56.95
CA VAL E 194 28.06 -21.34 -56.95
C VAL E 194 27.96 -19.83 -56.77
N LEU E 195 28.62 -19.30 -55.74
CA LEU E 195 28.58 -17.87 -55.51
C LEU E 195 29.10 -17.13 -56.73
N SER E 196 30.16 -17.65 -57.34
CA SER E 196 30.74 -17.03 -58.52
C SER E 196 29.82 -17.16 -59.73
N ALA E 197 28.85 -18.05 -59.63
CA ALA E 197 27.89 -18.25 -60.72
C ALA E 197 26.63 -17.44 -60.44
N ALA E 198 26.24 -17.36 -59.18
CA ALA E 198 25.06 -16.60 -58.81
C ALA E 198 25.41 -15.13 -58.77
N ASN E 199 26.70 -14.84 -58.66
CA ASN E 199 27.17 -13.46 -58.59
C ASN E 199 28.31 -13.20 -59.57
N PRO E 200 28.02 -13.22 -60.88
CA PRO E 200 29.00 -12.99 -61.95
C PRO E 200 29.35 -11.52 -62.18
N GLU E 201 30.38 -11.25 -63.00
CA GLU E 201 30.80 -9.87 -63.28
C GLU E 201 29.58 -8.98 -63.44
N LYS E 202 29.65 -7.77 -62.93
CA LYS E 202 28.52 -6.85 -63.02
C LYS E 202 27.97 -6.73 -64.44
N GLY E 203 26.65 -6.76 -64.53
CA GLY E 203 26.00 -6.62 -65.82
C GLY E 203 25.55 -7.92 -66.45
N LYS E 204 26.41 -8.93 -66.43
CA LYS E 204 26.07 -10.20 -67.04
C LYS E 204 24.93 -10.90 -66.30
N GLU E 205 24.38 -11.93 -66.94
CA GLU E 205 23.29 -12.70 -66.39
C GLU E 205 23.90 -13.79 -65.51
N MET E 206 23.12 -14.33 -64.59
CA MET E 206 23.63 -15.39 -63.73
C MET E 206 24.21 -16.45 -64.66
N ARG E 207 25.13 -17.27 -64.15
CA ARG E 207 25.71 -18.30 -65.00
C ARG E 207 24.87 -19.57 -64.92
N THR E 208 25.00 -20.41 -65.94
CA THR E 208 24.27 -21.65 -66.03
C THR E 208 25.07 -22.82 -65.47
N PRO E 209 24.39 -23.91 -65.09
CA PRO E 209 25.10 -25.06 -64.56
C PRO E 209 26.17 -25.50 -65.56
N ASP E 210 25.91 -25.23 -66.84
CA ASP E 210 26.86 -25.58 -67.90
C ASP E 210 28.11 -24.71 -67.73
N HIS E 211 27.93 -23.47 -67.28
CA HIS E 211 29.06 -22.58 -67.05
C HIS E 211 29.79 -23.16 -65.85
N GLU E 212 29.00 -23.59 -64.88
CA GLU E 212 29.48 -24.18 -63.64
C GLU E 212 30.42 -25.36 -63.92
N ASP E 213 29.96 -26.33 -64.71
CA ASP E 213 30.77 -27.50 -65.04
C ASP E 213 31.96 -27.20 -65.93
N THR E 214 31.84 -26.19 -66.78
CA THR E 214 32.95 -25.84 -67.65
C THR E 214 34.13 -25.42 -66.79
N PHE E 215 33.91 -24.40 -65.96
CA PHE E 215 34.96 -23.89 -65.09
C PHE E 215 35.49 -25.01 -64.19
N PHE E 216 34.61 -25.55 -63.36
CA PHE E 216 34.97 -26.63 -62.43
C PHE E 216 35.88 -27.67 -63.06
N ARG E 217 35.50 -28.16 -64.24
CA ARG E 217 36.28 -29.17 -64.94
C ARG E 217 37.64 -28.66 -65.37
N ASP E 218 37.73 -27.37 -65.70
CA ASP E 218 39.00 -26.80 -66.11
C ASP E 218 39.96 -26.73 -64.93
N LEU E 219 39.47 -27.11 -63.76
CA LEU E 219 40.26 -27.11 -62.52
C LEU E 219 40.71 -28.52 -62.17
N VAL E 220 39.73 -29.42 -62.05
CA VAL E 220 39.96 -30.82 -61.70
C VAL E 220 40.40 -31.61 -62.93
N GLY E 221 39.76 -31.34 -64.06
CA GLY E 221 40.08 -32.05 -65.28
C GLY E 221 38.89 -32.90 -65.71
N TYR E 222 38.04 -33.22 -64.75
CA TYR E 222 36.85 -34.03 -65.00
C TYR E 222 35.62 -33.27 -64.51
N SER E 223 34.45 -33.85 -64.73
CA SER E 223 33.18 -33.26 -64.30
C SER E 223 32.46 -34.26 -63.41
N ILE E 224 31.64 -33.76 -62.49
CA ILE E 224 30.93 -34.66 -61.59
C ILE E 224 29.46 -34.30 -61.38
N GLY E 225 29.08 -33.07 -61.70
CA GLY E 225 27.69 -32.65 -61.54
C GLY E 225 27.29 -32.18 -60.16
N THR E 226 26.29 -31.31 -60.10
CA THR E 226 25.82 -30.77 -58.82
C THR E 226 25.39 -31.86 -57.86
N LEU E 227 24.76 -32.91 -58.38
CA LEU E 227 24.35 -33.99 -57.50
C LEU E 227 25.61 -34.76 -57.10
N GLY E 228 26.56 -34.85 -58.03
CA GLY E 228 27.80 -35.55 -57.77
C GLY E 228 28.73 -34.82 -56.81
N ILE E 229 28.48 -33.54 -56.60
CA ILE E 229 29.32 -32.77 -55.69
C ILE E 229 28.79 -32.88 -54.27
N HIS E 230 27.49 -32.63 -54.09
CA HIS E 230 26.91 -32.70 -52.76
C HIS E 230 27.02 -34.09 -52.18
N ARG E 231 27.41 -35.05 -53.02
CA ARG E 231 27.58 -36.43 -52.57
C ARG E 231 29.04 -36.68 -52.26
N LEU E 232 29.93 -35.98 -52.95
CA LEU E 232 31.35 -36.14 -52.69
C LEU E 232 31.68 -35.49 -51.34
N GLY E 233 31.04 -34.36 -51.05
CA GLY E 233 31.27 -33.67 -49.80
C GLY E 233 30.80 -34.47 -48.60
N LEU E 234 29.60 -35.04 -48.71
CA LEU E 234 29.04 -35.85 -47.64
C LEU E 234 29.91 -37.10 -47.54
N LEU E 235 30.27 -37.65 -48.69
CA LEU E 235 31.10 -38.84 -48.74
C LEU E 235 32.50 -38.53 -48.20
N LEU E 236 33.03 -37.37 -48.58
CA LEU E 236 34.36 -36.96 -48.13
C LEU E 236 34.42 -36.76 -46.63
N SER E 237 33.49 -35.96 -46.12
CA SER E 237 33.42 -35.66 -44.69
C SER E 237 33.27 -36.95 -43.90
N LEU E 238 32.30 -37.79 -44.26
CA LEU E 238 32.10 -39.04 -43.56
C LEU E 238 33.38 -39.88 -43.53
N SER E 239 33.89 -40.25 -44.69
CA SER E 239 35.12 -41.03 -44.77
C SER E 239 36.11 -40.50 -43.74
N ALA E 240 36.31 -39.18 -43.76
CA ALA E 240 37.23 -38.47 -42.86
C ALA E 240 37.02 -38.83 -41.38
N VAL E 241 35.77 -39.10 -41.02
CA VAL E 241 35.44 -39.46 -39.65
C VAL E 241 35.63 -40.95 -39.46
N PHE E 242 35.24 -41.71 -40.47
CA PHE E 242 35.36 -43.16 -40.43
C PHE E 242 36.78 -43.66 -40.19
N PHE E 243 37.74 -43.04 -40.85
CA PHE E 243 39.13 -43.45 -40.68
C PHE E 243 39.69 -42.93 -39.37
N SER E 244 39.07 -41.91 -38.82
CA SER E 244 39.51 -41.34 -37.55
C SER E 244 39.20 -42.34 -36.45
N ALA E 245 37.92 -42.70 -36.34
CA ALA E 245 37.48 -43.67 -35.35
C ALA E 245 38.36 -44.90 -35.44
N LEU E 246 38.54 -45.38 -36.67
CA LEU E 246 39.33 -46.56 -36.93
C LEU E 246 40.78 -46.46 -36.47
N CYS E 247 41.43 -45.34 -36.74
CA CYS E 247 42.83 -45.19 -36.35
C CYS E 247 43.02 -45.14 -34.83
N MET E 248 41.92 -45.00 -34.09
CA MET E 248 41.99 -44.99 -32.64
C MET E 248 41.60 -46.33 -32.09
N ILE E 249 40.60 -46.95 -32.70
CA ILE E 249 40.12 -48.27 -32.28
C ILE E 249 41.24 -49.30 -32.37
N ILE E 250 42.24 -49.03 -33.21
CA ILE E 250 43.36 -49.94 -33.40
C ILE E 250 44.59 -49.57 -32.58
N THR E 251 44.63 -48.35 -32.06
CA THR E 251 45.76 -47.92 -31.27
C THR E 251 45.70 -48.36 -29.81
N GLY E 252 46.42 -49.42 -29.48
CA GLY E 252 46.45 -49.92 -28.12
C GLY E 252 45.62 -51.18 -27.95
N THR E 253 45.07 -51.66 -29.06
CA THR E 253 44.24 -52.86 -29.04
C THR E 253 44.86 -53.96 -29.90
N ILE E 254 45.42 -53.57 -31.04
CA ILE E 254 46.04 -54.52 -31.93
C ILE E 254 47.47 -54.07 -32.23
N TRP E 255 47.73 -52.78 -32.00
CA TRP E 255 49.06 -52.19 -32.19
C TRP E 255 49.42 -51.47 -30.91
N PHE E 256 50.67 -51.64 -30.45
CA PHE E 256 51.10 -51.02 -29.19
C PHE E 256 52.42 -50.25 -29.25
N ASP E 257 53.12 -50.32 -30.38
CA ASP E 257 54.41 -49.63 -30.51
C ASP E 257 54.29 -48.25 -31.16
N GLN E 258 55.43 -47.57 -31.28
CA GLN E 258 55.43 -46.25 -31.91
C GLN E 258 55.18 -46.47 -33.39
N TRP E 259 53.99 -46.07 -33.83
CA TRP E 259 53.58 -46.22 -35.23
C TRP E 259 54.68 -46.08 -36.26
N VAL E 260 55.70 -45.27 -35.98
CA VAL E 260 56.79 -45.10 -36.93
C VAL E 260 57.39 -46.46 -37.28
N ASP E 261 57.39 -47.38 -36.32
CA ASP E 261 57.94 -48.72 -36.50
C ASP E 261 57.17 -49.58 -37.48
N TRP E 262 55.88 -49.34 -37.60
CA TRP E 262 55.01 -50.10 -38.49
C TRP E 262 55.55 -50.15 -39.92
N TRP E 263 55.95 -48.98 -40.42
CA TRP E 263 56.46 -48.88 -41.79
C TRP E 263 57.67 -49.76 -42.11
N GLN E 264 58.25 -50.40 -41.10
CA GLN E 264 59.38 -51.27 -41.38
C GLN E 264 58.94 -52.42 -42.26
N TRP E 265 57.72 -52.92 -42.05
CA TRP E 265 57.20 -54.03 -42.85
C TRP E 265 57.49 -53.79 -44.33
N TRP E 266 57.55 -52.52 -44.72
CA TRP E 266 57.83 -52.18 -46.10
C TRP E 266 59.33 -52.28 -46.38
N VAL E 267 60.12 -51.54 -45.60
CA VAL E 267 61.56 -51.57 -45.80
C VAL E 267 62.13 -52.95 -45.55
N LYS E 268 61.43 -53.76 -44.77
CA LYS E 268 61.90 -55.11 -44.45
C LYS E 268 61.51 -56.23 -45.41
N LEU E 269 60.99 -55.87 -46.58
CA LEU E 269 60.64 -56.88 -47.58
C LEU E 269 61.99 -57.36 -48.12
N PRO E 270 62.20 -58.68 -48.20
CA PRO E 270 63.42 -59.34 -48.68
C PRO E 270 64.12 -58.73 -49.89
N TRP E 271 63.42 -58.71 -51.01
CA TRP E 271 63.96 -58.22 -52.27
C TRP E 271 64.76 -56.90 -52.30
N TRP E 272 64.71 -56.14 -51.21
CA TRP E 272 65.47 -54.88 -51.14
C TRP E 272 65.89 -54.52 -49.72
N ALA E 273 65.25 -55.17 -48.75
CA ALA E 273 65.54 -54.92 -47.35
C ALA E 273 67.03 -54.85 -47.07
N ASN E 274 67.78 -55.79 -47.63
CA ASN E 274 69.22 -55.84 -47.40
C ASN E 274 70.10 -55.23 -48.50
N ILE E 275 69.54 -54.34 -49.31
CA ILE E 275 70.33 -53.70 -50.36
C ILE E 275 71.06 -52.49 -49.78
N PRO E 276 72.40 -52.48 -49.89
CA PRO E 276 73.34 -51.46 -49.41
C PRO E 276 73.13 -50.05 -49.97
N GLY E 277 72.97 -49.08 -49.08
CA GLY E 277 72.78 -47.71 -49.51
C GLY E 277 71.37 -47.17 -49.28
N GLY E 278 71.22 -45.86 -49.48
CA GLY E 278 69.92 -45.24 -49.28
C GLY E 278 69.81 -44.61 -47.90
N ILE E 279 68.60 -44.61 -47.37
CA ILE E 279 68.36 -44.04 -46.05
C ILE E 279 68.31 -45.12 -44.97
N ASN E 280 67.78 -46.28 -45.34
CA ASN E 280 67.65 -47.39 -44.42
C ASN E 280 68.68 -48.47 -44.70
N GLY E 281 69.78 -48.09 -45.36
CA GLY E 281 70.83 -49.03 -45.69
C GLY E 281 72.00 -48.98 -44.71
N PHE F 35 54.01 -10.23 -80.51
CA PHE F 35 52.60 -9.87 -80.82
C PHE F 35 51.58 -10.67 -80.01
N SER F 36 50.35 -10.71 -80.51
CA SER F 36 49.26 -11.42 -79.85
C SER F 36 49.06 -12.83 -80.43
N THR F 37 49.35 -12.99 -81.72
CA THR F 37 49.19 -14.26 -82.39
C THR F 37 49.73 -15.42 -81.54
N LEU F 38 50.96 -15.27 -81.07
CA LEU F 38 51.59 -16.28 -80.24
C LEU F 38 50.77 -16.47 -78.97
N LEU F 39 50.30 -15.36 -78.42
CA LEU F 39 49.49 -15.37 -77.20
C LEU F 39 48.22 -16.19 -77.45
N GLY F 40 47.70 -16.07 -78.67
CA GLY F 40 46.49 -16.80 -79.03
C GLY F 40 46.74 -18.28 -79.16
N TRP F 41 47.84 -18.66 -79.80
CA TRP F 41 48.17 -20.06 -79.98
C TRP F 41 48.21 -20.72 -78.60
N PHE F 42 48.76 -20.01 -77.63
CA PHE F 42 48.86 -20.50 -76.26
C PHE F 42 47.49 -20.47 -75.59
N GLY F 43 46.80 -19.34 -75.73
CA GLY F 43 45.49 -19.17 -75.13
C GLY F 43 44.49 -20.27 -75.46
N ASN F 44 44.75 -21.00 -76.55
CA ASN F 44 43.88 -22.08 -76.97
C ASN F 44 44.43 -23.46 -76.61
N ALA F 45 45.49 -23.49 -75.81
CA ALA F 45 46.10 -24.75 -75.39
C ALA F 45 45.02 -25.61 -74.72
N GLN F 46 45.01 -26.91 -75.02
CA GLN F 46 44.01 -27.80 -74.45
C GLN F 46 44.48 -29.21 -74.15
N LEU F 47 43.63 -29.94 -73.43
CA LEU F 47 43.86 -31.33 -73.06
C LEU F 47 42.48 -31.96 -73.18
N GLY F 48 42.18 -32.47 -74.37
CA GLY F 48 40.87 -33.06 -74.59
C GLY F 48 39.89 -31.91 -74.72
N PRO F 49 38.83 -31.88 -73.90
CA PRO F 49 37.86 -30.79 -73.99
C PRO F 49 38.13 -29.58 -73.06
N ILE F 50 39.29 -29.55 -72.40
CA ILE F 50 39.60 -28.44 -71.50
C ILE F 50 40.79 -27.59 -71.96
N TYR F 51 40.63 -26.26 -71.86
CA TYR F 51 41.70 -25.34 -72.24
C TYR F 51 42.71 -25.25 -71.11
N LEU F 52 43.92 -24.82 -71.43
CA LEU F 52 44.96 -24.70 -70.42
C LEU F 52 45.42 -23.27 -70.22
N GLY F 53 45.33 -22.47 -71.27
CA GLY F 53 45.73 -21.08 -71.17
C GLY F 53 47.22 -20.87 -71.14
N SER F 54 47.63 -19.60 -71.15
CA SER F 54 49.05 -19.21 -71.14
C SER F 54 49.70 -19.66 -69.83
N LEU F 55 49.03 -19.34 -68.73
CA LEU F 55 49.53 -19.67 -67.41
C LEU F 55 49.51 -21.18 -67.20
N GLY F 56 48.51 -21.85 -67.77
CA GLY F 56 48.42 -23.28 -67.64
C GLY F 56 49.72 -23.94 -68.04
N VAL F 57 50.31 -23.44 -69.12
CA VAL F 57 51.58 -23.98 -69.61
C VAL F 57 52.66 -23.67 -68.57
N LEU F 58 52.88 -22.38 -68.34
CA LEU F 58 53.88 -21.94 -67.37
C LEU F 58 53.67 -22.64 -66.04
N SER F 59 52.44 -23.11 -65.82
CA SER F 59 52.08 -23.78 -64.59
C SER F 59 52.56 -25.23 -64.61
N LEU F 60 52.05 -26.02 -65.55
CA LEU F 60 52.45 -27.42 -65.65
C LEU F 60 53.96 -27.56 -65.84
N PHE F 61 54.54 -26.70 -66.67
CA PHE F 61 55.97 -26.76 -66.93
C PHE F 61 56.72 -26.51 -65.65
N SER F 62 56.44 -25.38 -65.01
CA SER F 62 57.09 -25.03 -63.75
C SER F 62 56.81 -26.13 -62.74
N GLY F 63 55.63 -26.72 -62.85
CA GLY F 63 55.22 -27.79 -61.96
C GLY F 63 56.04 -29.07 -62.08
N LEU F 64 56.38 -29.45 -63.31
CA LEU F 64 57.18 -30.66 -63.53
C LEU F 64 58.58 -30.42 -63.02
N MET F 65 59.11 -29.22 -63.28
CA MET F 65 60.45 -28.88 -62.84
C MET F 65 60.56 -29.10 -61.34
N TRP F 66 59.51 -28.72 -60.62
CA TRP F 66 59.49 -28.92 -59.16
C TRP F 66 59.65 -30.41 -58.91
N PHE F 67 58.72 -31.18 -59.46
CA PHE F 67 58.70 -32.63 -59.34
C PHE F 67 60.04 -33.22 -59.77
N PHE F 68 60.57 -32.70 -60.86
CA PHE F 68 61.84 -33.16 -61.43
C PHE F 68 63.01 -32.85 -60.51
N THR F 69 63.00 -31.67 -59.89
CA THR F 69 64.07 -31.28 -58.99
C THR F 69 64.11 -32.20 -57.77
N ILE F 70 62.93 -32.47 -57.21
CA ILE F 70 62.85 -33.35 -56.05
C ILE F 70 63.16 -34.77 -56.49
N GLY F 71 62.39 -35.26 -57.46
CA GLY F 71 62.58 -36.61 -57.95
C GLY F 71 64.02 -36.98 -58.28
N ILE F 72 64.74 -36.07 -58.93
CA ILE F 72 66.12 -36.33 -59.28
C ILE F 72 66.93 -36.51 -58.00
N TRP F 73 66.74 -35.60 -57.05
CA TRP F 73 67.44 -35.67 -55.78
C TRP F 73 67.14 -36.98 -55.06
N PHE F 74 65.88 -37.40 -55.11
CA PHE F 74 65.47 -38.63 -54.46
C PHE F 74 66.23 -39.84 -55.00
N TRP F 75 66.39 -39.91 -56.32
CA TRP F 75 67.13 -41.01 -56.90
C TRP F 75 68.58 -40.92 -56.46
N TYR F 76 69.18 -39.74 -56.59
CA TYR F 76 70.56 -39.55 -56.17
C TYR F 76 70.77 -40.27 -54.84
N GLN F 77 70.04 -39.83 -53.82
CA GLN F 77 70.13 -40.43 -52.49
C GLN F 77 69.99 -41.95 -52.52
N ALA F 78 69.03 -42.43 -53.32
CA ALA F 78 68.76 -43.86 -53.45
C ALA F 78 69.84 -44.63 -54.21
N GLY F 79 70.93 -43.95 -54.55
CA GLY F 79 72.02 -44.60 -55.29
C GLY F 79 71.66 -44.93 -56.73
N TRP F 80 70.69 -44.21 -57.27
CA TRP F 80 70.22 -44.41 -58.65
C TRP F 80 69.68 -45.81 -58.82
N ASN F 81 69.73 -46.59 -57.74
CA ASN F 81 69.25 -47.97 -57.70
C ASN F 81 67.73 -47.98 -57.54
N PRO F 82 67.00 -48.37 -58.60
CA PRO F 82 65.53 -48.40 -58.56
C PRO F 82 64.98 -49.16 -57.35
N ALA F 83 65.59 -50.29 -57.03
CA ALA F 83 65.14 -51.07 -55.88
C ALA F 83 65.17 -50.18 -54.63
N VAL F 84 66.36 -49.76 -54.24
CA VAL F 84 66.51 -48.87 -53.09
C VAL F 84 65.54 -47.71 -53.17
N PHE F 85 65.50 -47.07 -54.33
CA PHE F 85 64.59 -45.95 -54.53
C PHE F 85 63.23 -46.36 -54.00
N LEU F 86 62.53 -47.20 -54.76
CA LEU F 86 61.20 -47.65 -54.36
C LEU F 86 61.03 -47.98 -52.88
N ARG F 87 62.03 -48.60 -52.27
CA ARG F 87 61.90 -48.94 -50.86
C ARG F 87 61.95 -47.73 -49.92
N ASP F 88 62.92 -46.84 -50.13
CA ASP F 88 63.08 -45.65 -49.29
C ASP F 88 62.37 -44.41 -49.80
N LEU F 89 61.50 -44.56 -50.80
CA LEU F 89 60.77 -43.43 -51.35
C LEU F 89 60.27 -42.53 -50.22
N PHE F 90 59.34 -43.05 -49.43
CA PHE F 90 58.76 -42.32 -48.29
C PHE F 90 59.76 -41.68 -47.33
N PHE F 91 60.97 -42.21 -47.27
CA PHE F 91 61.98 -41.68 -46.36
C PHE F 91 62.88 -40.60 -46.93
N PHE F 92 62.85 -40.41 -48.24
CA PHE F 92 63.70 -39.39 -48.85
C PHE F 92 63.19 -38.00 -48.48
N SER F 93 64.13 -37.07 -48.32
CA SER F 93 63.80 -35.70 -47.93
C SER F 93 64.75 -34.68 -48.53
N LEU F 94 64.19 -33.63 -49.11
CA LEU F 94 64.99 -32.58 -49.68
C LEU F 94 65.00 -31.43 -48.68
N GLU F 95 65.87 -31.52 -47.69
CA GLU F 95 65.98 -30.49 -46.66
C GLU F 95 66.45 -29.17 -47.23
N PRO F 96 66.12 -28.06 -46.57
CA PRO F 96 66.54 -26.73 -47.03
C PRO F 96 67.96 -26.48 -46.53
N PRO F 97 68.51 -25.27 -46.77
CA PRO F 97 69.87 -24.95 -46.31
C PRO F 97 70.01 -25.01 -44.80
N ALA F 98 71.21 -24.74 -44.30
CA ALA F 98 71.46 -24.76 -42.86
C ALA F 98 71.23 -23.38 -42.27
N PRO F 99 71.07 -23.29 -40.95
CA PRO F 99 70.86 -22.01 -40.28
C PRO F 99 72.03 -21.05 -40.47
N GLU F 100 73.20 -21.63 -40.68
CA GLU F 100 74.42 -20.85 -40.88
C GLU F 100 74.35 -20.12 -42.21
N TYR F 101 73.57 -20.67 -43.15
CA TYR F 101 73.42 -20.07 -44.47
C TYR F 101 72.42 -18.93 -44.46
N GLY F 102 71.64 -18.85 -43.39
CA GLY F 102 70.65 -17.79 -43.29
C GLY F 102 69.73 -17.70 -44.48
N LEU F 103 69.63 -16.50 -45.06
CA LEU F 103 68.76 -16.30 -46.22
C LEU F 103 69.53 -16.08 -47.51
N SER F 104 70.74 -16.64 -47.61
CA SER F 104 71.53 -16.48 -48.82
C SER F 104 71.29 -17.62 -49.79
N PHE F 105 71.69 -17.41 -51.04
CA PHE F 105 71.54 -18.40 -52.09
C PHE F 105 72.88 -19.06 -52.38
N ALA F 106 73.77 -19.02 -51.40
CA ALA F 106 75.10 -19.59 -51.52
C ALA F 106 75.18 -21.09 -51.27
N ALA F 107 74.25 -21.60 -50.47
CA ALA F 107 74.24 -23.02 -50.15
C ALA F 107 74.44 -23.89 -51.39
N PRO F 108 75.42 -24.82 -51.33
CA PRO F 108 75.73 -25.73 -52.45
C PRO F 108 74.54 -26.62 -52.82
N LEU F 109 74.45 -26.98 -54.09
CA LEU F 109 73.34 -27.80 -54.60
C LEU F 109 72.96 -29.05 -53.82
N LYS F 110 73.95 -29.70 -53.19
CA LYS F 110 73.67 -30.91 -52.41
C LYS F 110 73.56 -30.60 -50.92
N GLU F 111 73.33 -29.33 -50.62
CA GLU F 111 73.20 -28.88 -49.24
C GLU F 111 72.30 -27.64 -49.16
N GLY F 112 71.20 -27.68 -49.90
CA GLY F 112 70.28 -26.55 -49.88
C GLY F 112 69.99 -25.96 -51.25
N GLY F 113 70.93 -26.11 -52.16
CA GLY F 113 70.74 -25.57 -53.49
C GLY F 113 69.46 -26.02 -54.15
N LEU F 114 69.32 -27.33 -54.33
CA LEU F 114 68.15 -27.91 -54.97
C LEU F 114 66.83 -27.58 -54.26
N TRP F 115 66.88 -27.50 -52.93
CA TRP F 115 65.67 -27.16 -52.19
C TRP F 115 65.22 -25.84 -52.81
N LEU F 116 66.05 -24.81 -52.67
CA LEU F 116 65.77 -23.49 -53.21
C LEU F 116 65.14 -23.56 -54.59
N ILE F 117 65.88 -24.13 -55.54
CA ILE F 117 65.39 -24.25 -56.91
C ILE F 117 64.03 -24.94 -56.92
N ALA F 118 63.92 -26.05 -56.20
CA ALA F 118 62.67 -26.79 -56.13
C ALA F 118 61.55 -25.86 -55.70
N SER F 119 61.85 -25.00 -54.73
CA SER F 119 60.86 -24.05 -54.24
C SER F 119 60.49 -23.08 -55.36
N PHE F 120 61.51 -22.41 -55.90
CA PHE F 120 61.31 -21.45 -56.98
C PHE F 120 60.27 -21.95 -57.97
N PHE F 121 60.31 -23.24 -58.28
CA PHE F 121 59.37 -23.81 -59.22
C PHE F 121 57.98 -23.98 -58.63
N MET F 122 57.88 -24.43 -57.39
CA MET F 122 56.55 -24.59 -56.79
C MET F 122 55.88 -23.22 -56.64
N PHE F 123 56.70 -22.21 -56.40
CA PHE F 123 56.20 -20.86 -56.25
C PHE F 123 55.54 -20.48 -57.57
N VAL F 124 56.35 -20.45 -58.63
CA VAL F 124 55.87 -20.09 -59.96
C VAL F 124 54.72 -20.99 -60.41
N ALA F 125 54.85 -22.28 -60.17
CA ALA F 125 53.81 -23.23 -60.55
C ALA F 125 52.49 -22.88 -59.90
N VAL F 126 52.51 -22.72 -58.58
CA VAL F 126 51.32 -22.41 -57.80
C VAL F 126 50.69 -21.05 -58.13
N TRP F 127 51.50 -20.02 -58.26
CA TRP F 127 50.94 -18.71 -58.57
C TRP F 127 50.36 -18.64 -59.96
N SER F 128 51.00 -19.32 -60.91
CA SER F 128 50.48 -19.34 -62.27
C SER F 128 49.05 -19.83 -62.18
N TRP F 129 48.89 -21.03 -61.62
CA TRP F 129 47.57 -21.62 -61.47
C TRP F 129 46.57 -20.63 -60.91
N TRP F 130 46.91 -20.01 -59.77
CA TRP F 130 46.01 -19.03 -59.17
C TRP F 130 45.63 -18.03 -60.25
N GLY F 131 46.66 -17.43 -60.86
CA GLY F 131 46.46 -16.46 -61.91
C GLY F 131 45.57 -17.02 -63.01
N ARG F 132 45.71 -18.32 -63.26
CA ARG F 132 44.89 -18.97 -64.29
C ARG F 132 43.46 -19.04 -63.82
N THR F 133 43.27 -19.58 -62.62
CA THR F 133 41.95 -19.70 -62.05
C THR F 133 41.21 -18.38 -62.13
N TYR F 134 41.95 -17.29 -61.92
CA TYR F 134 41.38 -15.95 -61.95
C TYR F 134 40.95 -15.56 -63.36
N LEU F 135 41.82 -15.81 -64.34
CA LEU F 135 41.54 -15.47 -65.73
C LEU F 135 40.42 -16.32 -66.32
N ARG F 136 40.47 -17.62 -66.06
CA ARG F 136 39.45 -18.53 -66.57
C ARG F 136 38.12 -18.16 -65.97
N ALA F 137 38.15 -17.38 -64.89
CA ALA F 137 36.93 -16.93 -64.24
C ALA F 137 36.41 -15.69 -64.97
N GLN F 138 37.28 -14.70 -65.13
CA GLN F 138 36.94 -13.47 -65.81
C GLN F 138 36.56 -13.80 -67.23
N ALA F 139 37.12 -14.90 -67.74
CA ALA F 139 36.86 -15.35 -69.10
C ALA F 139 35.40 -15.77 -69.27
N LEU F 140 34.89 -16.57 -68.34
CA LEU F 140 33.50 -17.01 -68.43
C LEU F 140 32.61 -15.93 -67.85
N GLY F 141 33.23 -14.95 -67.19
CA GLY F 141 32.48 -13.86 -66.60
C GLY F 141 31.78 -14.29 -65.32
N MET F 142 32.55 -14.88 -64.40
CA MET F 142 31.99 -15.33 -63.13
C MET F 142 32.70 -14.64 -61.98
N GLY F 143 32.10 -14.70 -60.80
CA GLY F 143 32.73 -14.10 -59.64
C GLY F 143 34.09 -14.73 -59.49
N LYS F 144 35.03 -14.03 -58.86
CA LYS F 144 36.37 -14.55 -58.69
C LYS F 144 36.50 -15.28 -57.35
N HIS F 145 35.36 -15.62 -56.76
CA HIS F 145 35.36 -16.29 -55.47
C HIS F 145 36.39 -17.41 -55.43
N THR F 146 36.34 -18.26 -56.44
CA THR F 146 37.27 -19.37 -56.53
C THR F 146 38.70 -18.90 -56.26
N ALA F 147 39.11 -17.88 -57.01
CA ALA F 147 40.44 -17.32 -56.89
C ALA F 147 40.74 -16.82 -55.48
N TRP F 148 39.74 -16.24 -54.83
CA TRP F 148 39.92 -15.75 -53.48
C TRP F 148 40.13 -16.93 -52.56
N ALA F 149 39.18 -17.86 -52.59
CA ALA F 149 39.28 -19.04 -51.75
C ALA F 149 40.66 -19.66 -51.90
N PHE F 150 41.03 -19.97 -53.13
CA PHE F 150 42.34 -20.56 -53.41
C PHE F 150 43.43 -19.73 -52.78
N LEU F 151 43.32 -18.41 -52.92
CA LEU F 151 44.28 -17.47 -52.36
C LEU F 151 44.41 -17.74 -50.87
N SER F 152 43.28 -18.01 -50.22
CA SER F 152 43.28 -18.29 -48.79
C SER F 152 44.25 -19.43 -48.49
N ALA F 153 44.02 -20.58 -49.11
CA ALA F 153 44.89 -21.73 -48.92
C ALA F 153 46.33 -21.39 -49.22
N ILE F 154 46.55 -20.59 -50.26
CA ILE F 154 47.91 -20.21 -50.64
C ILE F 154 48.60 -19.41 -49.54
N TRP F 155 47.83 -18.64 -48.78
CA TRP F 155 48.36 -17.86 -47.67
C TRP F 155 49.12 -18.75 -46.69
N LEU F 156 48.56 -19.91 -46.36
CA LEU F 156 49.21 -20.83 -45.44
C LEU F 156 50.50 -21.29 -46.08
N TRP F 157 50.38 -21.77 -47.32
CA TRP F 157 51.52 -22.25 -48.07
C TRP F 157 52.60 -21.19 -47.98
N MET F 158 52.26 -19.98 -48.42
CA MET F 158 53.19 -18.85 -48.41
C MET F 158 53.81 -18.64 -47.04
N VAL F 159 52.99 -18.42 -46.02
CA VAL F 159 53.51 -18.21 -44.69
C VAL F 159 54.46 -19.36 -44.33
N LEU F 160 53.99 -20.58 -44.51
CA LEU F 160 54.79 -21.77 -44.20
C LEU F 160 56.18 -21.82 -44.83
N GLY F 161 56.23 -21.76 -46.16
CA GLY F 161 57.50 -21.85 -46.84
C GLY F 161 58.16 -20.62 -47.41
N PHE F 162 57.74 -19.43 -46.97
CA PHE F 162 58.33 -18.22 -47.49
C PHE F 162 58.35 -17.08 -46.48
N ILE F 163 57.18 -16.51 -46.21
CA ILE F 163 57.02 -15.40 -45.27
C ILE F 163 57.70 -15.54 -43.90
N ARG F 164 57.36 -16.61 -43.18
CA ARG F 164 57.95 -16.85 -41.87
C ARG F 164 59.44 -17.20 -41.97
N PRO F 165 59.80 -18.10 -42.89
CA PRO F 165 61.22 -18.45 -43.01
C PRO F 165 62.04 -17.18 -43.16
N ILE F 166 61.49 -16.24 -43.90
CA ILE F 166 62.17 -14.97 -44.11
C ILE F 166 62.22 -14.14 -42.84
N LEU F 167 61.05 -13.76 -42.31
CA LEU F 167 61.00 -12.96 -41.09
C LEU F 167 61.83 -13.60 -39.97
N MET F 168 62.11 -14.90 -40.12
CA MET F 168 62.89 -15.61 -39.12
C MET F 168 64.37 -15.40 -39.38
N GLY F 169 64.71 -15.12 -40.63
CA GLY F 169 66.09 -14.86 -41.00
C GLY F 169 66.92 -16.01 -41.55
N SER F 170 66.29 -17.12 -41.92
CA SER F 170 67.03 -18.26 -42.46
C SER F 170 66.10 -19.31 -43.05
N TRP F 171 66.48 -19.84 -44.21
CA TRP F 171 65.67 -20.85 -44.88
C TRP F 171 65.58 -22.17 -44.11
N SER F 172 66.52 -22.41 -43.22
CA SER F 172 66.52 -23.64 -42.45
C SER F 172 65.20 -23.84 -41.71
N GLU F 173 64.55 -22.73 -41.36
CA GLU F 173 63.27 -22.81 -40.65
C GLU F 173 62.17 -23.36 -41.53
N ALA F 174 62.37 -23.29 -42.85
CA ALA F 174 61.40 -23.80 -43.83
C ALA F 174 61.15 -25.30 -43.76
N VAL F 175 60.16 -25.78 -44.52
CA VAL F 175 59.81 -27.20 -44.54
C VAL F 175 60.51 -27.96 -45.65
N PRO F 176 61.00 -29.17 -45.36
CA PRO F 176 61.67 -29.94 -46.40
C PRO F 176 60.69 -30.82 -47.15
N TYR F 177 60.95 -31.03 -48.44
CA TYR F 177 60.07 -31.87 -49.26
C TYR F 177 60.33 -33.34 -48.97
N GLY F 178 59.28 -34.03 -48.53
CA GLY F 178 59.40 -35.44 -48.21
C GLY F 178 58.14 -35.94 -47.54
N ILE F 179 57.73 -37.17 -47.84
CA ILE F 179 56.52 -37.72 -47.25
C ILE F 179 56.63 -37.81 -45.74
N PHE F 180 57.60 -38.57 -45.27
CA PHE F 180 57.81 -38.73 -43.85
C PHE F 180 58.46 -37.51 -43.19
N SER F 181 59.33 -36.84 -43.93
CA SER F 181 60.04 -35.69 -43.40
C SER F 181 59.19 -34.49 -43.00
N HIS F 182 58.26 -34.08 -43.86
CA HIS F 182 57.46 -32.92 -43.52
C HIS F 182 56.60 -33.15 -42.28
N LEU F 183 56.25 -34.41 -42.04
CA LEU F 183 55.48 -34.76 -40.87
C LEU F 183 56.41 -34.57 -39.69
N ASP F 184 57.62 -35.07 -39.82
CA ASP F 184 58.61 -34.94 -38.76
C ASP F 184 58.81 -33.46 -38.48
N TRP F 185 58.83 -32.67 -39.55
CA TRP F 185 59.01 -31.23 -39.41
C TRP F 185 57.86 -30.70 -38.56
N THR F 186 56.64 -30.99 -39.00
CA THR F 186 55.44 -30.56 -38.29
C THR F 186 55.52 -30.84 -36.79
N ASN F 187 55.59 -32.12 -36.44
CA ASN F 187 55.67 -32.53 -35.04
C ASN F 187 56.62 -31.66 -34.25
N ASN F 188 57.88 -31.67 -34.69
CA ASN F 188 58.93 -30.88 -34.06
C ASN F 188 58.45 -29.45 -33.81
N PHE F 189 58.15 -28.74 -34.90
CA PHE F 189 57.68 -27.35 -34.84
C PHE F 189 56.80 -27.13 -33.62
N SER F 190 55.79 -27.98 -33.48
CA SER F 190 54.86 -27.90 -32.36
C SER F 190 55.64 -27.92 -31.03
N LEU F 191 56.37 -29.00 -30.77
CA LEU F 191 57.15 -29.14 -29.54
C LEU F 191 58.04 -27.94 -29.27
N VAL F 192 58.85 -27.58 -30.25
CA VAL F 192 59.77 -26.45 -30.13
C VAL F 192 59.09 -25.18 -29.61
N HIS F 193 57.93 -24.87 -30.15
CA HIS F 193 57.20 -23.67 -29.77
C HIS F 193 56.21 -23.83 -28.62
N GLY F 194 56.55 -24.67 -27.66
CA GLY F 194 55.68 -24.86 -26.51
C GLY F 194 54.29 -25.43 -26.74
N ASN F 195 54.20 -26.48 -27.56
CA ASN F 195 52.94 -27.14 -27.81
C ASN F 195 51.88 -26.24 -28.46
N LEU F 196 51.63 -26.46 -29.75
CA LEU F 196 50.64 -25.66 -30.49
C LEU F 196 49.21 -25.79 -30.01
N PHE F 197 48.90 -26.84 -29.26
CA PHE F 197 47.54 -26.99 -28.78
C PHE F 197 47.12 -25.75 -28.02
N TYR F 198 48.10 -25.07 -27.43
CA TYR F 198 47.84 -23.88 -26.66
C TYR F 198 47.96 -22.60 -27.47
N ASN F 199 47.91 -22.76 -28.79
CA ASN F 199 47.98 -21.63 -29.70
C ASN F 199 46.51 -21.36 -30.04
N PRO F 200 46.00 -20.17 -29.70
CA PRO F 200 44.59 -19.92 -30.03
C PRO F 200 44.28 -20.10 -31.52
N PHE F 201 45.11 -19.51 -32.36
CA PHE F 201 44.91 -19.62 -33.79
C PHE F 201 44.96 -21.07 -34.28
N HIS F 202 45.75 -21.91 -33.61
CA HIS F 202 45.82 -23.30 -34.00
C HIS F 202 44.48 -23.98 -33.68
N GLY F 203 43.87 -23.55 -32.59
CA GLY F 203 42.59 -24.12 -32.19
C GLY F 203 41.51 -23.66 -33.14
N LEU F 204 41.37 -22.35 -33.28
CA LEU F 204 40.36 -21.79 -34.18
C LEU F 204 40.40 -22.50 -35.53
N SER F 205 41.61 -22.79 -35.99
CA SER F 205 41.78 -23.47 -37.26
C SER F 205 41.06 -24.81 -37.14
N ILE F 206 41.53 -25.64 -36.21
CA ILE F 206 40.91 -26.95 -35.99
C ILE F 206 39.40 -26.79 -35.93
N ALA F 207 38.96 -25.77 -35.20
CA ALA F 207 37.54 -25.48 -35.05
C ALA F 207 36.89 -25.44 -36.43
N PHE F 208 37.47 -24.69 -37.34
CA PHE F 208 36.92 -24.60 -38.68
C PHE F 208 37.16 -25.87 -39.48
N LEU F 209 38.31 -26.50 -39.30
CA LEU F 209 38.63 -27.72 -40.03
C LEU F 209 37.57 -28.78 -39.74
N TYR F 210 37.05 -28.79 -38.51
CA TYR F 210 36.00 -29.71 -38.14
C TYR F 210 34.73 -29.08 -38.69
N GLY F 211 34.59 -27.78 -38.43
CA GLY F 211 33.42 -27.05 -38.91
C GLY F 211 33.16 -27.37 -40.37
N SER F 212 34.23 -27.46 -41.15
CA SER F 212 34.11 -27.76 -42.57
C SER F 212 33.50 -29.13 -42.78
N ALA F 213 34.09 -30.15 -42.17
CA ALA F 213 33.54 -31.49 -42.30
C ALA F 213 32.07 -31.40 -41.94
N LEU F 214 31.81 -31.00 -40.70
CA LEU F 214 30.45 -30.84 -40.18
C LEU F 214 29.43 -30.24 -41.16
N LEU F 215 29.68 -28.99 -41.56
CA LEU F 215 28.79 -28.28 -42.46
C LEU F 215 28.61 -28.94 -43.82
N PHE F 216 29.71 -29.38 -44.43
CA PHE F 216 29.60 -30.03 -45.73
C PHE F 216 28.84 -31.34 -45.54
N ALA F 217 28.93 -31.89 -44.34
CA ALA F 217 28.20 -33.10 -44.03
C ALA F 217 26.75 -32.62 -44.02
N MET F 218 26.48 -31.66 -43.15
CA MET F 218 25.14 -31.10 -43.04
C MET F 218 24.58 -30.81 -44.43
N HIS F 219 25.04 -29.73 -45.04
CA HIS F 219 24.59 -29.33 -46.36
C HIS F 219 24.53 -30.52 -47.30
N GLY F 220 25.68 -31.16 -47.48
CA GLY F 220 25.78 -32.32 -48.36
C GLY F 220 24.59 -33.24 -48.29
N ALA F 221 24.12 -33.52 -47.08
CA ALA F 221 22.97 -34.39 -46.89
C ALA F 221 21.70 -33.59 -47.13
N THR F 222 21.61 -32.41 -46.53
CA THR F 222 20.45 -31.56 -46.69
C THR F 222 19.98 -31.58 -48.14
N ILE F 223 20.92 -31.50 -49.07
CA ILE F 223 20.59 -31.51 -50.49
C ILE F 223 20.06 -32.87 -50.93
N LEU F 224 20.86 -33.92 -50.73
CA LEU F 224 20.46 -35.27 -51.10
C LEU F 224 19.12 -35.59 -50.48
N ALA F 225 18.87 -35.04 -49.30
CA ALA F 225 17.60 -35.26 -48.62
C ALA F 225 16.47 -34.68 -49.46
N VAL F 226 16.65 -33.43 -49.88
CA VAL F 226 15.65 -32.76 -50.71
C VAL F 226 15.96 -32.95 -52.20
N SER F 227 16.73 -34.00 -52.50
CA SER F 227 17.11 -34.30 -53.88
C SER F 227 15.90 -34.60 -54.75
N ARG F 228 14.92 -35.27 -54.15
CA ARG F 228 13.70 -35.62 -54.85
C ARG F 228 13.06 -34.35 -55.41
N PHE F 229 13.00 -33.32 -54.57
CA PHE F 229 12.43 -32.05 -54.99
C PHE F 229 13.43 -31.29 -55.86
N GLY F 230 14.31 -32.04 -56.53
CA GLY F 230 15.31 -31.45 -57.41
C GLY F 230 16.17 -30.40 -56.75
N GLY F 231 16.53 -30.63 -55.50
CA GLY F 231 17.35 -29.67 -54.79
C GLY F 231 18.74 -29.44 -55.33
N GLU F 232 19.44 -30.51 -55.71
CA GLU F 232 20.81 -30.38 -56.21
C GLU F 232 20.98 -29.19 -57.16
N ARG F 233 19.93 -28.92 -57.94
CA ARG F 233 19.95 -27.80 -58.87
C ARG F 233 19.74 -26.51 -58.09
N GLU F 234 20.74 -26.17 -57.28
CA GLU F 234 20.71 -24.97 -56.46
C GLU F 234 20.61 -23.68 -57.27
N LEU F 235 21.51 -23.51 -58.25
CA LEU F 235 21.51 -22.30 -59.07
C LEU F 235 20.13 -21.80 -59.47
N GLU F 236 19.35 -22.63 -60.13
CA GLU F 236 18.01 -22.23 -60.55
C GLU F 236 17.13 -22.10 -59.31
N GLN F 237 17.33 -22.98 -58.34
CA GLN F 237 16.57 -22.94 -57.10
C GLN F 237 16.70 -21.58 -56.42
N ILE F 238 17.81 -20.90 -56.69
CA ILE F 238 18.09 -19.60 -56.12
C ILE F 238 17.28 -18.50 -56.79
N ALA F 239 17.31 -18.50 -58.12
CA ALA F 239 16.59 -17.50 -58.90
C ALA F 239 15.09 -17.64 -58.73
N ASP F 240 14.61 -18.89 -58.70
CA ASP F 240 13.19 -19.15 -58.53
C ASP F 240 13.00 -20.21 -57.46
N ARG F 241 12.72 -19.75 -56.24
CA ARG F 241 12.52 -20.62 -55.09
C ARG F 241 11.63 -21.83 -55.36
N GLY F 242 11.90 -22.91 -54.64
CA GLY F 242 11.14 -24.13 -54.78
C GLY F 242 10.96 -24.79 -53.43
N THR F 243 9.93 -25.62 -53.28
CA THR F 243 9.69 -26.29 -52.01
C THR F 243 10.99 -26.94 -51.55
N ALA F 244 11.72 -27.53 -52.48
CA ALA F 244 12.98 -28.19 -52.18
C ALA F 244 13.81 -27.34 -51.24
N ALA F 245 13.82 -26.04 -51.50
CA ALA F 245 14.58 -25.09 -50.70
C ALA F 245 13.83 -24.69 -49.43
N GLU F 246 12.50 -24.73 -49.50
CA GLU F 246 11.68 -24.34 -48.37
C GLU F 246 11.74 -25.35 -47.22
N ARG F 247 11.79 -26.63 -47.56
CA ARG F 247 11.84 -27.66 -46.53
C ARG F 247 13.24 -27.73 -45.93
N ALA F 248 14.26 -27.57 -46.78
CA ALA F 248 15.63 -27.61 -46.31
C ALA F 248 15.81 -26.60 -45.20
N ALA F 249 15.33 -25.38 -45.44
CA ALA F 249 15.44 -24.32 -44.44
C ALA F 249 14.58 -24.61 -43.22
N LEU F 250 13.46 -25.29 -43.43
CA LEU F 250 12.56 -25.60 -42.33
C LEU F 250 13.09 -26.74 -41.45
N PHE F 251 13.73 -27.73 -42.07
CA PHE F 251 14.29 -28.83 -41.30
C PHE F 251 15.14 -28.21 -40.21
N TRP F 252 16.19 -27.53 -40.64
CA TRP F 252 17.12 -26.88 -39.74
C TRP F 252 16.47 -25.83 -38.84
N ARG F 253 15.57 -25.02 -39.40
CA ARG F 253 14.95 -24.01 -38.57
C ARG F 253 14.25 -24.66 -37.38
N TRP F 254 13.43 -25.67 -37.64
CA TRP F 254 12.73 -26.34 -36.56
C TRP F 254 13.70 -27.12 -35.71
N THR F 255 14.94 -27.23 -36.17
CA THR F 255 15.96 -27.98 -35.44
C THR F 255 16.77 -27.11 -34.48
N MET F 256 17.59 -26.22 -35.04
CA MET F 256 18.45 -25.38 -34.23
C MET F 256 18.03 -23.92 -34.03
N GLY F 257 16.87 -23.54 -34.57
CA GLY F 257 16.45 -22.16 -34.39
C GLY F 257 16.66 -21.24 -35.57
N PHE F 258 17.73 -21.44 -36.33
CA PHE F 258 17.97 -20.59 -37.48
C PHE F 258 18.20 -21.38 -38.77
N ASN F 259 18.47 -20.66 -39.85
CA ASN F 259 18.69 -21.31 -41.13
C ASN F 259 19.42 -20.40 -42.12
N ALA F 260 19.39 -20.80 -43.38
CA ALA F 260 20.05 -20.06 -44.44
C ALA F 260 19.15 -20.07 -45.66
N THR F 261 19.73 -19.72 -46.80
CA THR F 261 19.00 -19.72 -48.06
C THR F 261 19.82 -20.53 -49.04
N MET F 262 19.18 -21.00 -50.11
CA MET F 262 19.88 -21.81 -51.08
C MET F 262 21.22 -21.18 -51.42
N GLU F 263 21.25 -19.86 -51.56
CA GLU F 263 22.50 -19.16 -51.87
C GLU F 263 23.34 -18.92 -50.62
N GLY F 264 22.73 -18.26 -49.64
CA GLY F 264 23.44 -17.96 -48.41
C GLY F 264 24.24 -19.10 -47.81
N ILE F 265 23.67 -20.30 -47.79
CA ILE F 265 24.36 -21.43 -47.23
C ILE F 265 25.77 -21.53 -47.81
N HIS F 266 25.90 -21.23 -49.10
CA HIS F 266 27.19 -21.33 -49.76
C HIS F 266 28.19 -20.27 -49.31
N ARG F 267 27.69 -19.20 -48.67
CA ARG F 267 28.59 -18.16 -48.19
C ARG F 267 29.22 -18.62 -46.89
N TRP F 268 28.53 -19.53 -46.19
CA TRP F 268 29.10 -20.07 -44.97
C TRP F 268 30.16 -21.03 -45.46
N ALA F 269 29.69 -22.03 -46.20
CA ALA F 269 30.52 -23.07 -46.78
C ALA F 269 31.86 -22.55 -47.25
N ILE F 270 31.86 -21.41 -47.92
CA ILE F 270 33.13 -20.86 -48.39
C ILE F 270 33.94 -20.21 -47.28
N TRP F 271 33.30 -19.35 -46.47
CA TRP F 271 34.02 -18.71 -45.39
C TRP F 271 34.50 -19.71 -44.34
N MET F 272 33.74 -20.78 -44.15
CA MET F 272 34.13 -21.80 -43.17
C MET F 272 35.49 -22.35 -43.55
N ALA F 273 35.59 -22.77 -44.82
CA ALA F 273 36.81 -23.33 -45.34
C ALA F 273 37.97 -22.34 -45.33
N VAL F 274 37.80 -21.18 -45.98
CA VAL F 274 38.89 -20.18 -46.01
C VAL F 274 39.45 -19.87 -44.63
N LEU F 275 38.59 -19.73 -43.65
CA LEU F 275 39.06 -19.44 -42.30
C LEU F 275 40.03 -20.48 -41.76
N VAL F 276 39.87 -21.73 -42.20
CA VAL F 276 40.75 -22.80 -41.74
C VAL F 276 42.21 -22.45 -41.95
N THR F 277 42.56 -22.02 -43.17
CA THR F 277 43.94 -21.69 -43.42
C THR F 277 44.26 -20.26 -42.96
N LEU F 278 43.34 -19.33 -43.19
CA LEU F 278 43.55 -17.95 -42.78
C LEU F 278 44.07 -17.87 -41.34
N THR F 279 43.25 -18.36 -40.42
CA THR F 279 43.60 -18.35 -39.02
C THR F 279 45.00 -18.93 -38.82
N GLY F 280 45.21 -20.13 -39.34
CA GLY F 280 46.50 -20.78 -39.17
C GLY F 280 47.74 -20.15 -39.76
N GLY F 281 47.62 -19.53 -40.94
CA GLY F 281 48.79 -18.89 -41.51
C GLY F 281 49.22 -17.89 -40.45
N ILE F 282 48.21 -17.21 -39.91
CA ILE F 282 48.41 -16.22 -38.86
C ILE F 282 48.93 -16.92 -37.60
N GLY F 283 48.42 -18.12 -37.35
CA GLY F 283 48.86 -18.87 -36.18
C GLY F 283 50.31 -19.27 -36.32
N ILE F 284 50.69 -19.72 -37.50
CA ILE F 284 52.06 -20.13 -37.73
C ILE F 284 52.94 -18.89 -37.83
N LEU F 285 52.43 -17.86 -38.49
CA LEU F 285 53.19 -16.63 -38.65
C LEU F 285 53.60 -16.02 -37.32
N LEU F 286 52.82 -16.26 -36.28
CA LEU F 286 53.11 -15.72 -34.97
C LEU F 286 54.16 -16.55 -34.24
N SER F 287 54.15 -17.85 -34.51
CA SER F 287 55.07 -18.80 -33.88
C SER F 287 56.54 -18.48 -34.17
N GLY F 288 57.35 -18.51 -33.11
CA GLY F 288 58.76 -18.22 -33.28
C GLY F 288 59.09 -16.77 -33.57
N THR F 289 58.19 -16.09 -34.28
CA THR F 289 58.40 -14.69 -34.60
C THR F 289 58.00 -13.80 -33.43
N VAL F 290 56.99 -14.24 -32.70
CA VAL F 290 56.49 -13.48 -31.56
C VAL F 290 56.34 -14.31 -30.28
N VAL F 291 55.80 -15.52 -30.41
CA VAL F 291 55.61 -16.39 -29.26
C VAL F 291 56.58 -17.57 -29.25
N ASP F 292 57.51 -17.56 -28.29
CA ASP F 292 58.50 -18.61 -28.16
C ASP F 292 57.89 -19.91 -27.66
N ASN F 293 56.99 -19.82 -26.69
CA ASN F 293 56.34 -20.98 -26.12
C ASN F 293 54.86 -20.69 -25.92
N TRP F 294 54.01 -21.36 -26.70
CA TRP F 294 52.58 -21.11 -26.59
C TRP F 294 51.97 -21.44 -25.23
N TYR F 295 52.45 -22.49 -24.58
CA TYR F 295 51.89 -22.83 -23.28
C TYR F 295 52.01 -21.62 -22.36
N VAL F 296 53.25 -21.21 -22.10
CA VAL F 296 53.52 -20.05 -21.24
C VAL F 296 52.58 -18.90 -21.61
N TRP F 297 52.70 -18.40 -22.83
CA TRP F 297 51.84 -17.33 -23.30
C TRP F 297 50.43 -17.69 -22.84
N GLY F 298 50.00 -18.91 -23.15
CA GLY F 298 48.69 -19.35 -22.75
C GLY F 298 48.37 -19.10 -21.28
N GLN F 299 49.31 -19.43 -20.41
CA GLN F 299 49.13 -19.24 -18.97
C GLN F 299 48.96 -17.76 -18.64
N ASN F 300 49.51 -16.91 -19.49
CA ASN F 300 49.43 -15.47 -19.27
C ASN F 300 48.20 -14.84 -19.91
N HIS F 301 47.26 -15.67 -20.35
CA HIS F 301 46.04 -15.19 -20.99
C HIS F 301 44.84 -16.09 -20.68
N GLY G 8 57.56 0.45 -23.92
CA GLY G 8 56.17 0.76 -24.37
C GLY G 8 55.73 -0.12 -25.52
N ASN G 9 54.92 -1.14 -25.21
CA ASN G 9 54.43 -2.06 -26.24
C ASN G 9 53.07 -2.69 -25.88
N PHE G 10 52.81 -3.85 -26.49
CA PHE G 10 51.58 -4.61 -26.28
C PHE G 10 51.80 -6.00 -26.89
N ASP G 11 51.29 -7.04 -26.24
CA ASP G 11 51.46 -8.40 -26.75
C ASP G 11 50.76 -8.56 -28.10
N LEU G 12 51.55 -8.55 -29.17
CA LEU G 12 51.02 -8.65 -30.52
C LEU G 12 50.15 -9.87 -30.79
N ALA G 13 50.36 -10.94 -30.02
CA ALA G 13 49.58 -12.16 -30.20
C ALA G 13 48.17 -11.97 -29.65
N SER G 14 48.13 -11.58 -28.37
CA SER G 14 46.87 -11.35 -27.67
C SER G 14 46.07 -10.23 -28.31
N LEU G 15 46.71 -9.51 -29.24
CA LEU G 15 46.05 -8.43 -29.94
C LEU G 15 45.31 -9.00 -31.14
N ALA G 16 46.00 -9.87 -31.88
CA ALA G 16 45.43 -10.51 -33.05
C ALA G 16 44.18 -11.31 -32.69
N ILE G 17 44.31 -12.21 -31.72
CA ILE G 17 43.17 -13.03 -31.32
C ILE G 17 41.99 -12.12 -31.00
N TYR G 18 42.25 -11.01 -30.31
CA TYR G 18 41.19 -10.06 -29.97
C TYR G 18 40.56 -9.60 -31.28
N SER G 19 41.41 -9.05 -32.15
CA SER G 19 40.96 -8.56 -33.45
C SER G 19 40.09 -9.60 -34.11
N PHE G 20 40.63 -10.82 -34.25
CA PHE G 20 39.91 -11.88 -34.92
C PHE G 20 38.48 -12.01 -34.40
N TRP G 21 38.33 -12.21 -33.11
CA TRP G 21 37.00 -12.35 -32.55
C TRP G 21 36.08 -11.20 -32.99
N ILE G 22 36.53 -9.97 -32.88
CA ILE G 22 35.72 -8.84 -33.30
C ILE G 22 35.30 -9.13 -34.74
N PHE G 23 36.28 -9.50 -35.56
CA PHE G 23 36.06 -9.81 -36.97
C PHE G 23 35.03 -10.93 -37.15
N LEU G 24 35.30 -12.09 -36.57
CA LEU G 24 34.41 -13.24 -36.68
C LEU G 24 32.97 -12.80 -36.44
N ALA G 25 32.74 -12.15 -35.31
CA ALA G 25 31.41 -11.65 -34.93
C ALA G 25 30.83 -10.88 -36.10
N GLY G 26 31.64 -9.98 -36.66
CA GLY G 26 31.18 -9.20 -37.79
C GLY G 26 30.73 -10.06 -38.95
N LEU G 27 31.49 -11.12 -39.23
CA LEU G 27 31.15 -12.01 -40.33
C LEU G 27 29.86 -12.74 -40.02
N ILE G 28 29.78 -13.32 -38.84
CA ILE G 28 28.58 -14.03 -38.43
C ILE G 28 27.41 -13.10 -38.73
N TYR G 29 27.59 -11.84 -38.35
CA TYR G 29 26.58 -10.82 -38.57
C TYR G 29 26.29 -10.73 -40.06
N TYR G 30 27.33 -10.57 -40.85
CA TYR G 30 27.20 -10.46 -42.29
C TYR G 30 26.40 -11.64 -42.88
N LEU G 31 26.90 -12.84 -42.65
CA LEU G 31 26.25 -14.05 -43.16
C LEU G 31 24.77 -14.07 -42.86
N GLN G 32 24.43 -14.04 -41.58
CA GLN G 32 23.05 -14.07 -41.16
C GLN G 32 22.17 -13.11 -41.96
N THR G 33 22.51 -11.82 -41.96
CA THR G 33 21.72 -10.84 -42.69
C THR G 33 21.65 -11.18 -44.17
N GLU G 34 22.68 -11.86 -44.68
CA GLU G 34 22.72 -12.23 -46.09
C GLU G 34 21.80 -13.40 -46.35
N ASN G 35 21.44 -14.09 -45.27
CA ASN G 35 20.55 -15.24 -45.37
C ASN G 35 19.12 -14.89 -44.99
N MET G 36 18.76 -13.64 -45.19
CA MET G 36 17.42 -13.15 -44.89
C MET G 36 16.76 -12.66 -46.18
N ARG G 37 17.36 -13.02 -47.31
CA ARG G 37 16.84 -12.63 -48.60
C ARG G 37 15.59 -13.42 -48.98
N GLU G 38 15.15 -14.27 -48.06
CA GLU G 38 13.95 -15.08 -48.27
C GLU G 38 13.29 -15.29 -46.92
N GLY G 39 12.00 -15.57 -46.93
CA GLY G 39 11.27 -15.82 -45.70
C GLY G 39 11.09 -14.65 -44.75
N TYR G 40 11.69 -13.51 -45.05
CA TYR G 40 11.54 -12.34 -44.19
C TYR G 40 10.80 -11.21 -44.91
N PRO G 41 10.13 -10.31 -44.17
CA PRO G 41 10.00 -10.23 -42.70
C PRO G 41 9.26 -11.42 -42.10
N LEU G 42 9.26 -11.49 -40.77
CA LEU G 42 8.60 -12.57 -40.04
C LEU G 42 7.12 -12.27 -39.79
N GLU G 43 6.33 -13.33 -39.70
CA GLU G 43 4.89 -13.21 -39.47
C GLU G 43 4.44 -14.15 -38.36
N ASN G 44 3.21 -13.97 -37.90
CA ASN G 44 2.64 -14.81 -36.84
C ASN G 44 1.82 -15.89 -37.52
N GLU G 45 1.26 -16.81 -36.74
CA GLU G 45 0.45 -17.88 -37.33
C GLU G 45 -0.80 -17.22 -37.92
N ASP G 46 -0.89 -15.91 -37.72
CA ASP G 46 -1.98 -15.07 -38.20
C ASP G 46 -1.85 -14.81 -39.69
N GLY G 47 -0.73 -14.22 -40.09
CA GLY G 47 -0.49 -13.91 -41.50
C GLY G 47 0.00 -12.48 -41.61
N THR G 48 0.08 -11.81 -40.48
CA THR G 48 0.52 -10.42 -40.40
C THR G 48 1.95 -10.34 -39.86
N PRO G 49 2.55 -9.13 -39.87
CA PRO G 49 3.92 -8.94 -39.37
C PRO G 49 4.07 -9.36 -37.90
N ALA G 50 5.19 -10.00 -37.59
CA ALA G 50 5.45 -10.48 -36.25
C ALA G 50 5.92 -9.41 -35.28
N ALA G 51 6.34 -8.26 -35.82
CA ALA G 51 6.82 -7.14 -34.99
C ALA G 51 8.14 -7.45 -34.30
N ASN G 52 8.35 -8.72 -33.97
CA ASN G 52 9.59 -9.16 -33.34
C ASN G 52 10.34 -9.94 -34.41
N GLN G 53 11.15 -9.22 -35.17
CA GLN G 53 11.94 -9.82 -36.25
C GLN G 53 13.17 -10.54 -35.73
N GLY G 54 14.21 -9.79 -35.41
CA GLY G 54 15.44 -10.39 -34.91
C GLY G 54 16.53 -9.34 -34.76
N PRO G 55 17.59 -9.65 -34.02
CA PRO G 55 18.69 -8.70 -33.82
C PRO G 55 19.40 -8.33 -35.12
N PHE G 56 19.14 -9.10 -36.18
CA PHE G 56 19.75 -8.86 -37.47
C PHE G 56 18.91 -8.04 -38.43
N PRO G 57 19.56 -7.13 -39.18
CA PRO G 57 18.96 -6.23 -40.16
C PRO G 57 18.73 -6.85 -41.53
N LEU G 58 17.63 -6.47 -42.18
CA LEU G 58 17.31 -6.97 -43.51
C LEU G 58 18.38 -6.42 -44.46
N PRO G 59 18.92 -7.27 -45.34
CA PRO G 59 19.95 -6.84 -46.29
C PRO G 59 19.41 -5.91 -47.38
N LYS G 60 20.28 -5.05 -47.90
CA LYS G 60 19.87 -4.14 -48.96
C LYS G 60 19.53 -4.98 -50.20
N PRO G 61 18.41 -4.66 -50.85
CA PRO G 61 17.97 -5.39 -52.04
C PRO G 61 19.07 -5.62 -53.07
N LYS G 62 19.14 -6.84 -53.60
CA LYS G 62 20.12 -7.20 -54.62
C LYS G 62 19.31 -7.62 -55.83
N THR G 63 19.86 -7.45 -57.03
CA THR G 63 19.14 -7.81 -58.26
C THR G 63 19.82 -8.87 -59.12
N PHE G 64 19.07 -9.93 -59.46
CA PHE G 64 19.58 -11.00 -60.29
C PHE G 64 19.07 -10.86 -61.72
N ILE G 65 19.98 -10.96 -62.68
CA ILE G 65 19.61 -10.84 -64.09
C ILE G 65 19.52 -12.22 -64.71
N LEU G 66 18.38 -12.88 -64.51
CA LEU G 66 18.17 -14.23 -65.04
C LEU G 66 18.55 -14.33 -66.51
N PRO G 67 19.32 -15.36 -66.86
CA PRO G 67 19.79 -15.61 -68.22
C PRO G 67 18.70 -16.14 -69.15
N HIS G 68 18.97 -16.08 -70.45
CA HIS G 68 18.06 -16.57 -71.47
C HIS G 68 16.84 -15.67 -71.67
N GLY G 69 16.90 -14.47 -71.09
CA GLY G 69 15.80 -13.53 -71.23
C GLY G 69 14.55 -13.89 -70.45
N ARG G 70 14.72 -14.12 -69.16
CA ARG G 70 13.58 -14.47 -68.31
C ARG G 70 13.19 -13.30 -67.40
N GLY G 71 13.93 -12.20 -67.52
CA GLY G 71 13.65 -11.04 -66.72
C GLY G 71 14.63 -10.81 -65.58
N THR G 72 14.11 -10.43 -64.42
CA THR G 72 14.95 -10.20 -63.26
C THR G 72 14.33 -10.76 -61.99
N LEU G 73 14.95 -10.48 -60.85
CA LEU G 73 14.47 -10.95 -59.56
C LEU G 73 15.22 -10.22 -58.45
N THR G 74 14.47 -9.53 -57.61
CA THR G 74 15.06 -8.77 -56.51
C THR G 74 14.66 -9.34 -55.17
N VAL G 75 15.62 -9.38 -54.24
CA VAL G 75 15.40 -9.87 -52.88
C VAL G 75 16.31 -9.11 -51.92
N PRO G 76 15.83 -8.82 -50.70
CA PRO G 76 14.50 -9.16 -50.18
C PRO G 76 13.42 -8.19 -50.66
N GLY G 77 12.24 -8.73 -50.98
CA GLY G 77 11.16 -7.88 -51.46
C GLY G 77 9.79 -8.50 -51.27
N PRO G 78 8.83 -8.18 -52.16
CA PRO G 78 7.46 -8.69 -52.12
C PRO G 78 7.38 -10.21 -52.06
N GLU G 79 6.64 -10.72 -51.07
CA GLU G 79 6.47 -12.15 -50.88
C GLU G 79 5.30 -12.68 -51.71
N SER G 80 5.63 -13.51 -52.69
CA SER G 80 4.63 -14.11 -53.55
C SER G 80 3.70 -15.04 -52.77
N GLU G 81 4.01 -16.34 -52.77
CA GLU G 81 3.22 -17.36 -52.07
C GLU G 81 1.72 -17.18 -52.24
N ASP G 82 1.30 -16.93 -53.48
CA ASP G 82 -0.12 -16.72 -53.77
C ASP G 82 -0.81 -18.01 -54.18
N ARG G 83 -1.49 -18.63 -53.21
CA ARG G 83 -2.23 -19.87 -53.42
C ARG G 83 -2.86 -20.29 -52.09
N PRO G 84 -4.20 -20.30 -52.02
CA PRO G 84 -4.93 -20.67 -50.82
C PRO G 84 -4.30 -21.79 -49.97
N ILE G 85 -4.23 -21.55 -48.67
CA ILE G 85 -3.67 -22.51 -47.73
C ILE G 85 -4.82 -23.29 -47.08
N ALA G 86 -5.06 -24.50 -47.57
CA ALA G 86 -6.12 -25.34 -47.05
C ALA G 86 -5.79 -25.86 -45.66
N LEU G 87 -5.67 -24.94 -44.71
CA LEU G 87 -5.34 -25.29 -43.33
C LEU G 87 -6.09 -24.36 -42.38
N ALA G 88 -6.08 -24.70 -41.10
CA ALA G 88 -6.74 -23.90 -40.08
C ALA G 88 -6.06 -24.20 -38.74
N ARG G 89 -6.03 -23.20 -37.87
CA ARG G 89 -5.41 -23.35 -36.55
C ARG G 89 -5.94 -24.54 -35.77
N THR G 90 -5.58 -24.62 -34.50
CA THR G 90 -6.03 -25.71 -33.64
C THR G 90 -6.29 -25.18 -32.23
N ALA G 91 -5.30 -24.48 -31.68
CA ALA G 91 -5.44 -23.89 -30.36
C ALA G 91 -5.41 -22.38 -30.54
N VAL G 92 -5.70 -21.64 -29.47
CA VAL G 92 -5.71 -20.19 -29.53
C VAL G 92 -4.31 -19.59 -29.37
N SER G 93 -3.39 -20.38 -28.82
CA SER G 93 -2.03 -19.94 -28.60
C SER G 93 -1.11 -20.40 -29.74
N GLU G 94 -0.07 -19.60 -30.01
CA GLU G 94 0.89 -19.90 -31.08
C GLU G 94 1.66 -21.20 -30.88
N GLY G 95 2.38 -21.60 -31.91
CA GLY G 95 3.20 -22.80 -31.85
C GLY G 95 2.50 -24.14 -31.97
N PHE G 96 1.22 -24.12 -32.31
CA PHE G 96 0.48 -25.37 -32.44
C PHE G 96 0.17 -25.71 -33.90
N PRO G 97 0.10 -27.01 -34.22
CA PRO G 97 -0.19 -27.51 -35.56
C PRO G 97 -1.45 -26.95 -36.21
N HIS G 98 -1.46 -26.92 -37.53
CA HIS G 98 -2.61 -26.43 -38.29
C HIS G 98 -3.13 -27.58 -39.16
N ALA G 99 -4.30 -28.10 -38.78
CA ALA G 99 -4.93 -29.22 -39.48
C ALA G 99 -5.54 -28.85 -40.83
N PRO G 100 -5.48 -29.79 -41.79
CA PRO G 100 -6.04 -29.60 -43.14
C PRO G 100 -7.56 -29.50 -43.11
N THR G 101 -8.12 -28.57 -43.88
CA THR G 101 -9.58 -28.42 -43.94
C THR G 101 -10.13 -29.46 -44.90
N GLY G 102 -9.46 -29.63 -46.03
CA GLY G 102 -9.89 -30.60 -47.02
C GLY G 102 -8.87 -31.72 -47.15
N ASP G 103 -8.61 -32.14 -48.39
CA ASP G 103 -7.64 -33.19 -48.65
C ASP G 103 -6.26 -32.57 -48.88
N PRO G 104 -5.33 -32.79 -47.94
CA PRO G 104 -3.98 -32.23 -48.07
C PRO G 104 -3.31 -32.66 -49.37
N MET G 105 -3.36 -33.96 -49.65
CA MET G 105 -2.78 -34.51 -50.87
C MET G 105 -3.27 -33.80 -52.13
N LYS G 106 -4.43 -33.15 -52.04
CA LYS G 106 -5.02 -32.44 -53.17
C LYS G 106 -4.77 -30.94 -53.05
N ASP G 107 -5.19 -30.35 -51.94
CA ASP G 107 -5.01 -28.92 -51.71
C ASP G 107 -3.54 -28.52 -51.78
N GLY G 108 -2.68 -29.31 -51.15
CA GLY G 108 -1.26 -29.03 -51.15
C GLY G 108 -0.75 -28.37 -49.88
N VAL G 109 -0.53 -29.18 -48.85
CA VAL G 109 -0.03 -28.68 -47.57
C VAL G 109 0.88 -29.71 -46.92
N GLY G 110 1.44 -29.37 -45.76
CA GLY G 110 2.32 -30.29 -45.07
C GLY G 110 3.30 -30.87 -46.07
N PRO G 111 3.78 -32.11 -45.84
CA PRO G 111 4.75 -32.75 -46.75
C PRO G 111 4.20 -33.01 -48.15
N ALA G 112 3.22 -32.20 -48.55
CA ALA G 112 2.60 -32.32 -49.87
C ALA G 112 2.38 -30.93 -50.45
N SER G 113 3.21 -29.99 -50.01
CA SER G 113 3.11 -28.61 -50.47
C SER G 113 3.88 -28.41 -51.76
N TRP G 114 3.78 -27.21 -52.30
CA TRP G 114 4.47 -26.84 -53.53
C TRP G 114 4.56 -25.31 -53.61
N VAL G 115 5.62 -24.82 -54.26
CA VAL G 115 5.82 -23.39 -54.39
C VAL G 115 5.48 -22.93 -55.80
N ALA G 116 4.72 -21.84 -55.91
CA ALA G 116 4.35 -21.30 -57.22
C ALA G 116 5.60 -20.90 -57.98
N ARG G 117 6.22 -21.87 -58.66
CA ARG G 117 7.42 -21.60 -59.43
C ARG G 117 7.09 -21.09 -60.83
N ARG G 118 8.08 -20.51 -61.49
CA ARG G 118 7.91 -19.99 -62.84
C ARG G 118 7.32 -21.07 -63.73
N ASP G 119 6.18 -20.77 -64.34
CA ASP G 119 5.50 -21.72 -65.21
C ASP G 119 6.22 -21.85 -66.55
N LEU G 120 7.44 -22.36 -66.51
CA LEU G 120 8.25 -22.55 -67.71
C LEU G 120 9.27 -23.66 -67.43
N PRO G 121 9.62 -24.46 -68.44
CA PRO G 121 10.59 -25.54 -68.25
C PRO G 121 11.99 -25.00 -67.95
N GLU G 122 12.81 -25.77 -67.25
CA GLU G 122 14.15 -25.33 -66.93
C GLU G 122 15.03 -25.55 -68.16
N LEU G 123 15.67 -24.48 -68.62
CA LEU G 123 16.53 -24.52 -69.81
C LEU G 123 17.98 -24.76 -69.47
N ASP G 124 18.70 -25.43 -70.38
CA ASP G 124 20.11 -25.70 -70.17
C ASP G 124 20.94 -24.55 -70.72
N GLY G 125 22.19 -24.82 -71.05
CA GLY G 125 23.08 -23.80 -71.56
C GLY G 125 22.66 -23.13 -72.86
N HIS G 126 22.51 -23.93 -73.92
CA HIS G 126 22.15 -23.40 -75.23
C HIS G 126 20.71 -22.90 -75.33
N GLY G 127 20.00 -22.92 -74.22
CA GLY G 127 18.62 -22.44 -74.22
C GLY G 127 17.55 -23.50 -74.36
N HIS G 128 17.93 -24.68 -74.82
CA HIS G 128 16.97 -25.78 -75.01
C HIS G 128 16.36 -26.18 -73.66
N ASN G 129 15.75 -27.36 -73.63
CA ASN G 129 15.15 -27.87 -72.40
C ASN G 129 16.14 -28.81 -71.71
N LYS G 130 16.11 -28.81 -70.38
CA LYS G 130 17.00 -29.62 -69.57
C LYS G 130 16.47 -31.06 -69.42
N ILE G 131 15.16 -31.21 -69.53
CA ILE G 131 14.52 -32.52 -69.41
C ILE G 131 13.79 -32.90 -70.69
N LYS G 132 14.33 -33.86 -71.43
CA LYS G 132 13.73 -34.32 -72.68
C LYS G 132 13.37 -35.80 -72.62
N PRO G 133 12.10 -36.16 -72.92
CA PRO G 133 11.73 -37.58 -72.89
C PRO G 133 12.71 -38.29 -73.83
N MET G 134 13.47 -39.24 -73.29
CA MET G 134 14.48 -39.98 -74.06
C MET G 134 14.16 -40.25 -75.52
N LYS G 135 12.89 -40.51 -75.82
CA LYS G 135 12.48 -40.76 -77.20
C LYS G 135 12.32 -39.45 -77.98
N ALA G 136 12.92 -38.41 -77.43
CA ALA G 136 12.90 -37.07 -78.02
C ALA G 136 14.26 -36.42 -77.73
N ALA G 137 15.25 -37.27 -77.46
CA ALA G 137 16.61 -36.82 -77.14
C ALA G 137 17.51 -37.02 -78.37
N ALA G 138 18.66 -36.37 -78.37
CA ALA G 138 19.60 -36.46 -79.48
C ALA G 138 20.74 -37.46 -79.27
N GLY G 139 20.41 -38.75 -79.32
CA GLY G 139 21.42 -39.78 -79.17
C GLY G 139 21.60 -40.34 -77.76
N PHE G 140 20.50 -40.58 -77.06
CA PHE G 140 20.56 -41.12 -75.70
C PHE G 140 19.98 -42.53 -75.61
N HIS G 141 20.87 -43.52 -75.50
CA HIS G 141 20.48 -44.92 -75.40
C HIS G 141 20.48 -45.37 -73.95
N VAL G 142 19.80 -46.49 -73.68
CA VAL G 142 19.73 -47.02 -72.32
C VAL G 142 20.90 -47.96 -72.07
N SER G 143 21.85 -47.52 -71.24
CA SER G 143 23.02 -48.32 -70.91
C SER G 143 23.30 -48.27 -69.41
N ALA G 144 22.39 -47.66 -68.66
CA ALA G 144 22.52 -47.53 -67.21
C ALA G 144 22.39 -48.88 -66.50
N GLY G 145 21.87 -49.87 -67.21
CA GLY G 145 21.70 -51.19 -66.64
C GLY G 145 20.42 -51.88 -67.08
N LYS G 146 19.32 -51.55 -66.40
CA LYS G 146 18.03 -52.15 -66.72
C LYS G 146 17.06 -51.18 -67.38
N ASN G 147 16.18 -51.72 -68.23
CA ASN G 147 15.18 -50.92 -68.93
C ASN G 147 13.83 -51.15 -68.27
N PRO G 148 13.24 -50.09 -67.67
CA PRO G 148 11.93 -50.19 -67.01
C PRO G 148 10.72 -50.09 -67.94
N ILE G 149 10.92 -49.53 -69.13
CA ILE G 149 9.81 -49.38 -70.08
C ILE G 149 9.12 -50.71 -70.38
N GLY G 150 7.79 -50.72 -70.26
CA GLY G 150 7.03 -51.92 -70.55
C GLY G 150 6.53 -52.69 -69.33
N LEU G 151 7.23 -52.53 -68.21
CA LEU G 151 6.86 -53.22 -66.97
C LEU G 151 5.70 -52.52 -66.26
N PRO G 152 5.00 -53.24 -65.38
CA PRO G 152 3.86 -52.67 -64.64
C PRO G 152 4.32 -51.84 -63.45
N VAL G 153 3.42 -50.98 -62.96
CA VAL G 153 3.71 -50.11 -61.83
C VAL G 153 2.62 -50.23 -60.77
N ARG G 154 3.01 -50.61 -59.55
CA ARG G 154 2.07 -50.75 -58.45
C ARG G 154 2.48 -49.95 -57.22
N GLY G 155 1.48 -49.43 -56.51
CA GLY G 155 1.76 -48.64 -55.32
C GLY G 155 1.88 -49.47 -54.06
N CYS G 156 1.72 -48.81 -52.92
CA CYS G 156 1.81 -49.45 -51.60
C CYS G 156 0.77 -50.55 -51.43
N ASP G 157 -0.39 -50.37 -52.05
CA ASP G 157 -1.48 -51.34 -51.96
C ASP G 157 -1.16 -52.59 -52.78
N LEU G 158 0.09 -52.70 -53.21
CA LEU G 158 0.55 -53.84 -53.99
C LEU G 158 -0.27 -54.10 -55.25
N GLU G 159 -1.29 -53.28 -55.47
CA GLU G 159 -2.14 -53.40 -56.66
C GLU G 159 -1.62 -52.53 -57.79
N ILE G 160 -1.28 -53.16 -58.90
CA ILE G 160 -0.76 -52.47 -60.08
C ILE G 160 -1.64 -51.27 -60.43
N ALA G 161 -1.07 -50.30 -61.14
CA ALA G 161 -1.81 -49.10 -61.53
C ALA G 161 -1.50 -48.60 -62.94
N GLY G 162 -0.50 -49.21 -63.59
CA GLY G 162 -0.14 -48.81 -64.93
C GLY G 162 1.16 -49.46 -65.39
N LYS G 163 1.73 -48.97 -66.49
CA LYS G 163 2.97 -49.51 -66.99
C LYS G 163 3.92 -48.43 -67.53
N VAL G 164 5.21 -48.66 -67.36
CA VAL G 164 6.23 -47.72 -67.82
C VAL G 164 6.07 -47.43 -69.30
N VAL G 165 6.04 -46.15 -69.63
CA VAL G 165 5.87 -45.71 -71.02
C VAL G 165 7.14 -45.08 -71.61
N ASP G 166 7.73 -44.13 -70.89
CA ASP G 166 8.94 -43.46 -71.38
C ASP G 166 9.89 -43.01 -70.25
N ILE G 167 11.13 -42.71 -70.64
CA ILE G 167 12.17 -42.27 -69.70
C ILE G 167 12.63 -40.84 -69.95
N TRP G 168 12.07 -39.88 -69.22
CA TRP G 168 12.48 -38.48 -69.40
C TRP G 168 13.89 -38.30 -68.86
N VAL G 169 14.80 -37.85 -69.71
CA VAL G 169 16.19 -37.67 -69.33
C VAL G 169 16.65 -36.22 -69.12
N ASP G 170 17.65 -36.07 -68.26
CA ASP G 170 18.24 -34.78 -67.93
C ASP G 170 19.51 -34.62 -68.77
N ILE G 171 19.31 -34.38 -70.07
CA ILE G 171 20.39 -34.22 -71.03
C ILE G 171 21.72 -33.68 -70.49
N PRO G 172 21.70 -32.52 -69.81
CA PRO G 172 22.95 -31.97 -69.27
C PRO G 172 23.70 -32.92 -68.33
N GLU G 173 23.32 -32.94 -67.04
CA GLU G 173 23.97 -33.81 -66.07
C GLU G 173 24.00 -35.24 -66.59
N GLN G 174 23.04 -35.56 -67.45
CA GLN G 174 22.94 -36.90 -68.05
C GLN G 174 22.44 -37.94 -67.06
N MET G 175 21.15 -37.89 -66.75
CA MET G 175 20.54 -38.83 -65.81
C MET G 175 19.02 -38.84 -65.90
N ALA G 176 18.42 -39.95 -65.48
CA ALA G 176 16.96 -40.09 -65.50
C ALA G 176 16.33 -39.31 -64.36
N ARG G 177 15.33 -38.50 -64.67
CA ARG G 177 14.65 -37.69 -63.65
C ARG G 177 13.16 -38.00 -63.52
N PHE G 178 12.57 -38.58 -64.56
CA PHE G 178 11.16 -38.90 -64.52
C PHE G 178 10.77 -40.15 -65.32
N LEU G 179 9.75 -40.85 -64.83
CA LEU G 179 9.23 -42.05 -65.47
C LEU G 179 7.80 -41.82 -65.92
N GLU G 180 7.59 -41.85 -67.23
CA GLU G 180 6.26 -41.65 -67.80
C GLU G 180 5.46 -42.94 -67.75
N VAL G 181 4.42 -42.97 -66.94
CA VAL G 181 3.59 -44.16 -66.81
C VAL G 181 2.14 -43.89 -67.19
N GLU G 182 1.68 -44.60 -68.23
CA GLU G 182 0.32 -44.44 -68.71
C GLU G 182 -0.68 -45.14 -67.80
N LEU G 183 -1.65 -44.38 -67.30
CA LEU G 183 -2.67 -44.94 -66.44
C LEU G 183 -3.54 -45.86 -67.31
N LYS G 184 -4.53 -46.49 -66.72
CA LYS G 184 -5.40 -47.41 -67.46
C LYS G 184 -6.13 -46.75 -68.62
N ASP G 185 -6.64 -45.53 -68.41
CA ASP G 185 -7.38 -44.83 -69.46
C ASP G 185 -6.54 -44.13 -70.54
N GLY G 186 -5.37 -44.69 -70.82
CA GLY G 186 -4.52 -44.11 -71.85
C GLY G 186 -3.72 -42.86 -71.50
N SER G 187 -4.24 -42.03 -70.60
CA SER G 187 -3.54 -40.81 -70.20
C SER G 187 -2.19 -41.13 -69.57
N THR G 188 -1.30 -40.13 -69.51
CA THR G 188 0.04 -40.31 -68.95
C THR G 188 0.24 -39.71 -67.56
N ARG G 189 1.39 -40.01 -66.96
CA ARG G 189 1.77 -39.53 -65.64
C ARG G 189 3.28 -39.65 -65.41
N LEU G 190 3.91 -38.56 -65.00
CA LEU G 190 5.35 -38.55 -64.75
C LEU G 190 5.63 -38.81 -63.27
N LEU G 191 6.66 -39.61 -63.01
CA LEU G 191 7.04 -39.95 -61.64
C LEU G 191 8.50 -39.68 -61.32
N PRO G 192 8.75 -39.12 -60.12
CA PRO G 192 10.12 -38.80 -59.66
C PRO G 192 10.93 -40.07 -59.40
N MET G 193 11.88 -40.36 -60.28
CA MET G 193 12.73 -41.55 -60.15
C MET G 193 13.08 -41.95 -58.72
N GLN G 194 13.30 -40.97 -57.85
CA GLN G 194 13.67 -41.24 -56.46
C GLN G 194 12.52 -41.79 -55.61
N MET G 195 11.36 -41.98 -56.21
CA MET G 195 10.20 -42.47 -55.47
C MET G 195 9.72 -43.84 -55.95
N VAL G 196 10.43 -44.39 -56.93
CA VAL G 196 10.06 -45.69 -57.50
C VAL G 196 11.25 -46.65 -57.54
N LYS G 197 10.99 -47.93 -57.30
CA LYS G 197 12.05 -48.94 -57.32
C LYS G 197 12.02 -49.72 -58.63
N VAL G 198 13.19 -49.93 -59.22
CA VAL G 198 13.31 -50.65 -60.47
C VAL G 198 13.82 -52.07 -60.26
N GLN G 199 12.90 -53.03 -60.29
CA GLN G 199 13.24 -54.43 -60.12
C GLN G 199 13.43 -55.12 -61.48
N SER G 200 13.29 -56.44 -61.49
CA SER G 200 13.46 -57.20 -62.72
C SER G 200 12.14 -57.55 -63.41
N ASN G 201 11.04 -57.45 -62.66
CA ASN G 201 9.73 -57.76 -63.22
C ASN G 201 8.69 -56.66 -63.04
N ARG G 202 8.95 -55.72 -62.12
CA ARG G 202 8.01 -54.62 -61.89
C ARG G 202 8.61 -53.45 -61.11
N VAL G 203 7.91 -52.32 -61.13
CA VAL G 203 8.32 -51.10 -60.45
C VAL G 203 7.35 -50.81 -59.30
N HIS G 204 7.90 -50.49 -58.13
CA HIS G 204 7.08 -50.22 -56.96
C HIS G 204 7.08 -48.76 -56.54
N VAL G 205 5.91 -48.27 -56.15
CA VAL G 205 5.73 -46.89 -55.70
C VAL G 205 5.17 -46.89 -54.29
N ASN G 206 6.03 -47.22 -53.33
CA ASN G 206 5.64 -47.28 -51.92
C ASN G 206 5.06 -45.97 -51.39
N ALA G 207 5.42 -44.86 -52.02
CA ALA G 207 4.96 -43.54 -51.62
C ALA G 207 3.45 -43.34 -51.78
N LEU G 208 2.95 -43.63 -52.97
CA LEU G 208 1.53 -43.47 -53.26
C LEU G 208 0.81 -44.80 -53.41
N SER G 209 -0.52 -44.73 -53.56
CA SER G 209 -1.35 -45.91 -53.74
C SER G 209 -1.87 -45.86 -55.17
N SER G 210 -2.02 -47.02 -55.79
CA SER G 210 -2.51 -47.12 -57.16
C SER G 210 -3.68 -46.18 -57.44
N ASP G 211 -4.60 -46.08 -56.48
CA ASP G 211 -5.77 -45.22 -56.64
C ASP G 211 -5.41 -43.74 -56.59
N LEU G 212 -4.28 -43.43 -55.97
CA LEU G 212 -3.82 -42.05 -55.83
C LEU G 212 -3.15 -41.53 -57.10
N PHE G 213 -2.70 -42.46 -57.95
CA PHE G 213 -2.05 -42.09 -59.20
C PHE G 213 -2.93 -41.18 -60.06
N ALA G 214 -4.18 -40.99 -59.63
CA ALA G 214 -5.11 -40.14 -60.37
C ALA G 214 -4.96 -38.68 -59.93
N GLY G 215 -4.68 -38.48 -58.64
CA GLY G 215 -4.51 -37.13 -58.12
C GLY G 215 -3.24 -36.49 -58.63
N ILE G 216 -2.33 -37.29 -59.16
CA ILE G 216 -1.07 -36.80 -59.69
C ILE G 216 -1.35 -35.74 -60.75
N PRO G 217 -0.81 -34.53 -60.56
CA PRO G 217 -1.00 -33.42 -61.50
C PRO G 217 -0.54 -33.74 -62.92
N THR G 218 -1.02 -32.99 -63.90
CA THR G 218 -0.67 -33.22 -65.30
C THR G 218 0.18 -32.12 -65.93
N ILE G 219 0.84 -32.47 -67.03
CA ILE G 219 1.69 -31.54 -67.75
C ILE G 219 1.01 -31.12 -69.04
N LYS G 220 0.89 -29.81 -69.26
CA LYS G 220 0.26 -29.29 -70.47
C LYS G 220 0.89 -29.93 -71.70
N SER G 221 2.12 -29.55 -72.02
CA SER G 221 2.79 -30.11 -73.19
C SER G 221 3.38 -31.48 -72.87
N PRO G 222 2.96 -32.52 -73.61
CA PRO G 222 3.46 -33.87 -73.39
C PRO G 222 4.92 -34.06 -73.82
N THR G 223 5.66 -32.96 -73.89
CA THR G 223 7.06 -32.99 -74.29
C THR G 223 7.93 -32.09 -73.42
N GLU G 224 7.35 -31.57 -72.35
CA GLU G 224 8.04 -30.70 -71.42
C GLU G 224 7.17 -30.33 -70.22
N VAL G 225 7.79 -30.22 -69.05
CA VAL G 225 7.09 -29.87 -67.82
C VAL G 225 7.73 -28.63 -67.21
N THR G 226 6.93 -27.62 -66.93
CA THR G 226 7.45 -26.39 -66.34
C THR G 226 7.75 -26.61 -64.87
N LEU G 227 8.71 -25.84 -64.35
CA LEU G 227 9.10 -25.95 -62.95
C LEU G 227 7.84 -26.01 -62.10
N LEU G 228 7.00 -24.99 -62.20
CA LEU G 228 5.76 -24.94 -61.44
C LEU G 228 5.12 -26.30 -61.34
N GLU G 229 5.16 -27.06 -62.43
CA GLU G 229 4.58 -28.38 -62.45
C GLU G 229 5.42 -29.37 -61.64
N GLU G 230 6.73 -29.32 -61.79
CA GLU G 230 7.61 -30.23 -61.05
C GLU G 230 7.28 -30.24 -59.57
N ASP G 231 7.13 -29.06 -58.97
CA ASP G 231 6.80 -28.99 -57.55
C ASP G 231 5.47 -29.69 -57.31
N LYS G 232 4.54 -29.51 -58.24
CA LYS G 232 3.22 -30.11 -58.14
C LYS G 232 3.36 -31.63 -58.10
N ILE G 233 4.15 -32.17 -59.02
CA ILE G 233 4.39 -33.61 -59.13
C ILE G 233 5.06 -34.22 -57.90
N CYS G 234 6.32 -33.85 -57.69
CA CYS G 234 7.11 -34.37 -56.58
C CYS G 234 6.46 -34.09 -55.22
N GLY G 235 6.01 -32.86 -55.01
CA GLY G 235 5.38 -32.48 -53.75
C GLY G 235 4.19 -33.35 -53.44
N TYR G 236 3.47 -33.77 -54.48
CA TYR G 236 2.30 -34.62 -54.35
C TYR G 236 2.74 -36.02 -53.90
N VAL G 237 3.65 -36.62 -54.67
CA VAL G 237 4.16 -37.94 -54.35
C VAL G 237 4.70 -37.95 -52.92
N ALA G 238 5.60 -37.02 -52.63
CA ALA G 238 6.21 -36.90 -51.31
C ALA G 238 5.13 -36.83 -50.24
N GLY G 239 3.99 -36.24 -50.59
CA GLY G 239 2.91 -36.13 -49.64
C GLY G 239 2.32 -37.48 -49.30
N GLY G 240 2.43 -38.40 -50.26
CA GLY G 240 1.90 -39.74 -50.05
C GLY G 240 2.53 -40.47 -48.87
N LEU G 241 3.84 -40.34 -48.72
CA LEU G 241 4.56 -40.99 -47.63
C LEU G 241 3.85 -40.82 -46.28
N MET G 242 3.37 -39.61 -46.01
CA MET G 242 2.69 -39.36 -44.73
C MET G 242 1.20 -39.63 -44.77
N TYR G 243 0.56 -39.35 -45.92
CA TYR G 243 -0.88 -39.53 -46.03
C TYR G 243 -1.34 -40.84 -46.67
N ALA G 244 -0.55 -41.36 -47.61
CA ALA G 244 -0.90 -42.61 -48.27
C ALA G 244 -0.53 -43.80 -47.38
N ALA G 245 -0.18 -43.52 -46.13
CA ALA G 245 0.20 -44.56 -45.19
C ALA G 245 -0.90 -45.56 -44.86
N PRO G 246 -2.12 -45.07 -44.54
CA PRO G 246 -3.26 -45.95 -44.22
C PRO G 246 -3.52 -47.08 -45.21
N LYS G 247 -3.11 -46.89 -46.46
CA LYS G 247 -3.30 -47.90 -47.50
C LYS G 247 -2.00 -48.66 -47.80
N ARG G 248 -0.96 -48.37 -47.02
CA ARG G 248 0.33 -49.03 -47.21
C ARG G 248 0.35 -50.35 -46.44
N LYS G 249 0.38 -51.45 -47.19
CA LYS G 249 0.42 -52.79 -46.61
C LYS G 249 1.64 -53.00 -45.73
N SER G 250 1.72 -54.19 -45.11
CA SER G 250 2.86 -54.54 -44.27
C SER G 250 3.88 -55.29 -45.11
N VAL G 251 5.06 -55.52 -44.54
CA VAL G 251 6.13 -56.22 -45.24
C VAL G 251 6.63 -55.33 -46.41
N VAL G 252 7.18 -54.17 -46.05
CA VAL G 252 7.69 -53.21 -47.03
C VAL G 252 9.21 -53.33 -47.24
N ALA G 253 9.61 -53.62 -48.47
CA ALA G 253 11.02 -53.76 -48.82
C ALA G 253 11.22 -53.67 -50.34
N GLN H 1 79.29 -18.44 -18.44
CA GLN H 1 80.08 -18.78 -19.65
C GLN H 1 79.95 -20.25 -20.01
N GLU H 2 79.95 -20.55 -21.32
CA GLU H 2 79.83 -21.92 -21.81
C GLU H 2 78.62 -22.61 -21.19
N GLY H 3 77.48 -21.94 -21.26
CA GLY H 3 76.26 -22.50 -20.70
C GLY H 3 75.60 -21.54 -19.73
N ASP H 4 74.58 -20.83 -20.20
CA ASP H 4 73.86 -19.88 -19.36
C ASP H 4 72.65 -20.56 -18.74
N PRO H 5 72.68 -20.78 -17.43
CA PRO H 5 71.58 -21.44 -16.70
C PRO H 5 70.22 -20.76 -16.89
N GLU H 6 70.14 -19.48 -16.58
CA GLU H 6 68.88 -18.75 -16.73
C GLU H 6 68.29 -18.93 -18.12
N ALA H 7 69.16 -19.19 -19.09
CA ALA H 7 68.73 -19.39 -20.47
C ALA H 7 68.24 -20.81 -20.65
N GLY H 8 68.87 -21.75 -19.93
CA GLY H 8 68.46 -23.13 -20.04
C GLY H 8 67.06 -23.35 -19.50
N ALA H 9 66.79 -22.77 -18.33
CA ALA H 9 65.49 -22.89 -17.68
C ALA H 9 64.35 -22.48 -18.61
N LYS H 10 64.63 -21.54 -19.51
CA LYS H 10 63.64 -21.06 -20.45
C LYS H 10 63.52 -22.08 -21.59
N ALA H 11 64.66 -22.41 -22.18
CA ALA H 11 64.70 -23.37 -23.26
C ALA H 11 64.13 -24.70 -22.80
N PHE H 12 64.36 -25.04 -21.54
CA PHE H 12 63.88 -26.30 -21.00
C PHE H 12 62.35 -26.43 -21.08
N ASN H 13 61.67 -25.31 -21.29
CA ASN H 13 60.22 -25.33 -21.38
C ASN H 13 59.73 -26.28 -22.45
N GLN H 14 60.26 -26.12 -23.66
CA GLN H 14 59.85 -26.97 -24.77
C GLN H 14 60.03 -28.46 -24.45
N CYS H 15 60.70 -28.77 -23.34
CA CYS H 15 60.91 -30.15 -22.93
C CYS H 15 59.75 -30.59 -22.05
N GLN H 16 59.17 -29.64 -21.33
CA GLN H 16 58.07 -29.92 -20.42
C GLN H 16 56.86 -30.61 -21.04
N THR H 17 56.84 -30.74 -22.36
CA THR H 17 55.71 -31.39 -23.00
C THR H 17 55.76 -32.89 -22.74
N CYS H 18 56.95 -33.38 -22.44
CA CYS H 18 57.13 -34.81 -22.16
C CYS H 18 57.80 -35.04 -20.80
N HIS H 19 58.86 -34.26 -20.52
CA HIS H 19 59.58 -34.41 -19.26
C HIS H 19 59.10 -33.52 -18.12
N VAL H 20 59.61 -33.83 -16.93
CA VAL H 20 59.29 -33.11 -15.72
C VAL H 20 60.50 -33.22 -14.79
N ILE H 21 60.60 -32.30 -13.84
CA ILE H 21 61.69 -32.35 -12.87
C ILE H 21 61.09 -32.40 -11.49
N VAL H 22 61.18 -33.56 -10.86
CA VAL H 22 60.63 -33.76 -9.53
C VAL H 22 61.66 -34.42 -8.63
N ASP H 23 62.05 -33.71 -7.56
CA ASP H 23 63.02 -34.26 -6.64
C ASP H 23 62.43 -35.48 -5.93
N ASP H 24 63.15 -36.00 -4.95
CA ASP H 24 62.68 -37.18 -4.25
C ASP H 24 61.61 -36.83 -3.23
N SER H 25 61.46 -35.54 -2.93
CA SER H 25 60.46 -35.11 -1.96
C SER H 25 59.13 -34.89 -2.67
N GLY H 26 59.12 -35.09 -3.97
CA GLY H 26 57.90 -34.93 -4.74
C GLY H 26 57.68 -33.51 -5.25
N THR H 27 58.47 -32.56 -4.76
CA THR H 27 58.36 -31.18 -5.17
C THR H 27 58.80 -30.98 -6.62
N THR H 28 57.97 -30.31 -7.41
CA THR H 28 58.26 -30.05 -8.81
C THR H 28 59.13 -28.81 -8.97
N ILE H 29 60.25 -28.98 -9.67
CA ILE H 29 61.16 -27.87 -9.93
C ILE H 29 60.86 -27.31 -11.31
N ALA H 30 60.37 -28.17 -12.19
CA ALA H 30 60.02 -27.77 -13.54
C ALA H 30 59.13 -28.84 -14.13
N GLY H 31 58.02 -28.44 -14.73
CA GLY H 31 57.11 -29.40 -15.32
C GLY H 31 55.64 -29.06 -15.24
N ARG H 32 54.84 -29.85 -15.95
CA ARG H 32 53.39 -29.68 -16.00
C ARG H 32 52.76 -31.05 -15.84
N ASN H 33 53.45 -31.94 -15.15
CA ASN H 33 52.94 -33.29 -14.93
C ASN H 33 53.00 -34.12 -16.22
N ALA H 34 54.11 -34.01 -16.95
CA ALA H 34 54.28 -34.75 -18.20
C ALA H 34 54.98 -36.08 -17.92
N LYS H 35 54.37 -37.17 -18.34
CA LYS H 35 54.96 -38.47 -18.09
C LYS H 35 55.57 -39.19 -19.29
N THR H 36 55.36 -38.63 -20.48
CA THR H 36 55.90 -39.20 -21.74
C THR H 36 57.38 -39.56 -21.64
N GLY H 37 58.17 -38.66 -21.07
CA GLY H 37 59.58 -38.87 -20.90
C GLY H 37 59.88 -39.01 -19.42
N PRO H 38 61.00 -39.66 -19.05
CA PRO H 38 61.39 -39.85 -17.66
C PRO H 38 61.78 -38.59 -16.89
N ASN H 39 61.49 -38.59 -15.60
CA ASN H 39 61.81 -37.47 -14.73
C ASN H 39 63.29 -37.16 -14.91
N LEU H 40 63.62 -35.92 -15.23
CA LEU H 40 65.01 -35.56 -15.42
C LEU H 40 65.74 -35.21 -14.13
N TYR H 41 65.02 -35.22 -13.01
CA TYR H 41 65.66 -34.91 -11.75
C TYR H 41 66.72 -35.97 -11.45
N GLY H 42 67.95 -35.52 -11.21
CA GLY H 42 69.03 -36.44 -10.91
C GLY H 42 69.63 -37.06 -12.16
N VAL H 43 69.18 -36.59 -13.32
CA VAL H 43 69.68 -37.10 -14.58
C VAL H 43 71.20 -36.97 -14.66
N VAL H 44 71.72 -35.85 -14.16
CA VAL H 44 73.16 -35.61 -14.19
C VAL H 44 73.93 -36.70 -13.46
N GLY H 45 74.70 -37.48 -14.22
CA GLY H 45 75.49 -38.54 -13.61
C GLY H 45 74.79 -39.88 -13.56
N ARG H 46 73.53 -39.90 -13.98
CA ARG H 46 72.76 -41.15 -13.96
C ARG H 46 73.12 -42.03 -15.15
N THR H 47 72.84 -43.32 -15.03
CA THR H 47 73.13 -44.25 -16.11
C THR H 47 71.96 -44.23 -17.08
N ALA H 48 72.24 -44.00 -18.36
CA ALA H 48 71.20 -43.95 -19.37
C ALA H 48 70.15 -45.04 -19.23
N GLY H 49 68.88 -44.64 -19.18
CA GLY H 49 67.79 -45.59 -19.07
C GLY H 49 67.75 -46.39 -17.78
N THR H 50 67.83 -45.70 -16.65
CA THR H 50 67.79 -46.38 -15.37
C THR H 50 66.92 -45.70 -14.33
N GLN H 51 66.19 -44.66 -14.72
CA GLN H 51 65.32 -43.96 -13.78
C GLN H 51 64.20 -44.93 -13.41
N ALA H 52 64.08 -45.19 -12.11
CA ALA H 52 63.08 -46.12 -11.58
C ALA H 52 61.66 -46.01 -12.14
N ASP H 53 60.97 -44.95 -11.77
CA ASP H 53 59.58 -44.72 -12.16
C ASP H 53 59.22 -44.73 -13.65
N PHE H 54 60.19 -44.51 -14.53
CA PHE H 54 59.92 -44.50 -15.96
C PHE H 54 59.90 -45.90 -16.55
N LYS H 55 58.77 -46.27 -17.16
CA LYS H 55 58.61 -47.60 -17.75
C LYS H 55 58.67 -47.59 -19.27
N GLY H 56 59.00 -46.44 -19.87
CA GLY H 56 59.04 -46.35 -21.32
C GLY H 56 60.40 -46.29 -22.00
N TYR H 57 61.43 -46.80 -21.35
CA TYR H 57 62.76 -46.77 -21.93
C TYR H 57 62.90 -47.73 -23.12
N GLY H 58 63.31 -47.18 -24.26
CA GLY H 58 63.47 -47.99 -25.45
C GLY H 58 64.70 -48.87 -25.38
N GLU H 59 64.70 -49.94 -26.17
CA GLU H 59 65.81 -50.89 -26.21
C GLU H 59 67.16 -50.21 -26.37
N GLY H 60 67.27 -49.32 -27.36
CA GLY H 60 68.52 -48.63 -27.57
C GLY H 60 69.03 -48.04 -26.27
N MET H 61 68.26 -47.10 -25.73
CA MET H 61 68.60 -46.40 -24.48
C MET H 61 69.03 -47.32 -23.33
N LYS H 62 68.25 -48.37 -23.08
CA LYS H 62 68.57 -49.30 -22.02
C LYS H 62 69.95 -49.91 -22.30
N GLU H 63 70.12 -50.39 -23.52
CA GLU H 63 71.38 -51.02 -23.94
C GLU H 63 72.60 -50.10 -23.78
N ALA H 64 72.52 -48.91 -24.36
CA ALA H 64 73.62 -47.95 -24.28
C ALA H 64 73.98 -47.66 -22.82
N GLY H 65 72.97 -47.62 -21.96
CA GLY H 65 73.21 -47.38 -20.56
C GLY H 65 73.92 -48.57 -19.93
N ALA H 66 73.66 -49.75 -20.48
CA ALA H 66 74.29 -50.97 -19.99
C ALA H 66 75.78 -50.88 -20.28
N LYS H 67 76.13 -50.42 -21.48
CA LYS H 67 77.53 -50.29 -21.87
C LYS H 67 78.19 -49.15 -21.11
N GLY H 68 77.62 -48.79 -19.97
CA GLY H 68 78.18 -47.73 -19.15
C GLY H 68 78.09 -46.31 -19.68
N LEU H 69 76.87 -45.79 -19.78
CA LEU H 69 76.70 -44.43 -20.26
C LEU H 69 76.21 -43.55 -19.12
N ALA H 70 77.07 -42.61 -18.72
CA ALA H 70 76.75 -41.67 -17.65
C ALA H 70 76.51 -40.32 -18.31
N TRP H 71 75.34 -39.76 -18.10
CA TRP H 71 75.02 -38.48 -18.71
C TRP H 71 75.94 -37.34 -18.29
N ASP H 72 76.92 -37.03 -19.13
CA ASP H 72 77.84 -35.93 -18.89
C ASP H 72 77.56 -34.91 -20.00
N GLU H 73 77.86 -33.64 -19.73
CA GLU H 73 77.61 -32.59 -20.71
C GLU H 73 77.96 -32.99 -22.15
N GLU H 74 79.19 -33.42 -22.37
CA GLU H 74 79.65 -33.81 -23.69
C GLU H 74 78.63 -34.62 -24.49
N HIS H 75 78.13 -35.71 -23.91
CA HIS H 75 77.15 -36.56 -24.58
C HIS H 75 75.71 -36.05 -24.55
N PHE H 76 75.35 -35.35 -23.48
CA PHE H 76 74.02 -34.78 -23.34
C PHE H 76 73.70 -33.95 -24.57
N VAL H 77 74.68 -33.12 -24.95
CA VAL H 77 74.54 -32.25 -26.10
C VAL H 77 74.51 -33.06 -27.41
N GLN H 78 75.05 -34.27 -27.38
CA GLN H 78 75.05 -35.13 -28.57
C GLN H 78 73.71 -35.83 -28.73
N TYR H 79 73.14 -36.27 -27.60
CA TYR H 79 71.87 -36.96 -27.59
C TYR H 79 70.70 -36.05 -27.96
N VAL H 80 70.67 -34.88 -27.35
CA VAL H 80 69.59 -33.93 -27.60
C VAL H 80 69.48 -33.46 -29.04
N GLN H 81 70.60 -33.40 -29.75
CA GLN H 81 70.57 -32.97 -31.14
C GLN H 81 69.95 -34.00 -32.06
N ASP H 82 70.24 -35.27 -31.80
CA ASP H 82 69.67 -36.35 -32.59
C ASP H 82 69.72 -37.64 -31.80
N PRO H 83 68.76 -37.83 -30.88
CA PRO H 83 68.66 -39.00 -30.03
C PRO H 83 69.01 -40.30 -30.75
N THR H 84 68.20 -40.66 -31.73
CA THR H 84 68.42 -41.88 -32.47
C THR H 84 69.84 -42.00 -33.02
N LYS H 85 70.30 -41.02 -33.79
CA LYS H 85 71.65 -41.10 -34.34
C LYS H 85 72.63 -41.32 -33.19
N PHE H 86 72.44 -40.56 -32.12
CA PHE H 86 73.28 -40.66 -30.94
C PHE H 86 73.38 -42.11 -30.48
N LEU H 87 72.23 -42.70 -30.16
CA LEU H 87 72.17 -44.09 -29.71
C LEU H 87 72.87 -45.04 -30.67
N LYS H 88 72.56 -44.94 -31.95
CA LYS H 88 73.20 -45.81 -32.94
C LYS H 88 74.72 -45.70 -32.87
N GLU H 89 75.25 -44.48 -32.91
CA GLU H 89 76.70 -44.30 -32.85
C GLU H 89 77.28 -44.85 -31.54
N TYR H 90 76.74 -44.40 -30.41
CA TYR H 90 77.24 -44.85 -29.11
C TYR H 90 77.07 -46.36 -28.92
N THR H 91 75.83 -46.83 -28.97
CA THR H 91 75.56 -48.26 -28.80
C THR H 91 76.32 -49.04 -29.85
N GLY H 92 76.64 -48.38 -30.95
CA GLY H 92 77.36 -49.03 -32.04
C GLY H 92 76.37 -49.65 -33.01
N ASP H 93 75.38 -50.34 -32.45
CA ASP H 93 74.33 -51.00 -33.22
C ASP H 93 73.72 -50.02 -34.23
N ALA H 94 73.63 -50.44 -35.49
CA ALA H 94 73.09 -49.60 -36.54
C ALA H 94 71.56 -49.64 -36.64
N LYS H 95 70.96 -50.74 -36.21
CA LYS H 95 69.51 -50.88 -36.26
C LYS H 95 68.88 -50.43 -34.94
N ALA H 96 69.62 -49.64 -34.17
CA ALA H 96 69.14 -49.13 -32.89
C ALA H 96 68.02 -48.12 -33.09
N LYS H 97 67.11 -48.04 -32.10
CA LYS H 97 65.99 -47.11 -32.19
C LYS H 97 65.76 -46.31 -30.91
N GLY H 98 65.47 -45.01 -31.07
CA GLY H 98 65.19 -44.16 -29.92
C GLY H 98 63.71 -43.82 -29.87
N LYS H 99 63.21 -43.41 -28.71
CA LYS H 99 61.79 -43.07 -28.59
C LYS H 99 61.53 -41.57 -28.39
N MET H 100 62.59 -40.81 -28.12
CA MET H 100 62.45 -39.36 -27.92
C MET H 100 62.23 -38.66 -29.25
N THR H 101 60.98 -38.61 -29.69
CA THR H 101 60.65 -37.98 -30.96
C THR H 101 60.85 -36.47 -30.93
N PHE H 102 62.08 -36.02 -30.71
CA PHE H 102 62.38 -34.60 -30.67
C PHE H 102 63.86 -34.32 -30.89
N LYS H 103 64.16 -33.15 -31.44
CA LYS H 103 65.54 -32.76 -31.71
C LYS H 103 65.77 -31.30 -31.40
N LEU H 104 66.83 -31.02 -30.65
CA LEU H 104 67.17 -29.65 -30.31
C LEU H 104 68.30 -29.25 -31.26
N LYS H 105 67.99 -28.37 -32.22
CA LYS H 105 68.97 -27.93 -33.22
C LYS H 105 70.18 -27.15 -32.70
N LYS H 106 69.95 -25.94 -32.19
CA LYS H 106 71.05 -25.11 -31.68
C LYS H 106 71.88 -25.83 -30.61
N GLU H 107 73.14 -26.10 -30.94
CA GLU H 107 74.05 -26.74 -30.01
C GLU H 107 74.15 -25.87 -28.76
N ALA H 108 74.10 -24.56 -28.97
CA ALA H 108 74.18 -23.60 -27.89
C ALA H 108 73.13 -23.89 -26.83
N ASP H 109 71.87 -24.05 -27.28
CA ASP H 109 70.78 -24.35 -26.36
C ASP H 109 71.17 -25.50 -25.46
N ALA H 110 71.46 -26.64 -26.07
CA ALA H 110 71.86 -27.83 -25.33
C ALA H 110 72.71 -27.46 -24.12
N HIS H 111 73.85 -26.83 -24.35
CA HIS H 111 74.74 -26.44 -23.27
C HIS H 111 74.00 -25.68 -22.16
N ASN H 112 73.28 -24.64 -22.54
CA ASN H 112 72.53 -23.84 -21.57
C ASN H 112 71.59 -24.70 -20.75
N ILE H 113 70.93 -25.66 -21.39
CA ILE H 113 70.01 -26.53 -20.67
C ILE H 113 70.75 -27.43 -19.68
N TRP H 114 71.91 -27.93 -20.09
CA TRP H 114 72.71 -28.78 -19.21
C TRP H 114 73.11 -27.99 -17.97
N ALA H 115 73.59 -26.76 -18.19
CA ALA H 115 73.98 -25.89 -17.10
C ALA H 115 72.79 -25.69 -16.16
N TYR H 116 71.60 -25.66 -16.72
CA TYR H 116 70.39 -25.50 -15.92
C TYR H 116 70.17 -26.75 -15.09
N LEU H 117 70.44 -27.90 -15.68
CA LEU H 117 70.26 -29.16 -14.99
C LEU H 117 71.19 -29.26 -13.79
N GLN H 118 72.38 -28.68 -13.92
CA GLN H 118 73.35 -28.71 -12.82
C GLN H 118 72.95 -27.81 -11.66
N GLN H 119 72.29 -26.70 -11.95
CA GLN H 119 71.87 -25.78 -10.90
C GLN H 119 70.56 -26.17 -10.21
N VAL H 120 69.77 -27.05 -10.82
CA VAL H 120 68.50 -27.44 -10.22
C VAL H 120 68.13 -28.92 -10.33
N ALA H 121 68.91 -29.70 -11.08
CA ALA H 121 68.58 -31.11 -11.22
C ALA H 121 69.66 -32.10 -10.79
N VAL H 122 70.68 -31.63 -10.08
CA VAL H 122 71.74 -32.51 -9.61
C VAL H 122 71.50 -33.04 -8.20
N ARG H 123 71.55 -34.36 -8.06
CA ARG H 123 71.33 -35.02 -6.77
C ARG H 123 72.62 -35.15 -5.98
N PRO H 124 72.77 -34.35 -4.92
CA PRO H 124 73.98 -34.38 -4.07
C PRO H 124 74.19 -35.73 -3.36
MG BCL I . -25.22 26.25 51.01
CHA BCL I . -28.23 24.69 51.93
CHB BCL I . -26.89 27.53 48.42
CHC BCL I . -22.54 28.05 50.44
CHD BCL I . -23.83 25.12 54.05
NA BCL I . -27.20 26.06 50.25
C1A BCL I . -28.32 25.37 50.76
C2A BCL I . -29.52 25.41 49.85
C3A BCL I . -29.08 26.38 48.70
C4A BCL I . -27.66 26.67 49.15
CMA BCL I . -29.12 25.58 47.41
CAA BCL I . -30.84 25.97 50.43
CBA BCL I . -32.13 25.11 50.28
CGA BCL I . -33.28 26.07 50.17
O1A BCL I . -33.15 27.18 49.68
O2A BCL I . -34.48 25.67 50.67
NB BCL I . -24.77 27.57 49.65
C1B BCL I . -25.59 27.97 48.62
C2B BCL I . -24.89 28.97 47.75
C3B BCL I . -23.64 29.13 48.33
C4B BCL I . -23.59 28.21 49.56
CMB BCL I . -25.51 29.63 46.52
CAB BCL I . -22.51 30.03 47.91
OBB BCL I . -21.38 29.74 48.17
CBB BCL I . -22.63 31.38 47.15
NC BCL I . -23.51 26.50 52.04
C1C BCL I . -22.46 27.24 51.58
C2C BCL I . -21.23 27.24 52.40
C3C BCL I . -21.72 26.36 53.61
C4C BCL I . -23.09 25.93 53.24
CMC BCL I . -20.08 26.52 51.67
CAC BCL I . -21.86 27.24 54.87
CBC BCL I . -20.41 27.72 55.32
ND BCL I . -25.87 25.11 52.70
C1D BCL I . -25.17 24.69 53.81
C2D BCL I . -26.01 23.89 54.61
C3D BCL I . -27.20 23.87 53.90
C4D BCL I . -27.09 24.62 52.74
CMD BCL I . -25.59 23.24 55.93
CAD BCL I . -28.53 23.38 53.90
OBD BCL I . -29.07 22.69 54.71
CBD BCL I . -29.29 23.89 52.65
CGD BCL I . -29.84 22.68 51.94
O1D BCL I . -29.30 21.90 51.18
O2D BCL I . -31.11 22.61 52.28
CED BCL I . -31.91 21.54 51.75
C1 BCL I . -35.56 26.71 50.55
C2 BCL I . -36.91 26.24 51.11
C3 BCL I . -37.10 25.75 52.32
C4 BCL I . -35.94 25.54 53.33
C5 BCL I . -38.52 25.36 52.76
C6 BCL I . -38.94 25.89 54.17
C7 BCL I . -39.96 27.07 53.95
C8 BCL I . -41.33 26.79 54.60
C9 BCL I . -41.96 25.62 53.78
C10 BCL I . -42.26 28.02 54.41
C11 BCL I . -41.97 29.09 55.52
C12 BCL I . -43.31 29.69 55.80
C13 BCL I . -43.06 30.75 56.89
C14 BCL I . -42.75 30.16 58.21
C15 BCL I . -44.21 31.77 57.16
C16 BCL I . -43.58 33.18 57.27
C17 BCL I . -44.50 34.14 58.03
C18 BCL I . -45.52 34.80 57.07
C19 BCL I . -44.79 35.67 56.05
C20 BCL I . -46.43 35.73 57.84
MG BCL J . -33.72 31.15 56.56
CHA BCL J . -32.38 34.34 55.90
CHB BCL J . -36.57 32.73 57.33
CHC BCL J . -35.09 28.19 56.75
CHD BCL J . -30.78 29.76 55.21
NA BCL J . -34.33 33.20 56.66
C1A BCL J . -33.64 34.38 56.36
C2A BCL J . -34.46 35.61 56.48
C3A BCL J . -35.83 35.10 57.05
C4A BCL J . -35.56 33.61 57.02
CMA BCL J . -35.97 35.66 58.45
CAA BCL J . -34.72 36.36 55.12
CBA BCL J . -36.08 36.13 54.36
CGA BCL J . -35.93 35.27 53.09
O1A BCL J . -34.89 34.83 52.64
O2A BCL J . -37.08 35.06 52.50
NB BCL J . -35.52 30.54 56.99
C1B BCL J . -36.58 31.34 57.34
C2B BCL J . -37.80 30.50 57.65
C3B BCL J . -37.38 29.19 57.46
C4B BCL J . -35.90 29.25 57.04
CMB BCL J . -39.15 31.08 58.05
CAB BCL J . -38.19 27.89 57.62
OBB BCL J . -37.81 26.88 57.13
CBB BCL J . -39.54 27.70 58.37
NC BCL J . -33.05 29.34 56.08
C1C BCL J . -33.75 28.20 56.34
C2C BCL J . -33.07 26.93 56.06
C3C BCL J . -31.75 27.47 55.44
C4C BCL J . -31.80 28.94 55.59
CMC BCL J . -32.73 26.18 57.37
CAC BCL J . -31.77 27.16 53.94
CBC BCL J . -31.74 25.57 53.84
ND BCL J . -31.89 31.88 55.70
C1D BCL J . -30.78 31.19 55.28
C2D BCL J . -29.77 32.12 54.93
C3D BCL J . -30.38 33.36 55.17
C4D BCL J . -31.66 33.18 55.64
CMD BCL J . -28.37 31.74 54.41
CAD BCL J . -30.19 34.77 55.13
OBD BCL J . -29.22 35.38 54.79
CBD BCL J . -31.47 35.51 55.58
CGD BCL J . -31.08 36.38 56.77
O1D BCL J . -31.08 37.59 56.83
O2D BCL J . -30.77 35.64 57.80
CED BCL J . -30.39 36.30 59.01
C1 BCL J . -37.30 34.29 51.24
C2 BCL J . -38.83 34.41 51.17
C3 BCL J . -39.47 35.55 50.92
C4 BCL J . -38.72 36.89 50.64
C5 BCL J . -41.01 35.60 50.97
C6 BCL J . -41.58 36.27 52.31
C7 BCL J . -41.06 35.40 53.54
C8 BCL J . -40.81 36.20 54.83
C9 BCL J . -39.66 37.21 54.50
C10 BCL J . -40.32 35.21 55.94
C11 BCL J . -40.70 35.70 57.37
C12 BCL J . -39.77 34.92 58.28
C13 BCL J . -40.15 35.38 59.72
C14 BCL J . -39.31 36.51 60.19
C15 BCL J . -40.08 34.33 60.89
C16 BCL J . -41.54 33.87 61.11
C17 BCL J . -41.76 33.38 62.55
C18 BCL J . -43.27 33.24 62.85
C19 BCL J . -43.95 34.59 62.78
C20 BCL J . -43.47 32.74 64.25
O1D BPH K . -28.56 37.11 26.76
CGD BPH K . -28.50 36.74 27.97
O2D BPH K . -28.94 35.41 28.25
CED BPH K . -29.78 34.65 27.44
CBD BPH K . -27.96 37.74 28.97
CHA BPH K . -27.38 37.00 30.22
C4D BPH K . -28.15 37.43 31.30
C3D BPH K . -29.19 38.36 30.98
CAD BPH K . -29.11 38.59 29.55
OBD BPH K . -29.81 39.32 28.87
C2D BPH K . -29.84 38.70 32.11
CMD BPH K . -31.02 39.66 32.28
C1D BPH K . -29.18 37.93 33.17
ND BPH K . -28.18 37.18 32.61
CHD BPH K . -29.53 37.95 34.54
C4C BPH K . -28.90 37.19 35.55
C3C BPH K . -29.18 37.16 37.02
CAC BPH K . -29.03 38.48 37.74
CBC BPH K . -30.21 39.20 38.31
C2C BPH K . -28.22 36.21 37.60
CMC BPH K . -28.90 35.11 38.39
C1C BPH K . -27.39 35.70 36.44
NC BPH K . -27.85 36.32 35.27
CHC BPH K . -26.36 34.76 36.56
C4B BPH K . -25.50 34.23 35.59
C3B BPH K . -24.45 33.25 35.79
CAB BPH K . -24.17 32.70 37.12
CBB BPH K . -22.82 33.07 37.71
OBB BPH K . -24.96 31.98 37.71
C2B BPH K . -23.88 33.02 34.60
CMB BPH K . -22.73 32.07 34.25
C1B BPH K . -24.57 33.84 33.63
NB BPH K . -25.57 34.59 34.25
CHB BPH K . -24.24 33.84 32.28
C4A BPH K . -24.89 34.60 31.30
C3A BPH K . -24.50 34.58 29.82
CMA BPH K . -24.83 33.16 29.26
C2A BPH K . -25.45 35.56 29.15
C1A BPH K . -26.33 36.07 30.31
NA BPH K . -25.92 35.46 31.49
CAA BPH K . -24.56 36.77 28.62
CBA BPH K . -23.67 36.32 27.44
CGA BPH K . -22.24 36.81 27.48
O1A BPH K . -21.74 37.53 28.35
O2A BPH K . -21.39 36.39 26.39
C1 BPH K . -19.99 36.84 26.41
C2 BPH K . -19.23 35.68 26.02
C3 BPH K . -19.32 34.71 25.02
C4 BPH K . -20.23 34.78 23.80
C5 BPH K . -18.42 33.50 25.19
C6 BPH K . -18.95 32.11 25.40
C7 BPH K . -17.73 31.15 25.52
C8 BPH K . -17.75 30.01 24.45
C9 BPH K . -18.78 28.95 24.89
C10 BPH K . -18.13 30.48 23.03
FE FE2 L . -45.37 35.30 32.92
CL CL M . -41.20 51.25 32.16
MG BCL N . -19.79 30.45 39.92
CHA BCL N . -21.35 27.28 40.14
CHB BCL N . -20.05 30.13 36.61
CHC BCL N . -18.75 33.54 39.73
CHD BCL N . -20.02 30.67 43.42
NA BCL N . -20.51 28.93 38.61
C1A BCL N . -21.13 27.68 38.87
C2A BCL N . -21.65 27.00 37.64
C3A BCL N . -21.04 27.87 36.46
C4A BCL N . -20.50 29.01 37.27
CMA BCL N . -19.95 27.04 35.80
CAA BCL N . -23.22 27.09 37.43
CBA BCL N . -23.88 28.53 37.57
CGA BCL N . -25.18 28.61 36.78
O1A BCL N . -26.22 28.12 37.15
O2A BCL N . -25.12 29.28 35.62
NB BCL N . -19.44 31.64 38.43
C1B BCL N . -19.56 31.33 37.10
C2B BCL N . -19.16 32.48 36.25
C3B BCL N . -18.82 33.47 37.12
C4B BCL N . -18.99 32.91 38.53
CMB BCL N . -19.18 32.51 34.73
CAB BCL N . -18.36 34.86 36.76
OBB BCL N . -17.69 35.03 35.81
CBB BCL N . -18.68 36.19 37.51
NC BCL N . -19.44 31.81 41.32
C1C BCL N . -18.90 33.04 41.02
C2C BCL N . -18.57 33.89 42.19
C3C BCL N . -19.06 32.93 43.35
C4C BCL N . -19.54 31.71 42.70
CMC BCL N . -17.06 34.09 42.30
CAC BCL N . -20.22 33.59 44.06
CBC BCL N . -19.53 34.86 44.67
ND BCL N . -20.56 29.23 41.54
C1D BCL N . -20.52 29.45 42.90
C2D BCL N . -21.05 28.32 43.55
C3D BCL N . -21.38 27.45 42.49
C4D BCL N . -21.07 28.03 41.29
CMD BCL N . -21.17 28.18 45.08
CAD BCL N . -21.92 26.19 42.16
OBD BCL N . -22.34 25.34 42.88
CBD BCL N . -21.95 25.97 40.63
CGD BCL N . -21.04 24.75 40.43
O1D BCL N . -21.35 23.63 40.12
O2D BCL N . -19.79 25.10 40.64
CED BCL N . -18.77 24.09 40.48
C1 BCL N . -26.36 29.40 34.77
C2 BCL N . -26.00 30.20 33.50
C3 BCL N . -26.10 29.68 32.26
C4 BCL N . -26.60 28.23 32.02
MG BCL O . -23.19 33.28 49.84
CHA BCL O . -22.67 35.58 47.25
CHB BCL O . -26.29 32.86 48.62
CHC BCL O . -23.49 30.91 52.05
CHD BCL O . -19.74 33.57 50.63
NA BCL O . -24.31 34.14 48.23
C1A BCL O . -23.95 35.09 47.25
C2A BCL O . -25.05 35.48 46.30
C3A BCL O . -26.26 34.55 46.74
C4A BCL O . -25.59 33.82 47.92
CMA BCL O . -27.42 35.44 47.14
CAA BCL O . -24.79 35.21 44.80
CBA BCL O . -25.72 35.80 43.72
CGA BCL O . -25.40 35.04 42.42
O1A BCL O . -25.41 33.84 42.35
O2A BCL O . -25.09 35.76 41.35
NB BCL O . -24.64 32.08 50.28
C1B BCL O . -25.89 32.06 49.70
C2B BCL O . -26.74 31.01 50.35
C3B BCL O . -25.94 30.44 51.33
C4B BCL O . -24.59 31.16 51.26
CMB BCL O . -28.19 30.71 49.93
CAB BCL O . -26.25 29.32 52.30
OBB BCL O . -25.37 28.82 52.91
CBB BCL O . -27.63 28.69 52.62
NC BCL O . -21.88 32.43 51.10
C1C BCL O . -22.23 31.51 52.02
C2C BCL O . -21.16 31.06 52.97
C3C BCL O . -19.94 31.85 52.40
C4C BCL O . -20.52 32.70 51.32
CMC BCL O . -21.45 31.54 54.39
CAC BCL O . -18.93 30.87 51.75
CBC BCL O . -18.29 29.96 52.90
ND BCL O . -21.47 34.34 49.10
C1D BCL O . -20.18 34.39 49.55
C2D BCL O . -19.46 35.32 48.80
C3D BCL O . -20.41 35.81 47.91
C4D BCL O . -21.63 35.20 48.11
CMD BCL O . -17.95 35.65 49.00
CAD BCL O . -20.64 36.70 46.86
OBD BCL O . -19.87 37.44 46.35
CBD BCL O . -22.08 36.61 46.36
CGD BCL O . -22.57 38.00 46.56
O1D BCL O . -22.98 38.56 47.56
O2D BCL O . -22.47 38.56 45.41
CED BCL O . -22.85 39.91 45.26
C1 BCL O . -24.76 35.02 40.10
C2 BCL O . -24.49 36.04 38.97
C3 BCL O . -23.34 36.61 38.69
C4 BCL O . -22.06 36.33 39.53
C5 BCL O . -23.30 37.60 37.49
C6 BCL O . -21.97 37.60 36.66
C7 BCL O . -22.22 36.78 35.34
C8 BCL O . -21.62 37.46 34.11
C9 BCL O . -22.45 38.77 33.91
C10 BCL O . -21.86 36.58 32.84
C11 BCL O . -20.74 35.49 32.67
C12 BCL O . -20.90 35.02 31.26
C13 BCL O . -19.81 33.95 31.09
C14 BCL O . -18.65 34.47 30.32
C15 BCL O . -20.21 32.61 30.37
C16 BCL O . -19.51 31.45 31.16
C17 BCL O . -20.44 30.22 31.23
C18 BCL O . -20.08 29.28 32.40
C19 BCL O . -18.69 28.70 32.21
C20 BCL O . -21.04 28.12 32.42
O1D BPH P . -48.86 31.63 49.54
CGD BPH P . -47.71 31.36 49.10
O2D BPH P . -47.04 32.42 48.44
CED BPH P . -46.59 33.58 49.03
CBD BPH P . -47.18 29.96 49.33
CHA BPH P . -45.68 30.01 49.73
C4D BPH P . -44.98 29.32 48.73
C3D BPH P . -45.80 28.81 47.69
CAD BPH P . -47.17 29.18 48.00
OBD BPH P . -48.19 28.94 47.36
C2D BPH P . -45.00 28.17 46.79
CMD BPH P . -45.39 27.46 45.49
C1D BPH P . -43.65 28.31 47.33
ND BPH P . -43.70 29.01 48.50
CHD BPH P . -42.49 27.78 46.72
C4C BPH P . -41.20 27.90 47.24
C3C BPH P . -39.92 27.36 46.68
CAC BPH P . -39.88 25.86 46.52
CBC BPH P . -39.89 25.23 45.16
C2C BPH P . -38.86 27.76 47.61
CMC BPH P . -37.73 28.52 46.92
C1C BPH P . -39.54 28.54 48.70
NC BPH P . -40.91 28.59 48.43
CHC BPH P . -38.88 29.13 49.80
C4B BPH P . -39.39 29.88 50.87
C3B BPH P . -38.66 30.48 51.97
CAB BPH P . -37.21 30.35 52.09
CBB BPH P . -36.73 29.35 53.14
OBB BPH P . -36.42 30.99 51.42
C2B BPH P . -39.55 31.11 52.75
CMB BPH P . -39.31 31.90 54.05
C1B BPH P . -40.86 30.91 52.15
NB BPH P . -40.76 30.16 51.00
CHB BPH P . -42.03 31.44 52.73
C4A BPH P . -43.34 31.27 52.21
C3A BPH P . -44.59 31.83 52.88
CMA BPH P . -44.51 33.38 52.81
C2A BPH P . -45.75 31.39 51.99
C1A BPH P . -45.04 30.61 50.84
NA BPH P . -43.69 30.59 51.07
CAA BPH P . -46.57 30.28 52.80
CBA BPH P . -47.34 30.86 54.02
CGA BPH P . -47.61 29.84 55.10
O1A BPH P . -47.27 28.64 55.06
O2A BPH P . -48.33 30.27 56.30
C1 BPH P . -48.57 29.22 57.31
C2 BPH P . -48.66 29.90 58.58
C3 BPH P . -48.14 31.04 59.18
C4 BPH P . -48.13 32.44 58.56
C5 BPH P . -47.57 30.87 60.57
C6 BPH P . -46.25 30.20 60.86
C7 BPH P . -46.05 30.26 62.41
C8 BPH P . -45.48 28.93 63.01
C9 BPH P . -46.42 27.75 62.66
C10 BPH P . -44.07 28.56 62.48
C11 BPH P . -42.99 29.25 62.56
C12 BPH P . -41.90 28.67 63.46
C13 BPH P . -40.64 28.13 62.72
C14 BPH P . -40.93 26.86 61.92
C15 BPH P . -40.01 29.21 61.82
C16 BPH P . -38.87 29.98 62.49
C17 BPH P . -37.97 30.63 61.46
C18 BPH P . -36.49 30.71 61.84
C19 BPH P . -35.63 29.88 60.91
C20 BPH P . -36.02 32.17 61.82
C1 U10 Q . -48.79 35.48 40.90
C2 U10 Q . -49.22 35.22 39.53
C3 U10 Q . -50.40 35.91 38.92
C4 U10 Q . -51.06 36.79 39.72
C5 U10 Q . -50.65 37.08 41.10
C6 U10 Q . -49.47 36.39 41.72
C1M U10 Q . -47.57 34.72 41.40
C3M U10 Q . -50.40 35.96 36.29
C4M U10 Q . -51.97 38.65 38.39
C7 U10 Q . -49.16 36.78 43.18
C8 U10 Q . -47.97 37.58 43.38
C9 U10 Q . -47.82 38.89 43.85
C10 U10 Q . -48.97 39.83 44.27
C11 U10 Q . -46.43 39.55 43.98
C12 U10 Q . -46.04 39.82 45.44
C13 U10 Q . -45.82 38.58 46.22
C14 U10 Q . -44.56 37.98 46.47
C15 U10 Q . -43.25 38.62 45.94
C16 U10 Q . -44.31 36.71 47.25
C17 U10 Q . -43.86 36.83 48.71
C18 U10 Q . -45.01 37.01 49.61
C19 U10 Q . -45.27 37.86 50.68
C20 U10 Q . -44.27 38.91 51.23
C21 U10 Q . -46.56 37.88 51.50
C22 U10 Q . -46.85 36.65 52.34
C23 U10 Q . -48.12 36.79 53.06
C24 U10 Q . -49.01 35.77 53.44
C25 U10 Q . -48.71 34.29 53.09
C26 U10 Q . -50.32 35.99 54.21
C27 U10 Q . -50.15 36.00 55.73
C28 U10 Q . -51.05 36.92 56.37
C29 U10 Q . -51.09 38.07 57.16
C30 U10 Q . -52.38 38.77 57.66
O2 U10 Q . -48.65 34.44 38.78
O3 U10 Q . -50.67 35.53 37.56
O4 U10 Q . -52.22 37.50 39.19
O5 U10 Q . -51.23 37.87 41.84
N1 LDA R . -31.38 41.40 56.89
O1 LDA R . -31.95 41.81 57.93
CM1 LDA R . -30.86 42.55 56.16
CM2 LDA R . -30.16 40.73 57.20
C1 LDA R . -32.24 40.73 55.85
C2 LDA R . -33.77 40.61 56.13
C3 LDA R . -34.46 39.87 54.92
C4 LDA R . -35.49 40.79 54.30
C5 LDA R . -36.40 40.05 53.35
C6 LDA R . -37.40 41.10 52.78
C7 LDA R . -37.88 40.58 51.41
C8 LDA R . -38.90 41.55 50.72
C9 LDA R . -38.90 41.16 49.24
C10 LDA R . -39.86 42.05 48.43
C11 LDA R . -39.75 41.57 46.97
C12 LDA R . -39.38 42.72 46.04
N1 LDA S . -14.41 35.74 37.38
O1 LDA S . -13.15 35.76 37.48
CM1 LDA S . -15.00 36.46 38.50
CM2 LDA S . -14.84 36.56 36.31
C1 LDA S . -15.06 34.39 37.46
C2 LDA S . -14.17 33.12 37.65
C3 LDA S . -15.11 31.86 37.72
C4 LDA S . -15.30 31.26 36.33
C5 LDA S . -14.70 29.87 36.20
C6 LDA S . -15.01 29.46 34.74
C7 LDA S . -13.83 28.65 34.16
C8 LDA S . -14.09 28.21 32.71
C9 LDA S . -13.07 27.13 32.47
C10 LDA S . -13.18 26.56 31.04
C11 LDA S . -11.86 25.84 30.76
C12 LDA S . -11.81 25.43 29.29
CHA HEM T . -5.86 23.60 63.03
CHB HEM T . -4.34 28.20 63.29
CHC HEM T . -8.31 29.67 61.03
CHD HEM T . -9.88 25.12 60.83
C1A HEM T . -5.10 24.73 63.31
C2A HEM T . -3.83 24.68 63.99
C3A HEM T . -3.39 25.95 64.08
C4A HEM T . -4.41 26.81 63.42
CMA HEM T . -2.11 26.48 64.71
CAA HEM T . -3.09 23.42 64.54
CBA HEM T . -3.54 23.20 66.00
CGA HEM T . -2.94 22.02 66.75
O1A HEM T . -2.10 21.25 66.24
O2A HEM T . -3.34 21.87 67.96
C1B HEM T . -5.25 29.00 62.70
C2B HEM T . -5.16 30.42 62.57
C3B HEM T . -6.26 30.84 61.94
C4B HEM T . -7.08 29.65 61.66
CMB HEM T . -3.99 31.25 63.09
CAB HEM T . -6.70 32.27 61.54
CBB HEM T . -5.70 32.98 60.55
C1C HEM T . -9.10 28.55 60.78
C2C HEM T . -10.38 28.62 60.14
C3C HEM T . -10.85 27.35 60.09
C4C HEM T . -9.81 26.51 60.69
CMC HEM T . -11.05 29.91 59.67
CAC HEM T . -12.17 26.79 59.54
CBC HEM T . -12.43 27.05 58.04
C1D HEM T . -8.93 24.33 61.38
C2D HEM T . -8.98 22.85 61.52
C3D HEM T . -7.88 22.41 62.12
C4D HEM T . -7.08 23.64 62.40
CMD HEM T . -10.21 22.02 61.00
CAD HEM T . -7.53 21.00 62.42
CBD HEM T . -6.81 20.50 61.11
CGD HEM T . -6.28 19.09 61.02
O1D HEM T . -6.38 18.28 61.96
O2D HEM T . -5.72 18.82 59.91
NA HEM T . -5.46 26.02 62.97
NB HEM T . -6.44 28.52 62.14
NC HEM T . -8.77 27.29 61.11
ND HEM T . -7.73 24.73 61.95
FE HEM T . -7.09 26.63 62.04
MG BCL U . 45.61 -36.32 -34.65
CHA BCL U . 42.55 -37.81 -33.67
CHB BCL U . 43.93 -35.07 -37.26
CHC BCL U . 48.30 -34.55 -35.24
CHD BCL U . 46.98 -37.42 -31.58
NA BCL U . 43.61 -36.51 -35.39
C1A BCL U . 42.47 -37.17 -34.86
C2A BCL U . 41.26 -37.13 -35.76
C3A BCL U . 41.73 -36.20 -36.96
C4A BCL U . 43.15 -35.92 -36.50
CMA BCL U . 41.68 -37.03 -38.20
CAA BCL U . 39.97 -36.50 -35.20
CBA BCL U . 38.70 -37.41 -35.14
CGA BCL U . 37.50 -36.52 -35.33
O1A BCL U . 37.56 -35.47 -35.96
O2A BCL U . 36.34 -36.90 -34.77
NB BCL U . 46.05 -35.02 -36.02
C1B BCL U . 45.25 -34.63 -37.06
C2B BCL U . 45.96 -33.65 -37.93
C3B BCL U . 47.21 -33.48 -37.36
C4B BCL U . 47.25 -34.39 -36.12
CMB BCL U . 45.34 -32.98 -39.17
CAB BCL U . 48.36 -32.57 -37.78
OBB BCL U . 49.45 -32.77 -37.37
CBB BCL U . 48.31 -31.32 -38.71
NC BCL U . 47.31 -36.07 -33.61
C1C BCL U . 48.38 -35.34 -34.09
C2C BCL U . 49.61 -35.35 -33.26
C3C BCL U . 49.11 -36.22 -32.05
C4C BCL U . 47.73 -36.63 -32.40
CMC BCL U . 50.77 -36.06 -33.97
CAC BCL U . 49.01 -35.36 -30.76
CBC BCL U . 50.49 -34.92 -30.34
ND BCL U . 44.94 -37.43 -32.93
C1D BCL U . 45.63 -37.83 -31.80
C2D BCL U . 44.78 -38.60 -30.99
C3D BCL U . 43.57 -38.60 -31.68
C4D BCL U . 43.69 -37.89 -32.87
CMD BCL U . 45.21 -39.22 -29.63
CAD BCL U . 42.23 -39.03 -31.65
OBD BCL U . 41.67 -39.67 -30.81
CBD BCL U . 41.48 -38.55 -32.89
CGD BCL U . 40.81 -39.75 -33.51
O1D BCL U . 41.25 -40.61 -34.24
O2D BCL U . 39.57 -39.73 -33.10
CED BCL U . 38.68 -40.76 -33.53
C1 BCL U . 35.19 -35.98 -34.99
C2 BCL U . 33.90 -36.46 -34.31
C3 BCL U . 33.79 -36.77 -33.03
C4 BCL U . 35.01 -36.68 -32.06
C5 BCL U . 32.44 -37.22 -32.46
C6 BCL U . 32.02 -36.48 -31.14
C7 BCL U . 31.06 -35.27 -31.52
C8 BCL U . 29.71 -35.39 -30.83
C9 BCL U . 29.00 -36.64 -31.45
C10 BCL U . 28.82 -34.17 -31.16
C11 BCL U . 29.02 -33.07 -30.06
C12 BCL U . 27.65 -32.61 -29.66
C13 BCL U . 27.93 -31.53 -28.59
C14 BCL U . 28.19 -32.09 -27.25
C15 BCL U . 26.81 -30.46 -28.33
C16 BCL U . 27.56 -29.10 -28.14
C17 BCL U . 26.83 -28.18 -27.15
C18 BCL U . 25.81 -27.29 -27.88
C19 BCL U . 26.54 -26.38 -28.88
C20 BCL U . 25.12 -26.41 -26.90
MG BCL V . 37.21 -31.14 -28.90
CHA BCL V . 38.67 -28.01 -29.63
CHB BCL V . 34.43 -29.44 -28.14
CHC BCL V . 35.73 -34.06 -28.65
CHD BCL V . 40.09 -32.64 -30.22
NA BCL V . 36.68 -29.07 -28.84
C1A BCL V . 37.40 -27.91 -29.17
C2A BCL V . 36.64 -26.64 -29.03
C3A BCL V . 35.25 -27.11 -28.46
C4A BCL V . 35.47 -28.60 -28.47
CMA BCL V . 35.13 -26.55 -27.06
CAA BCL V . 36.40 -25.85 -30.36
CBA BCL V . 35.01 -25.98 -31.10
CGA BCL V . 35.13 -26.70 -32.46
O1A BCL V . 36.16 -27.04 -33.00
O2A BCL V . 33.97 -26.93 -33.01
NB BCL V . 35.38 -31.67 -28.44
C1B BCL V . 34.35 -30.83 -28.11
C2B BCL V . 33.12 -31.61 -27.77
C3B BCL V . 33.48 -32.94 -27.94
C4B BCL V . 34.95 -32.96 -28.36
CMB BCL V . 31.78 -30.97 -27.38
CAB BCL V . 32.62 -34.19 -27.76
OBB BCL V . 32.96 -35.21 -28.25
CBB BCL V . 31.27 -34.31 -27.01
NC BCL V . 37.81 -32.98 -29.34
C1C BCL V . 37.07 -34.10 -29.07
C2C BCL V . 37.72 -35.41 -29.36
C3C BCL V . 39.07 -34.90 -29.97
C4C BCL V . 39.04 -33.42 -29.83
CMC BCL V . 38.00 -36.19 -28.07
CAC BCL V . 39.08 -35.20 -31.47
CBC BCL V . 39.08 -36.77 -31.60
ND BCL V . 39.06 -30.49 -29.77
C1D BCL V . 40.14 -31.23 -30.18
C2D BCL V . 41.18 -30.35 -30.55
C3D BCL V . 40.63 -29.08 -30.35
C4D BCL V . 39.34 -29.20 -29.87
CMD BCL V . 42.58 -30.80 -31.06
CAD BCL V . 40.87 -27.70 -30.42
OBD BCL V . 41.86 -27.14 -30.77
CBD BCL V . 39.63 -26.89 -30.01
CGD BCL V . 40.07 -25.95 -28.88
O1D BCL V . 40.31 -24.78 -28.95
O2D BCL V . 40.16 -26.61 -27.76
CED BCL V . 40.55 -25.87 -26.58
C1 BCL V . 33.76 -27.60 -34.34
C2 BCL V . 32.22 -27.56 -34.41
C3 BCL V . 31.55 -26.41 -34.59
C4 BCL V . 32.29 -25.04 -34.78
C5 BCL V . 30.02 -26.38 -34.58
C6 BCL V . 29.41 -25.69 -33.29
C7 BCL V . 30.02 -26.45 -32.03
C8 BCL V . 30.31 -25.56 -30.82
C9 BCL V . 31.40 -24.52 -31.26
C10 BCL V . 30.92 -26.48 -29.71
C11 BCL V . 30.58 -25.94 -28.28
C12 BCL V . 31.42 -26.81 -27.38
C13 BCL V . 31.09 -26.29 -25.96
C14 BCL V . 32.03 -25.23 -25.51
C15 BCL V . 31.07 -27.32 -24.78
C16 BCL V . 29.59 -27.38 -24.32
C17 BCL V . 29.42 -28.40 -23.19
C18 BCL V . 28.09 -28.19 -22.45
C19 BCL V . 28.09 -26.83 -21.77
C20 BCL V . 27.95 -29.20 -21.37
O1D BPH W . 42.61 -26.10 -58.79
CGD BPH W . 42.13 -26.06 -57.63
O2D BPH W . 41.04 -26.95 -57.35
CED BPH W . 40.91 -28.23 -57.86
CBD BPH W . 42.74 -25.07 -56.65
CHA BPH W . 43.30 -25.81 -55.40
C4D BPH W . 42.57 -25.32 -54.30
C3D BPH W . 41.57 -24.35 -54.64
CAD BPH W . 41.63 -24.16 -56.08
OBD BPH W . 40.96 -23.43 -56.79
C2D BPH W . 40.94 -23.97 -53.50
CMD BPH W . 39.80 -22.96 -53.33
C1D BPH W . 41.58 -24.73 -52.44
ND BPH W . 42.55 -25.53 -52.99
CHD BPH W . 41.25 -24.66 -51.07
C4C BPH W . 41.87 -25.43 -50.05
C3C BPH W . 41.61 -25.45 -48.58
CAC BPH W . 41.80 -24.12 -47.87
CBC BPH W . 40.64 -23.35 -47.32
C2C BPH W . 42.54 -26.43 -48.01
CMC BPH W . 41.82 -27.50 -47.21
C1C BPH W . 43.34 -26.99 -49.16
NC BPH W . 42.90 -26.35 -50.33
CHC BPH W . 44.35 -27.97 -49.05
C4B BPH W . 45.17 -28.58 -50.02
C3B BPH W . 46.18 -29.62 -49.82
CAB BPH W . 46.49 -30.17 -48.49
CBB BPH W . 47.86 -29.79 -47.94
OBB BPH W . 45.70 -30.88 -47.89
C2B BPH W . 46.72 -29.91 -51.03
CMB BPH W . 47.83 -30.91 -51.38
C1B BPH W . 46.04 -29.06 -52.00
NB BPH W . 45.10 -28.26 -51.38
CHB BPH W . 46.36 -29.09 -53.36
C4A BPH W . 45.73 -28.31 -54.35
C3A BPH W . 46.08 -28.35 -55.84
CMA BPH W . 45.71 -29.75 -56.41
C2A BPH W . 45.15 -27.33 -56.50
C1A BPH W . 44.32 -26.78 -55.31
NA BPH W . 44.72 -27.39 -54.14
CAA BPH W . 46.07 -26.16 -57.06
CBA BPH W . 46.91 -26.65 -58.26
CGA BPH W . 48.33 -26.13 -58.30
O1A BPH W . 48.86 -25.38 -57.46
O2A BPH W . 49.17 -26.56 -59.42
C1 BPH W . 50.54 -26.05 -59.44
C2 BPH W . 51.36 -27.20 -59.79
C3 BPH W . 51.54 -28.00 -60.91
C4 BPH W . 50.90 -27.75 -62.27
C5 BPH W . 52.44 -29.21 -60.71
C6 BPH W . 51.97 -30.61 -60.94
C7 BPH W . 53.18 -31.57 -60.65
C8 BPH W . 52.99 -32.99 -61.28
C9 BPH W . 51.96 -33.75 -60.42
C10 BPH W . 52.48 -32.97 -62.73
FE FE2 X . 25.43 -26.59 -52.37
CL CL Y . 29.81 -11.56 -53.81
MG BCL Z . 50.98 -32.50 -45.91
CHA BCL Z . 49.35 -35.59 -45.57
CHB BCL Z . 50.70 -32.96 -49.21
CHC BCL Z . 52.08 -29.48 -46.20
CHD BCL Z . 50.73 -32.11 -42.43
NA BCL Z . 50.21 -34.03 -47.17
C1A BCL Z . 49.56 -35.25 -46.85
C2A BCL Z . 49.04 -35.99 -48.03
C3A BCL Z . 49.61 -35.18 -49.23
C4A BCL Z . 50.21 -34.01 -48.49
CMA BCL Z . 50.63 -36.07 -49.88
CAA BCL Z . 47.47 -35.98 -48.25
CBA BCL Z . 46.72 -34.62 -48.00
CGA BCL Z . 45.43 -34.46 -48.81
O1A BCL Z . 44.34 -34.79 -48.41
O2A BCL Z . 45.57 -33.92 -50.02
NB BCL Z . 51.36 -31.40 -47.44
C1B BCL Z . 51.23 -31.77 -48.76
C2B BCL Z . 51.68 -30.65 -49.63
C3B BCL Z . 52.04 -29.64 -48.78
C4B BCL Z . 51.84 -30.16 -47.36
CMB BCL Z . 51.68 -30.66 -51.16
CAB BCL Z . 52.54 -28.25 -49.15
OBB BCL Z . 52.86 -28.05 -50.26
CBB BCL Z . 52.63 -26.97 -48.26
NC BCL Z . 51.35 -31.08 -44.57
C1C BCL Z . 51.91 -29.88 -44.90
C2C BCL Z . 52.23 -28.96 -43.76
C3C BCL Z . 51.64 -29.82 -42.58
C4C BCL Z . 51.24 -31.09 -43.19
CMC BCL Z . 53.75 -28.81 -43.55
CAC BCL Z . 50.34 -29.18 -42.08
CBC BCL Z . 50.81 -27.84 -41.44
ND BCL Z . 50.20 -33.63 -44.25
C1D BCL Z . 50.25 -33.37 -42.92
C2D BCL Z . 49.71 -34.48 -42.22
C3D BCL Z . 49.36 -35.36 -43.24
C4D BCL Z . 49.66 -34.81 -44.46
CMD BCL Z . 49.61 -34.60 -40.69
CAD BCL Z . 48.77 -36.61 -43.51
OBD BCL Z . 48.36 -37.43 -42.74
CBD BCL Z . 48.72 -36.89 -45.03
CGD BCL Z . 49.62 -38.13 -45.17
O1D BCL Z . 49.31 -39.30 -45.18
O2D BCL Z . 50.88 -37.74 -45.27
CED BCL Z . 51.91 -38.73 -45.42
C1 BCL Z . 44.38 -33.70 -50.91
C2 BCL Z . 44.92 -33.06 -52.20
C3 BCL Z . 44.50 -33.36 -53.43
C4 BCL Z . 43.38 -34.41 -53.70
MG BCL AA . 47.75 -29.41 -35.89
CHA BCL AA . 48.25 -27.14 -38.52
CHB BCL AA . 44.62 -29.77 -37.01
CHC BCL AA . 47.45 -31.73 -33.61
CHD BCL AA . 51.22 -29.18 -35.22
NA BCL AA . 46.61 -28.55 -37.48
C1A BCL AA . 46.97 -27.62 -38.48
C2A BCL AA . 45.84 -27.27 -39.44
C3A BCL AA . 44.64 -28.15 -38.94
C4A BCL AA . 45.32 -28.86 -37.76
CMA BCL AA . 43.50 -27.23 -38.54
CAA BCL AA . 46.08 -27.61 -40.94
CBA BCL AA . 45.39 -26.75 -42.06
CGA BCL AA . 45.49 -27.50 -43.40
O1A BCL AA . 45.21 -28.67 -43.54
O2A BCL AA . 45.90 -26.80 -44.45
NB BCL AA . 46.29 -30.56 -35.37
C1B BCL AA . 45.02 -30.55 -35.92
C2B BCL AA . 44.15 -31.54 -35.21
C3B BCL AA . 44.95 -32.13 -34.24
C4B BCL AA . 46.33 -31.46 -34.37
CMB BCL AA . 42.68 -31.82 -35.57
CAB BCL AA . 44.61 -33.20 -33.23
OBB BCL AA . 45.42 -33.56 -32.44
CBB BCL AA . 43.27 -33.99 -33.07
NC BCL AA . 49.10 -30.27 -34.66
C1C BCL AA . 48.74 -31.19 -33.70
C2C BCL AA . 49.85 -31.66 -32.80
C3C BCL AA . 51.06 -30.87 -33.40
C4C BCL AA . 50.46 -30.03 -34.48
CMC BCL AA . 49.61 -31.16 -31.36
CAC BCL AA . 52.06 -31.87 -34.04
CBC BCL AA . 52.70 -32.76 -32.87
ND BCL AA . 49.47 -28.39 -36.70
C1D BCL AA . 50.77 -28.36 -36.27
C2D BCL AA . 51.49 -27.43 -37.04
C3D BCL AA . 50.52 -26.93 -37.92
C4D BCL AA . 49.31 -27.54 -37.69
CMD BCL AA . 53.00 -27.10 -36.88
CAD BCL AA . 50.29 -26.03 -38.96
OBD BCL AA . 51.05 -25.30 -39.49
CBD BCL AA . 48.82 -26.11 -39.44
CGD BCL AA . 48.20 -24.75 -39.19
O1D BCL AA . 48.36 -23.93 -38.29
O2D BCL AA . 47.36 -24.60 -40.16
CED BCL AA . 46.57 -23.43 -40.25
C1 BCL AA . 46.01 -27.51 -45.76
C2 BCL AA . 46.44 -26.50 -46.83
C3 BCL AA . 47.67 -26.07 -47.05
C4 BCL AA . 48.86 -26.56 -46.18
C5 BCL AA . 47.90 -25.04 -48.18
C6 BCL AA . 49.18 -25.28 -49.05
C7 BCL AA . 48.71 -26.08 -50.32
C8 BCL AA . 49.34 -25.55 -51.62
C9 BCL AA . 48.75 -24.11 -51.83
C10 BCL AA . 48.86 -26.43 -52.80
C11 BCL AA . 49.88 -27.58 -53.05
C12 BCL AA . 49.71 -27.93 -54.49
C13 BCL AA . 50.73 -29.06 -54.69
C14 BCL AA . 51.89 -28.62 -55.52
C15 BCL AA . 50.22 -30.39 -55.36
C16 BCL AA . 51.14 -31.53 -54.82
C17 BCL AA . 50.40 -32.87 -54.81
C18 BCL AA . 50.81 -33.70 -53.57
C19 BCL AA . 52.30 -34.02 -53.63
C20 BCL AA . 50.07 -35.01 -53.57
O1D BPH BA . 22.15 -30.22 -35.38
CGD BPH BA . 23.13 -30.54 -36.08
O2D BPH BA . 23.63 -29.55 -36.97
CED BPH BA . 24.35 -28.43 -36.58
CBD BPH BA . 23.67 -31.94 -35.89
CHA BPH BA . 25.18 -31.94 -35.53
C4D BPH BA . 25.82 -32.67 -36.55
C3D BPH BA . 24.94 -33.13 -37.58
CAD BPH BA . 23.60 -32.71 -37.23
OBD BPH BA . 22.55 -32.89 -37.84
C2D BPH BA . 25.68 -33.78 -38.51
CMD BPH BA . 25.19 -34.46 -39.79
C1D BPH BA . 27.05 -33.73 -38.02
ND BPH BA . 27.08 -33.03 -36.83
CHD BPH BA . 28.17 -34.32 -38.67
C4C BPH BA . 29.49 -34.28 -38.20
C3C BPH BA . 30.72 -34.89 -38.80
CAC BPH BA . 30.67 -36.40 -38.95
CBC BPH BA . 30.58 -37.05 -40.28
C2C BPH BA . 31.83 -34.55 -37.90
CMC BPH BA . 32.99 -33.87 -38.61
C1C BPH BA . 31.24 -33.74 -36.77
NC BPH BA . 29.85 -33.62 -37.01
CHC BPH BA . 31.94 -33.19 -35.70
C4B BPH BA . 31.50 -32.41 -34.63
C3B BPH BA . 32.29 -31.84 -33.54
CAB BPH BA . 33.74 -32.09 -33.47
CBB BPH BA . 34.17 -33.05 -32.39
OBB BPH BA . 34.54 -31.54 -34.23
C2B BPH BA . 31.45 -31.15 -32.73
CMB BPH BA . 31.78 -30.38 -31.44
C1B BPH BA . 30.13 -31.28 -33.30
NB BPH BA . 30.15 -32.05 -34.46
CHB BPH BA . 28.99 -30.68 -32.68
C4A BPH BA . 27.67 -30.78 -33.15
C3A BPH BA . 26.47 -30.14 -32.44
CMA BPH BA . 26.61 -28.61 -32.52
C2A BPH BA . 25.25 -30.54 -33.28
C1A BPH BA . 25.87 -31.36 -34.45
NA BPH BA . 27.24 -31.44 -34.27
CAA BPH BA . 24.40 -31.58 -32.43
CBA BPH BA . 23.69 -30.94 -31.20
CGA BPH BA . 23.34 -31.96 -30.11
O1A BPH BA . 23.62 -33.16 -30.14
O2A BPH BA . 22.65 -31.48 -28.92
C1 BPH BA . 22.37 -32.52 -27.90
C2 BPH BA . 22.28 -31.85 -26.63
C3 BPH BA . 22.81 -30.72 -26.05
C4 BPH BA . 22.77 -29.32 -26.65
C5 BPH BA . 23.48 -30.89 -24.69
C6 BPH BA . 24.79 -31.61 -24.47
C7 BPH BA . 25.09 -31.52 -22.94
C8 BPH BA . 25.61 -32.85 -22.32
C9 BPH BA . 24.62 -33.98 -22.63
C10 BPH BA . 27.01 -33.27 -22.84
C11 BPH BA . 28.11 -32.61 -22.79
C12 BPH BA . 29.17 -33.17 -21.83
C13 BPH BA . 30.46 -33.73 -22.50
C14 BPH BA . 30.20 -35.04 -23.25
C15 BPH BA . 31.09 -32.68 -23.44
C16 BPH BA . 32.29 -31.97 -22.83
C17 BPH BA . 33.07 -31.19 -23.88
C18 BPH BA . 34.59 -31.28 -23.76
C19 BPH BA . 35.16 -32.35 -24.68
C20 BPH BA . 35.21 -29.93 -24.08
C1 U10 CA . 22.05 -26.02 -44.25
C2 U10 CA . 21.59 -26.28 -45.63
C3 U10 CA . 20.43 -25.56 -46.22
C4 U10 CA . 19.80 -24.63 -45.42
C5 U10 CA . 20.23 -24.34 -44.03
C6 U10 CA . 21.41 -25.07 -43.44
C1M U10 CA . 23.26 -26.82 -43.76
C3M U10 CA . 20.60 -25.74 -48.85
C4M U10 CA . 18.78 -23.12 -47.11
C7 U10 CA . 21.76 -24.67 -41.98
C8 U10 CA . 23.07 -24.07 -41.78
C9 U10 CA . 23.47 -22.73 -41.61
C10 U10 CA . 22.53 -21.52 -41.58
C11 U10 CA . 24.95 -22.35 -41.41
C12 U10 CA . 25.28 -22.08 -39.94
C13 U10 CA . 25.41 -23.34 -39.16
C14 U10 CA . 26.62 -24.02 -38.86
C15 U10 CA . 27.98 -23.45 -39.37
C16 U10 CA . 26.76 -25.28 -38.07
C17 U10 CA . 27.13 -25.20 -36.59
C18 U10 CA . 25.94 -25.02 -35.75
C19 U10 CA . 25.64 -24.17 -34.70
C20 U10 CA . 26.62 -23.11 -34.13
C21 U10 CA . 24.31 -24.13 -33.93
C22 U10 CA . 24.18 -25.02 -32.71
C23 U10 CA . 22.85 -24.83 -32.11
C24 U10 CA . 21.96 -25.82 -31.62
C25 U10 CA . 22.33 -27.31 -31.67
C26 U10 CA . 20.60 -25.52 -31.00
C27 U10 CA . 20.59 -25.52 -29.47
C28 U10 CA . 20.08 -24.29 -28.92
C29 U10 CA . 20.46 -23.04 -28.47
C30 U10 CA . 19.49 -21.95 -27.93
O2 U10 CA . 22.11 -27.09 -46.38
O3 U10 CA . 20.13 -25.96 -47.57
O4 U10 CA . 18.63 -23.89 -45.93
O5 U10 CA . 19.69 -23.52 -43.29
N1 LDA DA . 40.11 -21.01 -28.86
O1 LDA DA . 39.66 -20.53 -27.78
CM1 LDA DA . 40.64 -19.92 -29.67
CM2 LDA DA . 41.32 -21.74 -28.64
C1 LDA DA . 39.13 -21.66 -29.80
C2 LDA DA . 37.61 -21.67 -29.38
C3 LDA DA . 36.78 -22.42 -30.50
C4 LDA DA . 35.86 -21.43 -31.20
C5 LDA DA . 34.96 -22.10 -32.24
C6 LDA DA . 34.10 -20.93 -32.82
C7 LDA DA . 33.59 -21.34 -34.23
C8 LDA DA . 32.71 -20.24 -34.89
C9 LDA DA . 32.42 -20.80 -36.29
C10 LDA DA . 31.54 -19.82 -37.09
C11 LDA DA . 31.80 -20.12 -38.58
C12 LDA DA . 31.13 -19.07 -39.45
N1 LDA EA . 56.75 -27.29 -48.18
O1 LDA EA . 57.93 -27.43 -47.79
CM1 LDA EA . 56.02 -26.44 -47.25
CM2 LDA EA . 56.69 -26.50 -49.37
C1 LDA EA . 55.95 -28.57 -48.23
C2 LDA EA . 56.75 -29.86 -47.81
C3 LDA EA . 55.82 -31.10 -47.92
C4 LDA EA . 55.91 -31.61 -49.33
C5 LDA EA . 55.82 -33.12 -49.43
C6 LDA EA . 55.89 -33.37 -50.96
C7 LDA EA . 56.71 -34.63 -51.29
C8 LDA EA . 56.75 -34.82 -52.82
C9 LDA EA . 57.53 -36.10 -53.03
C10 LDA EA . 57.66 -36.39 -54.54
C11 LDA EA . 58.44 -37.70 -54.72
C12 LDA EA . 58.61 -37.97 -56.22
CHA HEM FA . 64.90 -39.43 -22.70
CHB HEM FA . 66.55 -34.88 -22.55
CHC HEM FA . 62.56 -33.33 -24.73
CHD HEM FA . 60.90 -37.84 -24.83
C1A HEM FA . 65.70 -38.32 -22.45
C2A HEM FA . 66.98 -38.40 -21.81
C3A HEM FA . 67.46 -37.15 -21.75
C4A HEM FA . 66.45 -36.27 -22.39
CMA HEM FA . 68.79 -36.66 -21.17
CAA HEM FA . 67.68 -39.67 -21.27
CBA HEM FA . 67.29 -39.85 -19.80
CGA HEM FA . 67.89 -41.05 -19.09
O1A HEM FA . 68.66 -41.86 -19.67
O2A HEM FA . 67.55 -41.17 -17.87
C1B HEM FA . 65.65 -34.05 -23.12
C2B HEM FA . 65.77 -32.65 -23.28
C3B HEM FA . 64.66 -32.21 -23.89
C4B HEM FA . 63.81 -33.38 -24.13
CMB HEM FA . 66.98 -31.85 -22.81
CAB HEM FA . 64.26 -30.79 -24.30
CBB HEM FA . 65.28 -30.09 -25.31
C1C HEM FA . 61.75 -34.43 -24.95
C2C HEM FA . 60.45 -34.36 -25.55
C3C HEM FA . 59.97 -35.62 -25.57
C4C HEM FA . 60.99 -36.47 -24.99
CMC HEM FA . 59.79 -33.07 -26.04
CAC HEM FA . 58.64 -36.17 -26.08
CBC HEM FA . 58.44 -36.08 -27.61
C1D HEM FA . 61.82 -38.65 -24.28
C2D HEM FA . 61.73 -40.13 -24.12
C3D HEM FA . 62.84 -40.58 -23.54
C4D HEM FA . 63.67 -39.38 -23.30
CMD HEM FA . 60.48 -40.92 -24.61
CAD HEM FA . 63.16 -42.01 -23.22
CBD HEM FA . 63.86 -42.59 -24.52
CGD HEM FA . 64.33 -44.03 -24.55
O1D HEM FA . 64.24 -44.83 -23.61
O2D HEM FA . 64.87 -44.37 -25.67
NA HEM FA . 65.37 -37.03 -22.80
NB HEM FA . 64.43 -34.51 -23.66
NC HEM FA . 62.06 -35.70 -24.60
ND HEM FA . 63.05 -38.27 -23.75
FE HEM FA . 63.73 -36.37 -23.71
#